data_8XC1
#
_entry.id   8XC1
#
_cell.length_a   1.00
_cell.length_b   1.00
_cell.length_c   1.00
_cell.angle_alpha   90.00
_cell.angle_beta   90.00
_cell.angle_gamma   90.00
#
_symmetry.space_group_name_H-M   'P 1'
#
loop_
_entity.id
_entity.type
_entity.pdbx_description
1 polymer 'Systemic RNA interference defective protein 1'
2 polymer 'RNA (50-MER)'
3 polymer 'RNA (50-MER)'
4 branched 2-acetamido-2-deoxy-beta-D-glucopyranose-(1-4)-2-acetamido-2-deoxy-beta-D-glucopyranose
5 non-polymer 'ZINC ION'
6 non-polymer CHOLESTEROL
7 non-polymer '(2S)-3-(hexadecanoyloxy)-2-[(9Z)-octadec-9-enoyloxy]propyl 2-(trimethylammonio)ethyl phosphate'
8 non-polymer 2-acetamido-2-deoxy-beta-D-glucopyranose
#
loop_
_entity_poly.entity_id
_entity_poly.type
_entity_poly.pdbx_seq_one_letter_code
_entity_poly.pdbx_strand_id
1 'polypeptide(L)'
;MIRVYLIILMHLVIGLTHHHHHHVEDYKDDDDKQNNSTTPSPIITSSNSSVLVFEISSKMKMIEKKLEANTVHVLRLELD
QSFILDLTKVAAEIVDSSKYSKEDGVILEVTVSNGRDSFLLKLPTVYPNLKLYTDGKLLNPLVEQDFGAHRKRHRIGDPH
FHQNLIVTVQSRLNADIDYRLHVTHLDRAQYDFLKFKTGQTTKTLSNQKLTFVKPIGFFLNCSEQNISQFHVTLYSEDDI
CANLITVPANESIYDRSVISDKTHNRRVLSFTKRADIFFTETEISMFKSFRIFVFIAPDDSGCSTNTSRKSFNEKKKISF
EFKKLENQSYAVPTALMMIFLTTPCLLFLPIVINIIKNSRKLAPSQSNLISFSPVPSEQRDMDLSHDEQQNTSSELENNG
EIPAAENQIVEEITAENQETSVEEGNREIQVKIPLKQDSLSLHGQMLQYPVAIILPVLMHTAIEFHKWTTSTMANRDEMC
FHNHACARPLGELRAWNNIITNIGYTLYGAIFIVLSICRRGRHEYSHVFGTYECTLLDVTIGVFMVLQSIASATYHICPS
DVAFQFDTPCIQVICGLLMVRQWFVRHESPSPAYTNILLVGVVSLNFLISAFSKTSYVRFIIAVIHVIVVGSICLAKERS
LGSEKLKTRFFIMAFSMGNFAAIVMYLTLSAFHLNQIATYCFIINCIMYLMYYGCMKVLHSERITSKAKLCGALSLLAWA
VAGFFFFQDDTDWTRSAAASRALNKPCLLLGFFGSHDLWHIFGALAGLFTFIFVSFVDDDLINTRKTSINIF
;
A,B
2 'polyribonucleotide' GGCCGGGGGACGGGCUGGGAUGACAGAAGUCGCUUGGUGCAGAUCGGGAC C,E
3 'polyribonucleotide' GUCCCGAUCUGCACCAAGCGACUUCUGUCAUCCCAGCCCGUCCCCCGGCC D,F
#
# COMPACT_ATOMS: atom_id res chain seq x y z
N ASN A 48 -18.94 -13.75 -55.65
CA ASN A 48 -19.10 -13.90 -54.21
C ASN A 48 -19.10 -12.54 -53.51
N SER A 49 -19.34 -12.54 -52.20
CA SER A 49 -19.46 -11.29 -51.45
C SER A 49 -18.58 -11.30 -50.20
N SER A 50 -17.97 -12.46 -49.91
CA SER A 50 -17.06 -12.63 -48.78
C SER A 50 -17.78 -12.57 -47.44
N VAL A 51 -19.10 -12.33 -47.46
CA VAL A 51 -19.91 -12.30 -46.25
C VAL A 51 -21.05 -13.30 -46.44
N LEU A 52 -21.14 -14.27 -45.54
CA LEU A 52 -22.15 -15.32 -45.62
C LEU A 52 -23.05 -15.24 -44.39
N VAL A 53 -24.35 -15.14 -44.62
CA VAL A 53 -25.33 -14.99 -43.56
C VAL A 53 -26.07 -16.31 -43.35
N PHE A 54 -26.07 -16.81 -42.12
CA PHE A 54 -26.69 -18.08 -41.80
C PHE A 54 -27.77 -17.86 -40.75
N GLU A 55 -28.95 -18.44 -40.99
CA GLU A 55 -30.05 -18.44 -40.04
C GLU A 55 -30.00 -19.72 -39.24
N ILE A 56 -29.81 -19.59 -37.93
CA ILE A 56 -29.70 -20.74 -37.03
C ILE A 56 -30.96 -20.81 -36.18
N SER A 57 -31.41 -22.03 -35.91
CA SER A 57 -32.60 -22.22 -35.09
C SER A 57 -32.26 -22.16 -33.62
N SER A 58 -33.30 -22.04 -32.79
CA SER A 58 -33.11 -22.04 -31.34
C SER A 58 -32.74 -23.42 -30.83
N LYS A 59 -33.12 -24.48 -31.54
CA LYS A 59 -32.79 -25.83 -31.11
C LYS A 59 -31.31 -26.15 -31.34
N MET A 60 -30.64 -25.36 -32.17
CA MET A 60 -29.24 -25.64 -32.47
C MET A 60 -28.35 -25.29 -31.29
N LYS A 61 -27.75 -26.31 -30.67
CA LYS A 61 -26.81 -26.12 -29.59
C LYS A 61 -25.36 -26.21 -30.05
N MET A 62 -25.08 -27.03 -31.06
CA MET A 62 -23.73 -27.20 -31.60
C MET A 62 -23.76 -26.84 -33.07
N ILE A 63 -22.84 -25.99 -33.50
CA ILE A 63 -22.73 -25.58 -34.89
C ILE A 63 -21.32 -25.87 -35.36
N GLU A 64 -21.19 -26.64 -36.44
CA GLU A 64 -19.91 -26.94 -37.06
C GLU A 64 -19.89 -26.35 -38.46
N LYS A 65 -18.88 -25.52 -38.75
CA LYS A 65 -18.78 -24.88 -40.04
C LYS A 65 -17.31 -24.72 -40.40
N LYS A 66 -17.07 -24.53 -41.70
CA LYS A 66 -15.73 -24.27 -42.22
C LYS A 66 -15.65 -22.83 -42.70
N LEU A 67 -14.68 -22.09 -42.18
CA LEU A 67 -14.46 -20.70 -42.55
C LEU A 67 -13.46 -20.69 -43.70
N GLU A 68 -13.95 -20.47 -44.92
CA GLU A 68 -13.07 -20.37 -46.06
C GLU A 68 -12.19 -19.13 -45.94
N ALA A 69 -11.05 -19.16 -46.64
CA ALA A 69 -10.07 -18.08 -46.52
C ALA A 69 -10.67 -16.75 -46.94
N ASN A 70 -10.43 -15.72 -46.12
CA ASN A 70 -10.87 -14.36 -46.40
C ASN A 70 -12.39 -14.26 -46.55
N THR A 71 -13.12 -15.01 -45.73
CA THR A 71 -14.58 -14.94 -45.70
C THR A 71 -15.03 -14.69 -44.27
N VAL A 72 -16.24 -14.15 -44.14
CA VAL A 72 -16.82 -13.79 -42.86
C VAL A 72 -18.15 -14.51 -42.73
N HIS A 73 -18.39 -15.11 -41.57
CA HIS A 73 -19.64 -15.80 -41.28
C HIS A 73 -20.47 -14.97 -40.31
N VAL A 74 -21.71 -14.70 -40.68
CA VAL A 74 -22.67 -14.03 -39.81
C VAL A 74 -23.79 -15.02 -39.52
N LEU A 75 -24.01 -15.31 -38.24
CA LEU A 75 -25.04 -16.23 -37.80
C LEU A 75 -26.08 -15.46 -36.98
N ARG A 76 -27.34 -15.68 -37.29
CA ARG A 76 -28.44 -14.94 -36.67
C ARG A 76 -29.44 -15.90 -36.05
N LEU A 77 -29.80 -15.62 -34.80
CA LEU A 77 -30.86 -16.35 -34.10
C LEU A 77 -31.89 -15.35 -33.59
N GLU A 78 -33.14 -15.57 -33.96
CA GLU A 78 -34.21 -14.68 -33.52
C GLU A 78 -34.61 -15.00 -32.08
N LEU A 79 -34.65 -13.97 -31.25
CA LEU A 79 -35.00 -14.11 -29.84
C LEU A 79 -36.42 -13.59 -29.64
N ASP A 80 -37.34 -14.50 -29.34
CA ASP A 80 -38.71 -14.12 -29.05
C ASP A 80 -38.84 -13.82 -27.55
N GLN A 81 -40.07 -13.66 -27.07
CA GLN A 81 -40.31 -13.28 -25.69
C GLN A 81 -39.85 -14.34 -24.70
N SER A 82 -39.72 -15.60 -25.12
CA SER A 82 -39.31 -16.67 -24.21
C SER A 82 -37.87 -16.54 -23.74
N PHE A 83 -37.09 -15.64 -24.33
CA PHE A 83 -35.69 -15.46 -23.96
C PHE A 83 -35.50 -14.38 -22.91
N ILE A 84 -36.57 -13.93 -22.26
CA ILE A 84 -36.47 -12.91 -21.23
C ILE A 84 -35.73 -13.49 -20.01
N LEU A 85 -34.71 -12.76 -19.56
CA LEU A 85 -33.94 -13.13 -18.36
C LEU A 85 -33.29 -14.51 -18.50
N ASP A 86 -32.94 -14.86 -19.73
CA ASP A 86 -32.23 -16.10 -20.03
C ASP A 86 -30.76 -15.77 -20.22
N LEU A 87 -29.90 -16.35 -19.39
CA LEU A 87 -28.47 -16.09 -19.46
C LEU A 87 -27.85 -16.96 -20.54
N THR A 88 -27.34 -16.33 -21.60
CA THR A 88 -26.87 -17.02 -22.79
C THR A 88 -25.35 -17.12 -22.78
N LYS A 89 -24.83 -18.32 -23.03
CA LYS A 89 -23.40 -18.56 -23.12
C LYS A 89 -23.05 -19.02 -24.53
N VAL A 90 -22.02 -18.41 -25.11
CA VAL A 90 -21.54 -18.79 -26.43
C VAL A 90 -20.06 -19.13 -26.32
N ALA A 91 -19.68 -20.30 -26.83
CA ALA A 91 -18.31 -20.76 -26.80
C ALA A 91 -17.86 -21.11 -28.21
N ALA A 92 -16.59 -20.85 -28.50
CA ALA A 92 -16.00 -21.13 -29.79
C ALA A 92 -14.79 -22.04 -29.62
N GLU A 93 -14.65 -23.00 -30.53
CA GLU A 93 -13.56 -23.96 -30.49
C GLU A 93 -12.98 -24.11 -31.88
N ILE A 94 -11.65 -24.22 -31.95
CA ILE A 94 -10.94 -24.41 -33.21
C ILE A 94 -10.71 -25.90 -33.41
N VAL A 95 -11.20 -26.43 -34.53
CA VAL A 95 -11.04 -27.84 -34.85
C VAL A 95 -9.64 -28.07 -35.41
N ASP A 96 -9.00 -29.14 -34.95
CA ASP A 96 -7.64 -29.52 -35.36
C ASP A 96 -6.65 -28.38 -35.06
N SER A 97 -6.52 -28.07 -33.77
CA SER A 97 -5.65 -26.99 -33.33
C SER A 97 -4.18 -27.29 -33.55
N SER A 98 -3.82 -28.54 -33.84
CA SER A 98 -2.41 -28.88 -34.03
C SER A 98 -1.85 -28.29 -35.32
N LYS A 99 -2.72 -27.92 -36.27
CA LYS A 99 -2.27 -27.34 -37.52
C LYS A 99 -1.84 -25.88 -37.38
N TYR A 100 -2.04 -25.27 -36.22
CA TYR A 100 -1.77 -23.85 -36.01
C TYR A 100 -0.77 -23.62 -34.89
N SER A 101 0.10 -24.60 -34.64
CA SER A 101 1.10 -24.47 -33.58
C SER A 101 2.22 -23.51 -33.95
N LYS A 102 2.46 -23.29 -35.24
CA LYS A 102 3.50 -22.38 -35.70
C LYS A 102 2.97 -20.96 -35.92
N GLU A 103 1.70 -20.71 -35.64
CA GLU A 103 1.09 -19.42 -35.83
C GLU A 103 1.06 -18.66 -34.52
N ASP A 104 1.48 -17.40 -34.55
CA ASP A 104 1.44 -16.54 -33.38
C ASP A 104 0.26 -15.57 -33.47
N GLY A 105 -0.21 -15.14 -32.30
CA GLY A 105 -1.33 -14.24 -32.25
C GLY A 105 -2.67 -14.94 -32.37
N VAL A 106 -3.71 -14.15 -32.57
CA VAL A 106 -5.07 -14.65 -32.62
C VAL A 106 -5.34 -15.24 -34.00
N ILE A 107 -5.94 -16.42 -34.02
CA ILE A 107 -6.18 -17.16 -35.25
C ILE A 107 -7.65 -17.02 -35.66
N LEU A 108 -8.54 -16.92 -34.67
CA LEU A 108 -9.96 -16.81 -34.91
C LEU A 108 -10.56 -15.76 -33.99
N GLU A 109 -11.42 -14.91 -34.55
CA GLU A 109 -12.13 -13.88 -33.79
C GLU A 109 -13.63 -14.13 -33.87
N VAL A 110 -14.30 -14.08 -32.73
CA VAL A 110 -15.75 -14.25 -32.65
C VAL A 110 -16.33 -13.07 -31.89
N THR A 111 -17.38 -12.48 -32.43
CA THR A 111 -18.14 -11.44 -31.76
C THR A 111 -19.56 -11.92 -31.55
N VAL A 112 -20.10 -11.69 -30.35
CA VAL A 112 -21.45 -12.10 -29.99
C VAL A 112 -22.17 -10.87 -29.43
N SER A 113 -23.44 -10.71 -29.78
CA SER A 113 -24.22 -9.57 -29.34
C SER A 113 -25.70 -9.87 -29.46
N ASN A 114 -26.48 -9.46 -28.47
CA ASN A 114 -27.93 -9.56 -28.50
C ASN A 114 -28.61 -8.20 -28.54
N GLY A 115 -27.88 -7.15 -28.87
CA GLY A 115 -28.45 -5.81 -28.92
C GLY A 115 -28.26 -5.04 -27.63
N ARG A 116 -28.44 -5.72 -26.50
CA ARG A 116 -28.24 -5.10 -25.20
C ARG A 116 -26.82 -5.27 -24.67
N ASP A 117 -26.19 -6.41 -24.94
CA ASP A 117 -24.85 -6.69 -24.47
C ASP A 117 -24.06 -7.37 -25.58
N SER A 118 -22.73 -7.37 -25.42
CA SER A 118 -21.86 -7.97 -26.43
C SER A 118 -20.53 -8.35 -25.78
N PHE A 119 -19.80 -9.24 -26.45
CA PHE A 119 -18.44 -9.56 -26.04
C PHE A 119 -17.66 -10.09 -27.25
N LEU A 120 -16.37 -10.28 -27.05
CA LEU A 120 -15.46 -10.74 -28.10
C LEU A 120 -14.74 -11.99 -27.64
N LEU A 121 -14.64 -12.97 -28.54
CA LEU A 121 -13.85 -14.18 -28.31
C LEU A 121 -12.66 -14.17 -29.26
N LYS A 122 -11.46 -14.28 -28.72
CA LYS A 122 -10.23 -14.30 -29.49
C LYS A 122 -9.49 -15.59 -29.19
N LEU A 123 -9.31 -16.43 -30.21
CA LEU A 123 -8.68 -17.72 -30.01
C LEU A 123 -7.36 -17.80 -30.74
N PRO A 124 -6.34 -18.46 -30.16
CA PRO A 124 -6.32 -19.11 -28.83
C PRO A 124 -6.15 -18.11 -27.69
N THR A 125 -6.66 -18.45 -26.51
CA THR A 125 -6.44 -17.64 -25.32
C THR A 125 -5.15 -18.07 -24.64
N VAL A 126 -4.33 -17.10 -24.26
CA VAL A 126 -3.01 -17.37 -23.71
C VAL A 126 -3.04 -17.14 -22.20
N TYR A 127 -2.74 -18.20 -21.45
CA TYR A 127 -2.54 -18.12 -20.02
C TYR A 127 -1.09 -18.47 -19.72
N PRO A 128 -0.60 -18.10 -18.54
CA PRO A 128 0.83 -18.32 -18.25
C PRO A 128 1.31 -19.76 -18.43
N ASN A 129 0.46 -20.74 -18.14
CA ASN A 129 0.88 -22.14 -18.19
C ASN A 129 0.50 -22.84 -19.50
N LEU A 130 -0.60 -22.45 -20.12
CA LEU A 130 -1.13 -23.22 -21.23
C LEU A 130 -1.87 -22.32 -22.21
N LYS A 131 -2.12 -22.87 -23.39
CA LYS A 131 -2.85 -22.21 -24.47
C LYS A 131 -4.03 -23.08 -24.85
N LEU A 132 -5.25 -22.55 -24.68
CA LEU A 132 -6.46 -23.27 -25.04
C LEU A 132 -7.01 -22.70 -26.33
N TYR A 133 -7.45 -23.58 -27.22
CA TYR A 133 -8.08 -23.18 -28.47
C TYR A 133 -9.60 -23.17 -28.37
N THR A 134 -10.14 -22.96 -27.16
CA THR A 134 -11.57 -22.88 -26.91
C THR A 134 -11.80 -21.87 -25.79
N ASP A 135 -12.91 -21.13 -25.88
CA ASP A 135 -13.23 -20.13 -24.87
C ASP A 135 -14.71 -19.76 -25.00
N GLY A 136 -15.28 -19.30 -23.89
CA GLY A 136 -16.67 -18.90 -23.87
C GLY A 136 -16.89 -17.78 -22.88
N LYS A 137 -17.97 -17.03 -23.11
CA LYS A 137 -18.31 -15.90 -22.25
C LYS A 137 -19.81 -15.84 -22.06
N LEU A 138 -20.23 -14.96 -21.16
CA LEU A 138 -21.63 -14.80 -20.81
C LEU A 138 -22.18 -13.50 -21.38
N LEU A 139 -23.47 -13.50 -21.72
CA LEU A 139 -24.16 -12.37 -22.29
C LEU A 139 -25.25 -11.90 -21.32
N ASN A 140 -25.32 -10.60 -21.08
CA ASN A 140 -26.36 -10.06 -20.21
C ASN A 140 -27.72 -10.34 -20.82
N PRO A 141 -28.63 -10.97 -20.07
CA PRO A 141 -29.92 -11.37 -20.65
C PRO A 141 -30.80 -10.17 -20.95
N LEU A 142 -31.70 -10.38 -21.91
CA LEU A 142 -32.71 -9.38 -22.24
C LEU A 142 -33.74 -9.29 -21.12
N VAL A 143 -34.37 -8.12 -21.01
CA VAL A 143 -35.34 -7.87 -19.96
C VAL A 143 -36.73 -7.78 -20.57
N GLU A 144 -37.75 -7.67 -19.73
CA GLU A 144 -39.12 -7.64 -20.24
C GLU A 144 -39.43 -6.34 -20.97
N GLN A 145 -38.69 -5.27 -20.67
CA GLN A 145 -38.90 -4.00 -21.37
C GLN A 145 -38.42 -4.06 -22.81
N ASP A 146 -37.65 -5.07 -23.19
CA ASP A 146 -37.11 -5.17 -24.54
C ASP A 146 -38.10 -5.76 -25.52
N PHE A 147 -39.31 -6.12 -25.09
CA PHE A 147 -40.30 -6.73 -25.97
C PHE A 147 -41.61 -5.97 -26.00
N GLY A 148 -41.62 -4.70 -25.61
CA GLY A 148 -42.82 -3.89 -25.71
C GLY A 148 -43.68 -3.92 -24.46
N ALA A 149 -44.55 -2.92 -24.34
CA ALA A 149 -45.46 -2.84 -23.20
C ALA A 149 -46.57 -3.41 -22.32
N HIS A 150 -47.23 -4.47 -22.80
CA HIS A 150 -48.24 -5.20 -22.05
C HIS A 150 -47.81 -6.61 -22.42
N ARG A 151 -47.84 -6.93 -23.71
CA ARG A 151 -47.65 -8.25 -24.30
C ARG A 151 -48.84 -9.14 -24.01
N LYS A 152 -49.90 -8.60 -23.43
CA LYS A 152 -51.16 -9.31 -23.20
C LYS A 152 -52.22 -8.74 -24.11
N ARG A 153 -53.22 -9.56 -24.44
CA ARG A 153 -54.29 -9.17 -25.36
C ARG A 153 -53.74 -8.72 -26.71
N HIS A 154 -53.13 -9.65 -27.45
CA HIS A 154 -52.48 -9.34 -28.73
C HIS A 154 -53.82 -9.46 -29.45
N ARG A 155 -54.40 -8.31 -29.79
CA ARG A 155 -55.69 -8.29 -30.49
C ARG A 155 -55.17 -8.06 -31.92
N ILE A 156 -53.88 -8.27 -32.13
CA ILE A 156 -53.24 -8.09 -33.43
C ILE A 156 -53.44 -6.66 -33.92
N GLY A 157 -52.86 -5.71 -33.19
CA GLY A 157 -52.97 -4.31 -33.55
C GLY A 157 -51.85 -3.28 -33.67
N ASP A 158 -50.63 -3.70 -33.33
CA ASP A 158 -49.48 -2.81 -33.41
C ASP A 158 -48.53 -3.91 -33.87
N PRO A 159 -47.32 -3.50 -34.29
CA PRO A 159 -46.33 -4.44 -34.77
C PRO A 159 -45.77 -5.44 -33.77
N HIS A 160 -45.16 -6.51 -34.26
CA HIS A 160 -44.59 -7.55 -33.41
C HIS A 160 -43.09 -7.25 -33.40
N PHE A 161 -42.50 -7.30 -32.21
CA PHE A 161 -41.11 -6.91 -32.01
C PHE A 161 -40.34 -8.15 -31.58
N HIS A 162 -39.14 -8.31 -32.13
CA HIS A 162 -38.26 -9.42 -31.81
C HIS A 162 -36.85 -8.89 -31.59
N GLN A 163 -36.00 -9.74 -31.02
CA GLN A 163 -34.60 -9.42 -30.81
C GLN A 163 -33.74 -10.42 -31.56
N ASN A 164 -32.51 -10.02 -31.83
CA ASN A 164 -31.59 -10.83 -32.63
C ASN A 164 -30.33 -11.14 -31.84
N LEU A 165 -29.91 -12.39 -31.89
CA LEU A 165 -28.59 -12.80 -31.42
C LEU A 165 -27.70 -12.95 -32.64
N ILE A 166 -26.61 -12.19 -32.69
CA ILE A 166 -25.74 -12.11 -33.85
C ILE A 166 -24.37 -12.63 -33.46
N VAL A 167 -23.84 -13.55 -34.26
CA VAL A 167 -22.49 -14.09 -34.08
C VAL A 167 -21.72 -13.87 -35.37
N THR A 168 -20.52 -13.30 -35.26
CA THR A 168 -19.66 -13.04 -36.40
C THR A 168 -18.33 -13.77 -36.20
N VAL A 169 -17.87 -14.44 -37.25
CA VAL A 169 -16.64 -15.23 -37.21
C VAL A 169 -15.69 -14.70 -38.27
N GLN A 170 -14.46 -14.38 -37.87
CA GLN A 170 -13.45 -13.84 -38.76
C GLN A 170 -12.10 -14.46 -38.46
N SER A 171 -11.20 -14.43 -39.46
CA SER A 171 -9.85 -14.89 -39.28
C SER A 171 -8.92 -14.11 -40.20
N ARG A 172 -7.67 -13.96 -39.76
CA ARG A 172 -6.63 -13.32 -40.55
C ARG A 172 -5.84 -14.30 -41.40
N LEU A 173 -6.03 -15.60 -41.21
CA LEU A 173 -5.29 -16.60 -41.96
C LEU A 173 -5.82 -16.71 -43.38
N ASN A 174 -4.91 -16.97 -44.33
CA ASN A 174 -5.28 -17.23 -45.71
C ASN A 174 -5.47 -18.71 -45.96
N ALA A 175 -6.27 -19.36 -45.11
CA ALA A 175 -6.53 -20.79 -45.23
C ALA A 175 -7.85 -21.11 -44.57
N ASP A 176 -8.45 -22.22 -44.96
CA ASP A 176 -9.71 -22.64 -44.38
C ASP A 176 -9.52 -23.12 -42.94
N ILE A 177 -10.43 -22.73 -42.07
CA ILE A 177 -10.42 -23.14 -40.67
C ILE A 177 -11.77 -23.75 -40.33
N ASP A 178 -11.75 -24.90 -39.67
CA ASP A 178 -12.95 -25.49 -39.12
C ASP A 178 -13.10 -25.08 -37.67
N TYR A 179 -14.30 -24.65 -37.30
CA TYR A 179 -14.56 -24.18 -35.95
C TYR A 179 -15.85 -24.80 -35.44
N ARG A 180 -16.03 -24.70 -34.13
CA ARG A 180 -17.20 -25.23 -33.45
C ARG A 180 -17.78 -24.15 -32.55
N LEU A 181 -19.11 -24.03 -32.55
CA LEU A 181 -19.81 -23.05 -31.73
C LEU A 181 -20.79 -23.77 -30.81
N HIS A 182 -20.81 -23.37 -29.55
CA HIS A 182 -21.76 -23.89 -28.56
C HIS A 182 -22.64 -22.74 -28.11
N VAL A 183 -23.94 -22.87 -28.31
CA VAL A 183 -24.91 -21.87 -27.88
C VAL A 183 -25.83 -22.53 -26.86
N THR A 184 -25.66 -22.18 -25.59
CA THR A 184 -26.45 -22.75 -24.51
C THR A 184 -26.99 -21.60 -23.67
N HIS A 185 -28.10 -21.85 -22.97
CA HIS A 185 -28.74 -20.82 -22.17
C HIS A 185 -29.00 -21.33 -20.76
N LEU A 186 -29.08 -20.38 -19.83
CA LEU A 186 -29.54 -20.64 -18.46
C LEU A 186 -30.84 -19.86 -18.27
N ASP A 187 -31.91 -20.58 -17.93
CA ASP A 187 -33.24 -19.97 -17.86
C ASP A 187 -33.36 -19.01 -16.69
N ARG A 188 -34.50 -18.31 -16.60
CA ARG A 188 -34.76 -17.38 -15.52
C ARG A 188 -35.14 -18.09 -14.22
N ALA A 189 -35.17 -19.42 -14.22
CA ALA A 189 -35.38 -20.16 -12.99
C ALA A 189 -34.12 -20.23 -12.13
N GLN A 190 -32.95 -20.19 -12.75
CA GLN A 190 -31.66 -20.25 -12.04
C GLN A 190 -30.95 -18.92 -12.01
N TYR A 191 -30.83 -18.25 -13.15
CA TYR A 191 -30.60 -16.82 -13.17
C TYR A 191 -31.85 -16.15 -12.62
N ASP A 192 -31.68 -15.02 -11.93
CA ASP A 192 -32.80 -14.37 -11.25
C ASP A 192 -33.43 -15.33 -10.24
N PHE A 193 -32.58 -15.96 -9.44
CA PHE A 193 -32.98 -16.90 -8.39
C PHE A 193 -33.19 -16.22 -7.06
N LEU A 194 -32.59 -15.05 -6.85
CA LEU A 194 -32.58 -14.40 -5.56
C LEU A 194 -33.86 -13.58 -5.33
N LYS A 195 -34.98 -14.27 -5.13
CA LYS A 195 -36.24 -13.64 -4.78
C LYS A 195 -36.74 -14.24 -3.47
N PHE A 196 -36.88 -13.39 -2.45
CA PHE A 196 -37.19 -13.86 -1.11
C PHE A 196 -38.67 -13.61 -0.81
N LYS A 197 -39.29 -14.59 -0.16
CA LYS A 197 -40.68 -14.43 0.27
C LYS A 197 -40.70 -13.65 1.59
N THR A 198 -41.89 -13.56 2.19
CA THR A 198 -42.03 -12.89 3.46
C THR A 198 -41.44 -13.76 4.56
N GLY A 199 -40.70 -13.14 5.47
CA GLY A 199 -40.10 -13.87 6.56
C GLY A 199 -38.92 -14.74 6.20
N GLN A 200 -38.63 -14.87 4.91
CA GLN A 200 -37.54 -15.73 4.43
C GLN A 200 -36.29 -14.90 4.25
N THR A 201 -35.28 -15.18 5.08
CA THR A 201 -34.01 -14.47 5.00
C THR A 201 -32.87 -15.29 4.42
N THR A 202 -33.06 -16.60 4.23
CA THR A 202 -32.00 -17.47 3.72
C THR A 202 -32.55 -18.35 2.61
N LYS A 203 -31.82 -18.40 1.50
CA LYS A 203 -32.09 -19.32 0.40
C LYS A 203 -30.83 -20.13 0.13
N THR A 204 -31.02 -21.32 -0.43
CA THR A 204 -29.89 -22.22 -0.58
C THR A 204 -30.01 -22.96 -1.91
N LEU A 205 -28.91 -22.99 -2.65
CA LEU A 205 -28.76 -23.79 -3.85
C LEU A 205 -27.76 -24.91 -3.56
N SER A 206 -27.67 -25.88 -4.47
CA SER A 206 -26.84 -27.05 -4.17
C SER A 206 -26.43 -27.83 -5.41
N ASN A 207 -25.14 -28.20 -5.46
CA ASN A 207 -24.63 -29.18 -6.42
C ASN A 207 -24.90 -28.76 -7.87
N GLN A 208 -24.29 -27.65 -8.28
CA GLN A 208 -24.41 -27.16 -9.64
C GLN A 208 -23.12 -27.45 -10.38
N LYS A 209 -23.22 -28.17 -11.49
CA LYS A 209 -22.04 -28.44 -12.31
C LYS A 209 -21.50 -27.12 -12.86
N LEU A 210 -20.19 -27.09 -13.11
CA LEU A 210 -19.53 -25.88 -13.57
C LEU A 210 -18.28 -26.30 -14.32
N THR A 211 -18.01 -25.60 -15.43
CA THR A 211 -16.91 -25.98 -16.30
C THR A 211 -16.33 -24.74 -16.99
N PHE A 212 -15.21 -24.88 -17.67
CA PHE A 212 -14.68 -23.86 -18.56
C PHE A 212 -15.63 -23.54 -19.71
N VAL A 213 -16.67 -24.34 -19.89
CA VAL A 213 -17.64 -24.14 -20.95
C VAL A 213 -19.03 -23.82 -20.41
N LYS A 214 -19.28 -24.00 -19.13
CA LYS A 214 -20.59 -23.74 -18.52
C LYS A 214 -20.42 -22.87 -17.28
N PRO A 215 -20.18 -21.57 -17.45
CA PRO A 215 -20.17 -20.67 -16.29
C PRO A 215 -21.57 -20.52 -15.70
N ILE A 216 -21.63 -19.96 -14.50
CA ILE A 216 -22.90 -19.72 -13.84
C ILE A 216 -23.00 -18.25 -13.46
N GLY A 217 -24.23 -17.78 -13.29
CA GLY A 217 -24.47 -16.37 -12.97
C GLY A 217 -25.81 -16.16 -12.30
N PHE A 218 -25.90 -15.07 -11.55
CA PHE A 218 -27.11 -14.68 -10.82
C PHE A 218 -27.33 -13.18 -10.92
N PHE A 219 -28.59 -12.77 -10.80
CA PHE A 219 -28.95 -11.36 -10.70
C PHE A 219 -29.50 -11.08 -9.30
N LEU A 220 -29.05 -9.98 -8.69
CA LEU A 220 -29.53 -9.55 -7.39
C LEU A 220 -30.04 -8.13 -7.46
N ASN A 221 -31.26 -7.91 -6.99
CA ASN A 221 -31.93 -6.61 -7.02
C ASN A 221 -32.25 -6.22 -5.58
N CYS A 222 -31.33 -5.50 -4.93
CA CYS A 222 -31.54 -5.15 -3.53
C CYS A 222 -32.71 -4.19 -3.35
N SER A 223 -32.88 -3.24 -4.26
CA SER A 223 -33.97 -2.27 -4.14
C SER A 223 -35.33 -2.95 -4.22
N GLU A 224 -35.47 -3.91 -5.13
CA GLU A 224 -36.74 -4.60 -5.29
C GLU A 224 -37.05 -5.54 -4.14
N GLN A 225 -36.02 -6.16 -3.56
CA GLN A 225 -36.20 -7.16 -2.52
C GLN A 225 -36.07 -6.59 -1.11
N ASN A 226 -35.83 -5.28 -0.97
CA ASN A 226 -35.65 -4.62 0.32
C ASN A 226 -34.54 -5.29 1.13
N ILE A 227 -33.33 -5.22 0.58
CA ILE A 227 -32.15 -5.79 1.22
C ILE A 227 -31.19 -4.66 1.57
N SER A 228 -30.85 -4.55 2.85
CA SER A 228 -29.87 -3.58 3.31
C SER A 228 -28.50 -4.19 3.56
N GLN A 229 -28.43 -5.50 3.84
CA GLN A 229 -27.17 -6.20 4.01
C GLN A 229 -27.32 -7.59 3.43
N PHE A 230 -26.30 -8.05 2.70
CA PHE A 230 -26.36 -9.33 2.02
C PHE A 230 -25.05 -10.07 2.19
N HIS A 231 -25.12 -11.38 2.38
CA HIS A 231 -23.96 -12.24 2.50
C HIS A 231 -24.15 -13.48 1.64
N VAL A 232 -23.08 -13.88 0.95
CA VAL A 232 -23.10 -15.04 0.06
C VAL A 232 -21.93 -15.95 0.44
N THR A 233 -22.20 -17.26 0.53
CA THR A 233 -21.18 -18.24 0.82
C THR A 233 -21.25 -19.37 -0.21
N LEU A 234 -20.07 -19.85 -0.61
CA LEU A 234 -19.94 -20.93 -1.58
C LEU A 234 -19.23 -22.11 -0.92
N TYR A 235 -19.73 -23.32 -1.15
CA TYR A 235 -19.15 -24.53 -0.59
C TYR A 235 -18.82 -25.50 -1.70
N SER A 236 -17.60 -26.03 -1.68
CA SER A 236 -17.16 -27.03 -2.64
C SER A 236 -16.32 -28.07 -1.92
N GLU A 237 -16.50 -29.33 -2.29
CA GLU A 237 -15.75 -30.43 -1.67
C GLU A 237 -14.50 -30.80 -2.44
N ASP A 238 -14.39 -30.42 -3.71
CA ASP A 238 -13.20 -30.68 -4.49
C ASP A 238 -12.32 -29.42 -4.54
N ASP A 239 -11.06 -29.63 -4.91
CA ASP A 239 -10.05 -28.57 -4.87
C ASP A 239 -9.74 -28.01 -6.25
N ILE A 240 -10.74 -27.90 -7.11
CA ILE A 240 -10.56 -27.29 -8.43
C ILE A 240 -10.62 -25.78 -8.27
N CYS A 241 -9.66 -25.09 -8.87
CA CYS A 241 -9.61 -23.64 -8.78
C CYS A 241 -10.77 -23.01 -9.54
N ALA A 242 -11.43 -22.05 -8.90
CA ALA A 242 -12.52 -21.30 -9.51
C ALA A 242 -12.40 -19.84 -9.11
N ASN A 243 -13.24 -19.00 -9.71
CA ASN A 243 -13.23 -17.57 -9.45
C ASN A 243 -14.66 -17.08 -9.21
N LEU A 244 -14.84 -16.27 -8.18
CA LEU A 244 -16.12 -15.67 -7.84
C LEU A 244 -16.08 -14.19 -8.22
N ILE A 245 -16.98 -13.77 -9.10
CA ILE A 245 -16.98 -12.42 -9.65
C ILE A 245 -18.26 -11.72 -9.22
N THR A 246 -18.10 -10.51 -8.67
CA THR A 246 -19.23 -9.66 -8.30
C THR A 246 -19.06 -8.31 -8.97
N VAL A 247 -20.13 -7.82 -9.59
CA VAL A 247 -20.11 -6.56 -10.32
C VAL A 247 -21.45 -5.87 -10.15
N PRO A 248 -21.46 -4.54 -10.16
CA PRO A 248 -22.76 -3.83 -10.22
C PRO A 248 -23.46 -4.12 -11.53
N ALA A 249 -24.79 -4.12 -11.48
CA ALA A 249 -25.60 -4.57 -12.60
C ALA A 249 -25.47 -3.67 -13.83
N ASN A 250 -24.92 -2.47 -13.70
CA ASN A 250 -24.71 -1.58 -14.84
C ASN A 250 -23.27 -1.57 -15.30
N GLU A 251 -22.46 -2.53 -14.83
CA GLU A 251 -21.06 -2.63 -15.21
C GLU A 251 -20.82 -3.95 -15.95
N SER A 252 -19.69 -4.02 -16.63
CA SER A 252 -19.30 -5.20 -17.40
C SER A 252 -18.11 -5.89 -16.76
N ILE A 253 -18.06 -7.21 -16.89
CA ILE A 253 -16.98 -8.00 -16.30
C ILE A 253 -15.87 -8.21 -17.33
N TYR A 254 -16.17 -7.92 -18.59
CA TYR A 254 -15.22 -8.16 -19.68
C TYR A 254 -14.62 -6.90 -20.27
N ASP A 255 -15.33 -5.79 -20.29
CA ASP A 255 -14.92 -4.60 -21.01
C ASP A 255 -14.32 -3.59 -20.04
N ARG A 256 -13.10 -3.10 -20.23
CA ARG A 256 -12.63 -1.95 -19.38
C ARG A 256 -13.14 -0.72 -20.08
N SER A 257 -14.37 -0.41 -19.64
CA SER A 257 -15.39 0.44 -20.26
C SER A 257 -14.86 1.80 -20.72
N VAL A 258 -13.86 2.32 -20.02
CA VAL A 258 -13.24 3.58 -20.42
C VAL A 258 -11.73 3.36 -20.42
N ILE A 259 -11.04 4.01 -21.36
CA ILE A 259 -9.59 3.91 -21.39
C ILE A 259 -8.91 4.08 -20.03
N SER A 260 -9.35 5.09 -19.28
CA SER A 260 -8.77 5.56 -18.03
C SER A 260 -10.02 5.28 -17.21
N ASP A 261 -9.96 4.23 -16.39
CA ASP A 261 -10.94 3.97 -15.36
C ASP A 261 -10.24 4.07 -14.00
N LYS A 262 -9.48 3.04 -13.65
CA LYS A 262 -8.84 2.85 -12.33
C LYS A 262 -9.86 2.67 -11.22
N THR A 263 -11.14 2.54 -11.55
CA THR A 263 -12.15 2.19 -10.57
C THR A 263 -12.10 0.69 -10.30
N HIS A 264 -12.33 0.34 -9.03
CA HIS A 264 -12.25 -1.05 -8.58
C HIS A 264 -13.58 -1.38 -7.90
N ASN A 265 -14.57 -1.78 -8.72
CA ASN A 265 -15.85 -2.23 -8.23
C ASN A 265 -16.10 -3.71 -8.55
N ARG A 266 -15.14 -4.37 -9.19
CA ARG A 266 -15.26 -5.77 -9.56
C ARG A 266 -14.49 -6.64 -8.58
N ARG A 267 -15.18 -7.60 -7.97
CA ARG A 267 -14.57 -8.55 -7.06
C ARG A 267 -14.12 -9.78 -7.82
N VAL A 268 -12.88 -10.19 -7.60
CA VAL A 268 -12.33 -11.42 -8.17
C VAL A 268 -11.71 -12.21 -7.03
N LEU A 269 -12.40 -13.24 -6.57
CA LEU A 269 -11.97 -14.06 -5.44
C LEU A 269 -11.71 -15.48 -5.93
N SER A 270 -10.44 -15.88 -5.94
CA SER A 270 -10.11 -17.26 -6.25
C SER A 270 -10.35 -18.15 -5.04
N PHE A 271 -10.98 -19.29 -5.25
CA PHE A 271 -11.35 -20.17 -4.16
C PHE A 271 -11.33 -21.60 -4.64
N THR A 272 -11.18 -22.52 -3.69
CA THR A 272 -11.31 -23.95 -3.95
C THR A 272 -12.43 -24.58 -3.13
N LYS A 273 -12.41 -24.41 -1.81
CA LYS A 273 -13.40 -25.00 -0.92
C LYS A 273 -14.44 -24.02 -0.40
N ARG A 274 -14.06 -22.76 -0.19
CA ARG A 274 -14.97 -21.80 0.43
C ARG A 274 -14.67 -20.41 -0.10
N ALA A 275 -15.73 -19.61 -0.23
CA ALA A 275 -15.61 -18.20 -0.57
C ALA A 275 -16.74 -17.44 0.10
N ASP A 276 -16.45 -16.20 0.50
CA ASP A 276 -17.43 -15.35 1.18
C ASP A 276 -17.37 -13.95 0.62
N ILE A 277 -18.53 -13.38 0.32
CA ILE A 277 -18.66 -11.98 -0.04
C ILE A 277 -19.74 -11.36 0.82
N PHE A 278 -19.50 -10.14 1.29
CA PHE A 278 -20.41 -9.42 2.17
C PHE A 278 -20.76 -8.08 1.53
N PHE A 279 -22.04 -7.86 1.27
CA PHE A 279 -22.52 -6.58 0.75
C PHE A 279 -22.93 -5.71 1.93
N THR A 280 -22.20 -4.61 2.11
CA THR A 280 -22.49 -3.71 3.22
C THR A 280 -23.60 -2.73 2.82
N GLU A 281 -24.07 -1.97 3.82
CA GLU A 281 -25.11 -0.99 3.57
C GLU A 281 -24.60 0.11 2.63
N THR A 282 -23.34 0.52 2.80
CA THR A 282 -22.77 1.54 1.94
C THR A 282 -22.75 1.10 0.49
N GLU A 283 -22.32 -0.15 0.24
CA GLU A 283 -22.25 -0.64 -1.14
C GLU A 283 -23.64 -0.79 -1.74
N ILE A 284 -24.59 -1.32 -0.96
CA ILE A 284 -25.94 -1.50 -1.46
C ILE A 284 -26.58 -0.15 -1.77
N SER A 285 -26.30 0.86 -0.95
CA SER A 285 -26.78 2.21 -1.25
C SER A 285 -26.12 2.77 -2.50
N MET A 286 -24.83 2.52 -2.68
CA MET A 286 -24.12 3.06 -3.84
C MET A 286 -24.61 2.45 -5.14
N PHE A 287 -24.86 1.14 -5.17
CA PHE A 287 -25.06 0.44 -6.43
C PHE A 287 -26.43 -0.18 -6.60
N LYS A 288 -27.04 -0.70 -5.52
CA LYS A 288 -28.44 -1.13 -5.48
C LYS A 288 -28.76 -2.36 -6.33
N SER A 289 -27.82 -2.83 -7.14
CA SER A 289 -28.08 -4.00 -7.97
C SER A 289 -26.75 -4.61 -8.38
N PHE A 290 -26.69 -5.94 -8.37
CA PHE A 290 -25.42 -6.63 -8.58
C PHE A 290 -25.63 -7.89 -9.40
N ARG A 291 -24.58 -8.31 -10.11
CA ARG A 291 -24.53 -9.59 -10.78
C ARG A 291 -23.38 -10.41 -10.21
N ILE A 292 -23.63 -11.70 -9.99
CA ILE A 292 -22.67 -12.61 -9.39
C ILE A 292 -22.35 -13.71 -10.38
N PHE A 293 -21.06 -13.97 -10.58
CA PHE A 293 -20.59 -14.97 -11.53
C PHE A 293 -19.56 -15.89 -10.88
N VAL A 294 -19.52 -17.12 -11.35
CA VAL A 294 -18.49 -18.09 -10.96
C VAL A 294 -17.89 -18.69 -12.23
N PHE A 295 -16.57 -18.61 -12.35
CA PHE A 295 -15.85 -19.17 -13.48
C PHE A 295 -14.76 -20.11 -13.00
N ILE A 296 -14.56 -21.20 -13.73
CA ILE A 296 -13.47 -22.11 -13.45
C ILE A 296 -12.20 -21.62 -14.12
N ALA A 297 -11.09 -21.62 -13.37
CA ALA A 297 -9.80 -21.29 -13.94
C ALA A 297 -9.25 -22.46 -14.74
N PRO A 298 -8.64 -22.20 -15.91
CA PRO A 298 -8.10 -23.29 -16.71
C PRO A 298 -6.97 -24.05 -16.02
N ASP A 299 -6.17 -23.37 -15.21
CA ASP A 299 -5.04 -23.98 -14.54
C ASP A 299 -5.09 -23.65 -13.05
N ASP A 300 -4.74 -24.63 -12.23
CA ASP A 300 -4.70 -24.45 -10.78
C ASP A 300 -3.35 -23.87 -10.39
N SER A 301 -3.07 -22.65 -10.84
CA SER A 301 -1.79 -22.01 -10.55
C SER A 301 -1.98 -20.79 -9.66
N GLY A 302 -3.23 -20.35 -9.51
CA GLY A 302 -3.55 -19.27 -8.60
C GLY A 302 -4.19 -19.80 -7.34
N CYS A 303 -4.37 -21.12 -7.27
CA CYS A 303 -4.99 -21.78 -6.14
C CYS A 303 -4.08 -22.77 -5.42
N SER A 304 -3.07 -23.32 -6.08
CA SER A 304 -2.19 -24.32 -5.47
C SER A 304 -0.89 -24.33 -6.24
N THR A 305 -0.05 -25.33 -5.97
CA THR A 305 1.24 -25.45 -6.67
C THR A 305 1.35 -26.82 -7.32
N ASN A 306 0.73 -27.83 -6.74
CA ASN A 306 0.81 -29.19 -7.27
C ASN A 306 -0.49 -29.92 -7.01
N THR A 307 -1.31 -30.06 -8.05
CA THR A 307 -2.51 -30.90 -7.97
C THR A 307 -2.62 -31.79 -9.20
N SER A 308 -2.03 -31.35 -10.31
CA SER A 308 -1.99 -32.11 -11.56
C SER A 308 -3.31 -32.61 -12.12
N ARG A 309 -4.33 -31.75 -12.13
CA ARG A 309 -5.66 -32.14 -12.61
C ARG A 309 -5.69 -32.76 -14.00
N LYS A 310 -4.80 -32.33 -14.89
CA LYS A 310 -4.64 -32.92 -16.24
C LYS A 310 -5.49 -32.69 -17.48
N SER A 311 -6.52 -31.84 -17.43
CA SER A 311 -7.47 -31.72 -18.53
C SER A 311 -8.04 -30.42 -17.96
N PHE A 312 -7.87 -29.34 -18.72
CA PHE A 312 -8.37 -28.03 -18.34
C PHE A 312 -9.88 -27.91 -18.18
N ASN A 313 -10.64 -28.89 -18.64
CA ASN A 313 -12.10 -28.89 -18.55
C ASN A 313 -12.50 -29.98 -17.58
N GLU A 314 -12.77 -29.60 -16.33
CA GLU A 314 -13.32 -30.51 -15.34
C GLU A 314 -14.52 -29.86 -14.69
N LYS A 315 -15.32 -30.66 -13.98
CA LYS A 315 -16.53 -30.17 -13.35
C LYS A 315 -16.33 -30.00 -11.86
N LYS A 316 -16.99 -28.96 -11.32
CA LYS A 316 -16.90 -28.58 -9.92
C LYS A 316 -18.31 -28.45 -9.38
N LYS A 317 -18.55 -29.03 -8.21
CA LYS A 317 -19.84 -28.95 -7.56
C LYS A 317 -19.80 -27.85 -6.50
N ILE A 318 -20.75 -26.91 -6.60
CA ILE A 318 -20.78 -25.75 -5.72
C ILE A 318 -22.17 -25.60 -5.11
N SER A 319 -22.21 -25.36 -3.79
CA SER A 319 -23.44 -25.09 -3.08
C SER A 319 -23.43 -23.64 -2.60
N PHE A 320 -24.55 -22.95 -2.77
CA PHE A 320 -24.64 -21.53 -2.51
C PHE A 320 -25.50 -21.25 -1.27
N GLU A 321 -25.21 -20.13 -0.62
CA GLU A 321 -25.96 -19.70 0.57
C GLU A 321 -26.15 -18.20 0.48
N PHE A 322 -27.40 -17.78 0.35
CA PHE A 322 -27.75 -16.36 0.26
C PHE A 322 -28.57 -15.97 1.49
N LYS A 323 -28.07 -14.98 2.24
CA LYS A 323 -28.71 -14.58 3.49
C LYS A 323 -28.86 -13.06 3.54
N LYS A 324 -29.99 -12.61 4.06
CA LYS A 324 -30.22 -11.19 4.31
C LYS A 324 -29.92 -10.87 5.77
N LEU A 325 -29.10 -9.84 5.98
CA LEU A 325 -28.66 -9.48 7.31
C LEU A 325 -29.21 -8.12 7.72
N GLU A 326 -29.32 -7.92 9.04
CA GLU A 326 -29.71 -6.65 9.63
C GLU A 326 -28.69 -6.23 10.67
N ASN A 327 -28.65 -4.93 10.95
CA ASN A 327 -27.73 -4.41 11.96
C ASN A 327 -27.97 -5.08 13.30
N GLN A 328 -26.90 -5.52 13.95
CA GLN A 328 -26.97 -6.25 15.20
C GLN A 328 -26.15 -5.52 16.25
N SER A 329 -26.69 -5.44 17.46
CA SER A 329 -25.95 -4.99 18.63
C SER A 329 -25.77 -6.19 19.54
N TYR A 330 -24.58 -6.78 19.54
CA TYR A 330 -24.30 -8.01 20.27
C TYR A 330 -24.23 -7.71 21.77
N ALA A 331 -25.41 -7.44 22.34
CA ALA A 331 -25.48 -6.98 23.72
C ALA A 331 -25.13 -8.10 24.70
N VAL A 332 -25.72 -9.28 24.52
CA VAL A 332 -25.50 -10.37 25.46
C VAL A 332 -24.04 -10.84 25.47
N PRO A 333 -23.41 -11.16 24.33
CA PRO A 333 -22.01 -11.60 24.39
C PRO A 333 -21.07 -10.52 24.93
N THR A 334 -21.26 -9.26 24.54
CA THR A 334 -20.41 -8.19 25.05
C THR A 334 -20.58 -8.02 26.55
N ALA A 335 -21.82 -8.05 27.03
CA ALA A 335 -22.06 -7.92 28.46
C ALA A 335 -21.44 -9.07 29.24
N LEU A 336 -21.59 -10.30 28.73
CA LEU A 336 -20.99 -11.45 29.41
C LEU A 336 -19.47 -11.36 29.41
N MET A 337 -18.89 -10.93 28.30
CA MET A 337 -17.43 -10.77 28.25
C MET A 337 -16.95 -9.74 29.26
N MET A 338 -17.65 -8.60 29.36
CA MET A 338 -17.24 -7.57 30.30
C MET A 338 -17.41 -8.05 31.75
N ILE A 339 -18.49 -8.77 32.03
CA ILE A 339 -18.69 -9.33 33.36
C ILE A 339 -17.56 -10.30 33.70
N PHE A 340 -17.19 -11.16 32.74
CA PHE A 340 -16.11 -12.11 32.96
C PHE A 340 -14.78 -11.39 33.17
N LEU A 341 -14.54 -10.31 32.43
CA LEU A 341 -13.29 -9.57 32.58
C LEU A 341 -13.29 -8.69 33.83
N THR A 342 -14.45 -8.49 34.45
CA THR A 342 -14.50 -7.57 35.57
C THR A 342 -14.10 -8.25 36.88
N THR A 343 -14.65 -9.43 37.17
CA THR A 343 -14.49 -10.03 38.49
C THR A 343 -13.04 -10.43 38.78
N PRO A 344 -12.21 -10.63 37.77
CA PRO A 344 -10.77 -10.71 38.02
C PRO A 344 -10.23 -9.56 38.85
N CYS A 345 -10.70 -8.33 38.59
CA CYS A 345 -10.17 -7.16 39.27
C CYS A 345 -10.56 -7.08 40.74
N LEU A 346 -11.34 -8.04 41.25
CA LEU A 346 -11.65 -8.06 42.68
C LEU A 346 -10.43 -8.40 43.53
N LEU A 347 -9.33 -8.82 42.90
CA LEU A 347 -8.09 -9.07 43.62
C LEU A 347 -7.33 -7.79 43.95
N PHE A 348 -7.42 -6.77 43.08
CA PHE A 348 -6.73 -5.51 43.34
C PHE A 348 -7.39 -4.73 44.47
N LEU A 349 -8.72 -4.82 44.58
CA LEU A 349 -9.45 -3.97 45.53
C LEU A 349 -9.03 -4.15 46.98
N PRO A 350 -8.97 -5.36 47.55
CA PRO A 350 -8.76 -5.47 48.99
C PRO A 350 -7.39 -5.03 49.48
N ILE A 351 -6.40 -4.89 48.59
CA ILE A 351 -5.05 -4.66 49.08
C ILE A 351 -4.49 -3.31 48.63
N VAL A 352 -4.29 -3.13 47.32
CA VAL A 352 -3.61 -1.92 46.86
C VAL A 352 -4.52 -0.71 47.01
N ILE A 353 -5.79 -0.85 46.61
CA ILE A 353 -6.71 0.27 46.72
C ILE A 353 -6.96 0.64 48.18
N ASN A 354 -7.00 -0.37 49.07
CA ASN A 354 -7.11 -0.08 50.50
C ASN A 354 -5.88 0.62 51.03
N ILE A 355 -4.69 0.23 50.56
CA ILE A 355 -3.46 0.91 50.97
C ILE A 355 -3.48 2.37 50.50
N ILE A 356 -3.92 2.61 49.28
CA ILE A 356 -4.02 3.97 48.76
C ILE A 356 -5.01 4.78 49.60
N LYS A 357 -6.15 4.18 49.95
CA LYS A 357 -7.13 4.87 50.79
C LYS A 357 -6.54 5.21 52.16
N ASN A 358 -5.77 4.27 52.74
CA ASN A 358 -5.12 4.53 54.02
C ASN A 358 -4.11 5.67 53.91
N SER A 359 -3.36 5.72 52.80
CA SER A 359 -2.38 6.78 52.60
C SER A 359 -3.06 8.13 52.41
N SER A 441 11.72 15.10 41.67
CA SER A 441 11.00 15.96 40.75
C SER A 441 10.27 15.15 39.69
N LEU A 442 8.94 15.26 39.65
CA LEU A 442 8.15 14.54 38.65
C LEU A 442 8.49 14.99 37.23
N HIS A 443 8.65 16.29 37.01
CA HIS A 443 9.06 16.79 35.71
C HIS A 443 10.41 16.27 35.27
N GLY A 444 11.28 15.90 36.22
CA GLY A 444 12.53 15.26 35.86
C GLY A 444 12.40 13.81 35.44
N GLN A 445 11.20 13.24 35.60
CA GLN A 445 10.93 11.88 35.13
C GLN A 445 10.01 11.83 33.93
N MET A 446 9.07 12.77 33.78
CA MET A 446 8.25 12.78 32.57
C MET A 446 9.07 13.08 31.32
N LEU A 447 10.01 14.03 31.41
CA LEU A 447 10.81 14.42 30.27
C LEU A 447 11.89 13.40 29.91
N GLN A 448 12.23 12.49 30.81
CA GLN A 448 13.22 11.45 30.55
C GLN A 448 12.59 10.07 30.38
N TYR A 449 11.30 9.92 30.62
CA TYR A 449 10.62 8.67 30.38
C TYR A 449 10.61 8.39 28.87
N PRO A 450 10.94 7.18 28.43
CA PRO A 450 10.99 6.92 26.99
C PRO A 450 9.61 6.87 26.36
N VAL A 451 9.23 7.92 25.65
CA VAL A 451 7.94 7.98 24.98
C VAL A 451 8.00 7.52 23.53
N ALA A 452 9.20 7.31 22.99
CA ALA A 452 9.33 6.82 21.63
C ALA A 452 8.95 5.35 21.50
N ILE A 453 8.73 4.65 22.61
CA ILE A 453 8.33 3.25 22.54
C ILE A 453 6.92 3.08 22.00
N ILE A 454 6.08 4.12 22.11
CA ILE A 454 4.72 4.04 21.57
C ILE A 454 4.67 4.30 20.07
N LEU A 455 5.75 4.78 19.48
CA LEU A 455 5.71 5.18 18.08
C LEU A 455 5.44 4.04 17.10
N PRO A 456 6.13 2.89 17.16
CA PRO A 456 5.91 1.88 16.10
C PRO A 456 4.46 1.43 15.97
N VAL A 457 3.78 1.22 17.10
CA VAL A 457 2.38 0.79 17.05
C VAL A 457 1.52 1.89 16.44
N LEU A 458 1.79 3.15 16.81
CA LEU A 458 0.97 4.25 16.30
C LEU A 458 1.15 4.46 14.80
N MET A 459 2.40 4.39 14.32
CA MET A 459 2.62 4.49 12.87
C MET A 459 1.99 3.31 12.13
N HIS A 460 2.10 2.10 12.68
CA HIS A 460 1.46 0.95 12.04
C HIS A 460 -0.05 1.14 11.98
N THR A 461 -0.64 1.63 13.07
CA THR A 461 -2.09 1.86 13.10
C THR A 461 -2.50 2.91 12.07
N ALA A 462 -1.74 4.01 11.98
CA ALA A 462 -2.06 5.04 11.00
C ALA A 462 -1.97 4.50 9.58
N ILE A 463 -0.91 3.74 9.28
CA ILE A 463 -0.75 3.19 7.94
C ILE A 463 -1.89 2.24 7.60
N GLU A 464 -2.26 1.37 8.55
CA GLU A 464 -3.33 0.42 8.29
C GLU A 464 -4.67 1.13 8.12
N PHE A 465 -4.93 2.17 8.92
CA PHE A 465 -6.19 2.90 8.77
C PHE A 465 -6.24 3.62 7.43
N HIS A 466 -5.12 4.21 7.00
CA HIS A 466 -5.10 4.85 5.69
C HIS A 466 -5.34 3.84 4.58
N LYS A 467 -4.72 2.67 4.68
CA LYS A 467 -4.92 1.62 3.68
C LYS A 467 -6.37 1.15 3.67
N TRP A 468 -7.01 1.11 4.84
CA TRP A 468 -8.40 0.67 4.92
C TRP A 468 -9.36 1.69 4.33
N THR A 469 -9.17 2.97 4.64
CA THR A 469 -10.14 3.98 4.23
C THR A 469 -10.07 4.29 2.74
N THR A 470 -8.88 4.23 2.14
CA THR A 470 -8.72 4.53 0.73
C THR A 470 -9.08 3.36 -0.18
N SER A 471 -9.36 2.19 0.39
CA SER A 471 -9.74 1.02 -0.40
C SER A 471 -11.21 1.04 -0.75
N THR A 472 -11.54 0.45 -1.90
CA THR A 472 -12.92 0.38 -2.35
C THR A 472 -13.63 -0.79 -1.68
N MET A 473 -14.96 -0.83 -1.86
CA MET A 473 -15.76 -1.90 -1.27
C MET A 473 -15.35 -3.26 -1.83
N ALA A 474 -15.12 -3.35 -3.15
CA ALA A 474 -14.78 -4.61 -3.76
C ALA A 474 -13.41 -5.11 -3.30
N ASN A 475 -12.46 -4.19 -3.13
CA ASN A 475 -11.11 -4.58 -2.76
C ASN A 475 -11.04 -5.12 -1.33
N ARG A 476 -12.00 -4.75 -0.48
CA ARG A 476 -11.96 -5.17 0.91
C ARG A 476 -12.29 -6.65 1.06
N ASP A 477 -13.04 -7.22 0.12
CA ASP A 477 -13.28 -8.66 0.14
C ASP A 477 -12.15 -9.46 -0.48
N GLU A 478 -11.24 -8.79 -1.19
CA GLU A 478 -10.11 -9.48 -1.81
C GLU A 478 -8.83 -9.42 -0.97
N MET A 479 -8.54 -8.26 -0.40
CA MET A 479 -7.26 -8.06 0.29
C MET A 479 -7.27 -8.47 1.74
N CYS A 480 -8.43 -8.78 2.32
CA CYS A 480 -8.55 -9.12 3.73
C CYS A 480 -8.92 -10.59 3.88
N PHE A 481 -8.41 -11.23 4.94
CA PHE A 481 -8.61 -12.65 5.18
C PHE A 481 -9.06 -12.85 6.63
N HIS A 482 -10.35 -13.05 6.82
CA HIS A 482 -10.93 -13.36 8.12
C HIS A 482 -11.34 -14.83 8.16
N ASN A 483 -11.60 -15.31 9.37
CA ASN A 483 -12.22 -16.62 9.56
C ASN A 483 -13.72 -16.39 9.47
N HIS A 484 -14.26 -16.53 8.26
CA HIS A 484 -15.64 -16.14 8.03
C HIS A 484 -16.64 -17.10 8.65
N ALA A 485 -16.20 -18.27 9.12
CA ALA A 485 -17.08 -19.14 9.88
C ALA A 485 -17.30 -18.61 11.31
N CYS A 486 -16.48 -17.67 11.76
CA CYS A 486 -16.62 -17.02 13.06
C CYS A 486 -16.33 -15.54 12.96
N ALA A 487 -16.96 -14.85 12.01
CA ALA A 487 -16.83 -13.41 11.85
C ALA A 487 -18.20 -12.78 11.99
N ARG A 488 -18.37 -11.91 12.98
CA ARG A 488 -19.63 -11.22 13.21
C ARG A 488 -19.47 -9.77 12.78
N PRO A 489 -20.23 -9.30 11.79
CA PRO A 489 -19.99 -7.96 11.24
C PRO A 489 -20.62 -6.85 12.09
N LEU A 490 -20.11 -5.64 11.88
CA LEU A 490 -20.69 -4.45 12.48
C LEU A 490 -20.35 -3.29 11.56
N GLY A 491 -21.34 -2.84 10.79
CA GLY A 491 -21.07 -1.83 9.78
C GLY A 491 -20.19 -2.41 8.68
N GLU A 492 -19.06 -1.76 8.42
CA GLU A 492 -18.11 -2.23 7.43
C GLU A 492 -17.07 -3.19 8.01
N LEU A 493 -17.04 -3.36 9.34
CA LEU A 493 -16.08 -4.26 9.96
C LEU A 493 -16.57 -5.71 9.82
N ARG A 494 -15.74 -6.56 9.23
CA ARG A 494 -16.16 -7.93 8.93
C ARG A 494 -16.19 -8.81 10.17
N ALA A 495 -15.25 -8.61 11.09
CA ALA A 495 -15.14 -9.44 12.30
C ALA A 495 -15.09 -8.50 13.51
N TRP A 496 -16.27 -8.10 13.98
CA TRP A 496 -16.34 -7.21 15.14
C TRP A 496 -15.92 -7.91 16.43
N ASN A 497 -16.14 -9.23 16.51
CA ASN A 497 -15.75 -9.96 17.71
C ASN A 497 -14.25 -9.94 17.93
N ASN A 498 -13.47 -10.16 16.85
CA ASN A 498 -12.02 -10.14 16.94
C ASN A 498 -11.48 -8.77 17.33
N ILE A 499 -12.24 -7.71 17.13
CA ILE A 499 -11.82 -6.37 17.53
C ILE A 499 -12.24 -6.07 18.96
N ILE A 500 -13.50 -6.33 19.28
CA ILE A 500 -14.01 -5.98 20.60
C ILE A 500 -13.46 -6.88 21.70
N THR A 501 -12.93 -8.06 21.36
CA THR A 501 -12.37 -8.93 22.39
C THR A 501 -11.02 -8.45 22.89
N ASN A 502 -10.51 -7.33 22.40
CA ASN A 502 -9.26 -6.77 22.87
C ASN A 502 -9.43 -5.77 24.01
N ILE A 503 -10.66 -5.55 24.47
CA ILE A 503 -10.91 -4.54 25.50
C ILE A 503 -10.32 -4.94 26.84
N GLY A 504 -10.08 -6.22 27.07
CA GLY A 504 -9.46 -6.64 28.32
C GLY A 504 -8.07 -6.09 28.50
N TYR A 505 -7.29 -6.07 27.41
CA TYR A 505 -5.96 -5.48 27.46
C TYR A 505 -6.02 -4.00 27.81
N THR A 506 -6.94 -3.26 27.18
CA THR A 506 -7.05 -1.83 27.47
C THR A 506 -7.43 -1.59 28.92
N LEU A 507 -8.43 -2.34 29.41
CA LEU A 507 -8.88 -2.16 30.80
C LEU A 507 -7.76 -2.49 31.78
N TYR A 508 -7.06 -3.61 31.57
CA TYR A 508 -6.02 -4.00 32.50
C TYR A 508 -4.80 -3.09 32.41
N GLY A 509 -4.46 -2.60 31.23
CA GLY A 509 -3.37 -1.64 31.12
C GLY A 509 -3.67 -0.32 31.81
N ALA A 510 -4.89 0.19 31.63
CA ALA A 510 -5.28 1.41 32.34
C ALA A 510 -5.27 1.19 33.85
N ILE A 511 -5.75 0.04 34.31
CA ILE A 511 -5.71 -0.26 35.73
C ILE A 511 -4.27 -0.31 36.23
N PHE A 512 -3.38 -0.96 35.48
CA PHE A 512 -1.98 -1.03 35.88
C PHE A 512 -1.37 0.35 36.00
N ILE A 513 -1.61 1.21 35.02
CA ILE A 513 -1.03 2.55 35.03
C ILE A 513 -1.54 3.35 36.22
N VAL A 514 -2.87 3.38 36.40
CA VAL A 514 -3.47 4.20 37.45
C VAL A 514 -3.05 3.68 38.81
N LEU A 515 -3.04 2.35 38.98
CA LEU A 515 -2.63 1.76 40.24
C LEU A 515 -1.17 2.06 40.56
N SER A 516 -0.28 1.95 39.56
CA SER A 516 1.13 2.21 39.79
C SER A 516 1.37 3.66 40.17
N ILE A 517 0.70 4.60 39.50
CA ILE A 517 0.87 6.00 39.85
C ILE A 517 0.32 6.27 41.25
N CYS A 518 -0.85 5.73 41.57
CA CYS A 518 -1.47 6.01 42.86
C CYS A 518 -0.73 5.33 44.00
N ARG A 519 -0.21 4.12 43.75
CA ARG A 519 0.47 3.37 44.81
C ARG A 519 1.84 3.93 45.16
N ARG A 520 2.34 4.91 44.41
CA ARG A 520 3.64 5.49 44.68
C ARG A 520 3.66 6.15 46.05
N GLY A 521 4.71 5.87 46.81
CA GLY A 521 4.86 6.44 48.14
C GLY A 521 4.79 5.40 49.25
N SER A 526 10.65 3.69 53.91
CA SER A 526 10.35 4.14 52.55
C SER A 526 11.49 3.82 51.59
N HIS A 527 12.71 4.09 52.03
CA HIS A 527 13.91 3.79 51.24
C HIS A 527 14.91 2.93 51.99
N VAL A 528 14.59 2.50 53.21
CA VAL A 528 15.46 1.63 53.98
C VAL A 528 14.93 0.20 54.05
N PHE A 529 13.63 0.04 54.18
CA PHE A 529 13.02 -1.29 54.29
C PHE A 529 12.39 -1.69 52.96
N GLY A 530 12.42 -2.99 52.68
CA GLY A 530 11.68 -3.56 51.58
C GLY A 530 12.43 -3.53 50.26
N THR A 531 11.77 -4.09 49.25
CA THR A 531 12.30 -4.15 47.90
C THR A 531 12.14 -2.80 47.20
N TYR A 532 13.08 -2.50 46.30
CA TYR A 532 13.06 -1.25 45.55
C TYR A 532 11.76 -1.13 44.75
N GLU A 533 11.21 0.08 44.73
CA GLU A 533 9.97 0.33 44.01
C GLU A 533 10.21 0.30 42.50
N CYS A 534 9.15 0.00 41.76
CA CYS A 534 9.22 -0.21 40.32
C CYS A 534 8.09 0.52 39.60
N THR A 535 7.86 1.78 39.97
CA THR A 535 6.68 2.49 39.48
C THR A 535 6.73 2.71 37.97
N LEU A 536 7.86 3.21 37.47
CA LEU A 536 7.95 3.56 36.05
C LEU A 536 7.86 2.33 35.16
N LEU A 537 8.42 1.21 35.61
CA LEU A 537 8.38 0.02 34.78
C LEU A 537 6.99 -0.62 34.76
N ASP A 538 6.27 -0.56 35.88
CA ASP A 538 4.87 -0.99 35.87
C ASP A 538 4.02 -0.08 34.98
N VAL A 539 4.30 1.22 34.99
CA VAL A 539 3.63 2.12 34.08
C VAL A 539 3.92 1.73 32.64
N THR A 540 5.17 1.35 32.35
CA THR A 540 5.53 0.89 31.02
C THR A 540 4.78 -0.37 30.63
N ILE A 541 4.64 -1.31 31.57
CA ILE A 541 3.92 -2.55 31.30
C ILE A 541 2.46 -2.25 30.98
N GLY A 542 1.83 -1.36 31.74
CA GLY A 542 0.45 -0.98 31.44
C GLY A 542 0.33 -0.29 30.09
N VAL A 543 1.29 0.58 29.78
CA VAL A 543 1.29 1.27 28.48
C VAL A 543 1.37 0.25 27.36
N PHE A 544 2.20 -0.78 27.51
CA PHE A 544 2.33 -1.76 26.45
C PHE A 544 1.13 -2.71 26.39
N MET A 545 0.43 -2.90 27.50
CA MET A 545 -0.83 -3.65 27.42
C MET A 545 -1.86 -2.87 26.59
N VAL A 546 -1.94 -1.55 26.83
CA VAL A 546 -2.83 -0.71 26.01
C VAL A 546 -2.40 -0.73 24.56
N LEU A 547 -1.09 -0.66 24.31
CA LEU A 547 -0.59 -0.72 22.94
C LEU A 547 -0.92 -2.06 22.28
N GLN A 548 -0.87 -3.14 23.06
CA GLN A 548 -1.23 -4.45 22.54
C GLN A 548 -2.69 -4.48 22.12
N SER A 549 -3.56 -3.90 22.94
CA SER A 549 -4.98 -3.82 22.57
C SER A 549 -5.15 -3.04 21.27
N ILE A 550 -4.47 -1.90 21.16
CA ILE A 550 -4.61 -1.06 19.96
C ILE A 550 -4.11 -1.81 18.73
N ALA A 551 -2.94 -2.45 18.85
CA ALA A 551 -2.33 -3.11 17.69
C ALA A 551 -3.13 -4.32 17.26
N SER A 552 -3.66 -5.10 18.21
CA SER A 552 -4.45 -6.26 17.85
C SER A 552 -5.79 -5.85 17.27
N ALA A 553 -6.40 -4.76 17.77
CA ALA A 553 -7.63 -4.27 17.17
C ALA A 553 -7.39 -3.75 15.77
N THR A 554 -6.26 -3.09 15.53
CA THR A 554 -5.93 -2.60 14.20
C THR A 554 -5.68 -3.76 13.24
N TYR A 555 -5.00 -4.81 13.71
CA TYR A 555 -4.68 -5.94 12.83
C TYR A 555 -5.93 -6.62 12.30
N HIS A 556 -6.99 -6.68 13.12
CA HIS A 556 -8.17 -7.44 12.76
C HIS A 556 -9.15 -6.65 11.91
N ILE A 557 -8.85 -5.41 11.57
CA ILE A 557 -9.64 -4.70 10.57
C ILE A 557 -9.46 -5.35 9.21
N CYS A 558 -8.23 -5.70 8.85
CA CYS A 558 -7.93 -6.35 7.57
C CYS A 558 -6.65 -7.15 7.71
N PRO A 559 -6.75 -8.42 8.11
CA PRO A 559 -5.54 -9.25 8.21
C PRO A 559 -5.02 -9.63 6.83
N SER A 560 -3.76 -9.28 6.56
CA SER A 560 -3.15 -9.55 5.27
C SER A 560 -1.66 -9.81 5.46
N ASP A 561 -0.96 -9.98 4.35
CA ASP A 561 0.49 -10.19 4.36
C ASP A 561 1.16 -8.83 4.18
N VAL A 562 1.66 -8.27 5.28
CA VAL A 562 2.30 -6.96 5.26
C VAL A 562 3.69 -7.09 5.87
N ALA A 563 4.47 -6.01 5.79
CA ALA A 563 5.85 -6.05 6.29
C ALA A 563 5.90 -6.31 7.79
N PHE A 564 5.00 -5.69 8.55
CA PHE A 564 4.95 -5.84 10.00
C PHE A 564 3.61 -6.41 10.40
N GLN A 565 3.62 -7.64 10.92
CA GLN A 565 2.38 -8.29 11.32
C GLN A 565 1.74 -7.59 12.50
N PHE A 566 2.49 -7.47 13.60
CA PHE A 566 2.10 -6.66 14.76
C PHE A 566 0.82 -7.17 15.42
N ASP A 567 0.62 -8.48 15.40
CA ASP A 567 -0.51 -9.05 16.13
C ASP A 567 -0.19 -9.32 17.59
N THR A 568 0.97 -9.90 17.88
CA THR A 568 1.36 -10.17 19.26
C THR A 568 2.81 -9.85 19.64
N PRO A 569 3.44 -8.75 19.16
CA PRO A 569 4.79 -8.45 19.65
C PRO A 569 4.78 -7.72 20.98
N CYS A 570 3.68 -7.00 21.25
CA CYS A 570 3.56 -6.29 22.53
C CYS A 570 3.48 -7.28 23.69
N ILE A 571 2.92 -8.46 23.46
CA ILE A 571 2.93 -9.50 24.49
C ILE A 571 4.37 -9.94 24.77
N GLN A 572 5.18 -10.06 23.72
CA GLN A 572 6.60 -10.38 23.90
C GLN A 572 7.29 -9.29 24.71
N VAL A 573 6.98 -8.02 24.42
CA VAL A 573 7.55 -6.92 25.16
C VAL A 573 7.13 -6.97 26.63
N ILE A 574 5.87 -7.31 26.89
CA ILE A 574 5.39 -7.39 28.28
C ILE A 574 6.12 -8.50 29.02
N CYS A 575 6.32 -9.65 28.38
CA CYS A 575 7.05 -10.74 29.01
C CYS A 575 8.49 -10.33 29.31
N GLY A 576 9.14 -9.68 28.35
CA GLY A 576 10.50 -9.20 28.59
C GLY A 576 10.57 -8.18 29.71
N LEU A 577 9.56 -7.30 29.80
CA LEU A 577 9.55 -6.30 30.85
C LEU A 577 9.35 -6.93 32.22
N LEU A 578 8.52 -7.97 32.30
CA LEU A 578 8.39 -8.71 33.56
C LEU A 578 9.69 -9.37 33.95
N MET A 579 10.39 -9.95 32.97
CA MET A 579 11.70 -10.55 33.24
C MET A 579 12.68 -9.51 33.75
N VAL A 580 12.68 -8.32 33.13
CA VAL A 580 13.57 -7.24 33.55
C VAL A 580 13.24 -6.80 34.97
N ARG A 581 11.95 -6.67 35.28
CA ARG A 581 11.52 -6.30 36.61
C ARG A 581 12.05 -7.27 37.66
N GLN A 582 11.83 -8.57 37.44
CA GLN A 582 12.31 -9.54 38.41
C GLN A 582 13.83 -9.64 38.42
N TRP A 583 14.49 -9.25 37.33
CA TRP A 583 15.95 -9.26 37.30
C TRP A 583 16.54 -8.16 38.17
N PHE A 584 15.98 -6.95 38.08
CA PHE A 584 16.58 -5.78 38.73
C PHE A 584 15.90 -5.38 40.03
N VAL A 585 14.99 -6.20 40.56
CA VAL A 585 14.13 -5.74 41.64
C VAL A 585 14.89 -5.68 42.97
N ARG A 586 15.95 -6.47 43.11
CA ARG A 586 16.68 -6.55 44.38
C ARG A 586 18.03 -5.84 44.35
N HIS A 587 18.35 -5.12 43.28
CA HIS A 587 19.57 -4.33 43.20
C HIS A 587 19.28 -2.83 43.12
N GLU A 588 18.22 -2.45 42.41
CA GLU A 588 17.92 -1.05 42.15
C GLU A 588 16.47 -0.95 41.70
N SER A 589 16.09 0.23 41.24
CA SER A 589 14.80 0.42 40.60
C SER A 589 14.94 0.17 39.10
N PRO A 590 14.18 -0.74 38.50
CA PRO A 590 14.33 -1.02 37.08
C PRO A 590 14.06 0.22 36.23
N SER A 591 14.84 0.37 35.15
CA SER A 591 14.73 1.52 34.27
C SER A 591 14.07 1.14 32.95
N PRO A 592 13.35 2.08 32.33
CA PRO A 592 12.68 1.78 31.06
C PRO A 592 13.55 1.98 29.82
N ALA A 593 14.88 1.98 29.95
CA ALA A 593 15.76 1.91 28.78
C ALA A 593 15.97 0.47 28.31
N TYR A 594 15.89 -0.48 29.24
CA TYR A 594 15.76 -1.87 28.85
C TYR A 594 14.54 -2.07 27.96
N THR A 595 13.50 -1.25 28.14
CA THR A 595 12.38 -1.25 27.22
C THR A 595 12.82 -0.86 25.80
N ASN A 596 13.70 0.14 25.70
CA ASN A 596 14.19 0.55 24.39
C ASN A 596 14.90 -0.59 23.67
N ILE A 597 15.85 -1.21 24.36
CA ILE A 597 16.61 -2.28 23.71
C ILE A 597 15.71 -3.48 23.41
N LEU A 598 14.81 -3.81 24.33
CA LEU A 598 13.89 -4.93 24.12
C LEU A 598 12.97 -4.68 22.94
N LEU A 599 12.44 -3.46 22.81
CA LEU A 599 11.54 -3.17 21.71
C LEU A 599 12.28 -3.19 20.38
N VAL A 600 13.51 -2.67 20.34
CA VAL A 600 14.27 -2.74 19.11
C VAL A 600 14.49 -4.19 18.69
N GLY A 601 14.87 -5.04 19.66
CA GLY A 601 15.07 -6.45 19.33
C GLY A 601 13.80 -7.14 18.86
N VAL A 602 12.67 -6.86 19.53
CA VAL A 602 11.41 -7.51 19.18
C VAL A 602 10.96 -7.09 17.78
N VAL A 603 11.03 -5.80 17.48
CA VAL A 603 10.63 -5.32 16.16
C VAL A 603 11.55 -5.88 15.07
N SER A 604 12.86 -5.92 15.34
CA SER A 604 13.79 -6.48 14.38
C SER A 604 13.50 -7.96 14.12
N LEU A 605 13.23 -8.72 15.18
CA LEU A 605 12.91 -10.13 15.01
C LEU A 605 11.62 -10.32 14.21
N ASN A 606 10.61 -9.51 14.51
CA ASN A 606 9.34 -9.59 13.78
C ASN A 606 9.56 -9.32 12.29
N PHE A 607 10.28 -8.25 11.97
CA PHE A 607 10.54 -7.94 10.57
C PHE A 607 11.35 -9.02 9.88
N LEU A 608 12.36 -9.55 10.57
CA LEU A 608 13.20 -10.58 9.96
C LEU A 608 12.41 -11.85 9.69
N ILE A 609 11.55 -12.25 10.63
CA ILE A 609 10.71 -13.43 10.40
C ILE A 609 9.74 -13.19 9.27
N SER A 610 9.20 -11.96 9.16
CA SER A 610 8.28 -11.66 8.07
C SER A 610 8.96 -11.68 6.72
N ALA A 611 10.21 -11.20 6.65
CA ALA A 611 10.88 -11.04 5.37
C ALA A 611 11.38 -12.38 4.81
N PHE A 612 11.71 -13.33 5.68
CA PHE A 612 12.25 -14.62 5.26
C PHE A 612 11.22 -15.73 5.35
N SER A 613 9.94 -15.40 5.44
CA SER A 613 8.91 -16.42 5.65
C SER A 613 8.79 -17.35 4.45
N LYS A 614 9.05 -16.85 3.25
CA LYS A 614 8.88 -17.66 2.05
C LYS A 614 10.01 -18.67 1.85
N THR A 615 11.16 -18.47 2.49
CA THR A 615 12.29 -19.36 2.31
C THR A 615 12.12 -20.62 3.16
N SER A 616 13.13 -21.49 3.10
CA SER A 616 13.13 -22.75 3.82
C SER A 616 14.14 -22.78 4.96
N TYR A 617 14.79 -21.65 5.25
CA TYR A 617 15.80 -21.60 6.31
C TYR A 617 15.49 -20.53 7.34
N VAL A 618 14.26 -20.04 7.39
CA VAL A 618 13.90 -18.99 8.34
C VAL A 618 13.97 -19.51 9.78
N ARG A 619 13.50 -20.74 9.99
CA ARG A 619 13.54 -21.30 11.33
C ARG A 619 14.97 -21.51 11.83
N PHE A 620 15.91 -21.75 10.93
CA PHE A 620 17.31 -21.86 11.34
C PHE A 620 17.85 -20.52 11.80
N ILE A 621 17.50 -19.44 11.10
CA ILE A 621 17.88 -18.09 11.55
C ILE A 621 17.26 -17.79 12.90
N ILE A 622 15.99 -18.17 13.08
CA ILE A 622 15.32 -17.99 14.37
C ILE A 622 16.07 -18.73 15.46
N ALA A 623 16.46 -19.99 15.19
CA ALA A 623 17.15 -20.79 16.19
C ALA A 623 18.52 -20.20 16.53
N VAL A 624 19.24 -19.68 15.53
CA VAL A 624 20.54 -19.09 15.80
C VAL A 624 20.39 -17.85 16.67
N ILE A 625 19.43 -16.98 16.34
CA ILE A 625 19.19 -15.78 17.15
C ILE A 625 18.76 -16.17 18.56
N HIS A 626 17.90 -17.18 18.68
CA HIS A 626 17.43 -17.65 19.98
C HIS A 626 18.59 -18.14 20.83
N VAL A 627 19.48 -18.94 20.24
CA VAL A 627 20.64 -19.45 20.96
C VAL A 627 21.53 -18.31 21.42
N ILE A 628 21.75 -17.31 20.54
CA ILE A 628 22.61 -16.18 20.89
C ILE A 628 22.01 -15.42 22.08
N VAL A 629 20.70 -15.16 22.02
CA VAL A 629 20.05 -14.40 23.10
C VAL A 629 20.11 -15.15 24.42
N VAL A 630 19.84 -16.46 24.38
CA VAL A 630 19.87 -17.25 25.60
C VAL A 630 21.28 -17.30 26.18
N GLY A 631 22.29 -17.46 25.32
CA GLY A 631 23.66 -17.46 25.81
C GLY A 631 24.05 -16.13 26.42
N SER A 632 23.62 -15.03 25.80
CA SER A 632 23.91 -13.71 26.37
C SER A 632 23.24 -13.54 27.73
N ILE A 633 22.00 -14.00 27.87
CA ILE A 633 21.32 -13.89 29.16
C ILE A 633 22.03 -14.72 30.22
N CYS A 634 22.43 -15.94 29.86
CA CYS A 634 23.11 -16.81 30.82
C CYS A 634 24.46 -16.21 31.24
N LEU A 635 25.20 -15.65 30.27
CA LEU A 635 26.47 -15.03 30.59
C LEU A 635 26.29 -13.81 31.49
N ALA A 636 25.26 -13.01 31.22
CA ALA A 636 24.97 -11.86 32.06
C ALA A 636 24.62 -12.29 33.49
N LYS A 637 23.84 -13.35 33.62
CA LYS A 637 23.54 -13.89 34.95
C LYS A 637 24.82 -14.33 35.66
N GLU A 638 25.69 -15.04 34.95
CA GLU A 638 26.93 -15.52 35.55
C GLU A 638 27.80 -14.37 36.01
N ARG A 639 27.88 -13.30 35.21
CA ARG A 639 28.69 -12.16 35.58
C ARG A 639 28.09 -11.39 36.74
N SER A 640 26.77 -11.20 36.73
CA SER A 640 26.12 -10.38 37.76
C SER A 640 26.14 -11.07 39.11
N LEU A 641 25.77 -12.35 39.15
CA LEU A 641 25.61 -13.03 40.43
C LEU A 641 26.88 -13.72 40.91
N GLY A 642 27.74 -14.14 39.99
CA GLY A 642 28.91 -14.91 40.35
C GLY A 642 28.70 -16.41 40.23
N SER A 643 29.81 -17.14 40.22
CA SER A 643 29.76 -18.58 39.98
C SER A 643 29.60 -19.37 41.28
N GLU A 644 28.49 -19.21 41.97
CA GLU A 644 28.15 -20.08 43.09
C GLU A 644 27.44 -21.32 42.56
N LYS A 645 27.65 -22.46 43.23
CA LYS A 645 27.12 -23.74 42.77
C LYS A 645 25.60 -23.75 42.70
N LEU A 646 24.94 -23.34 43.79
CA LEU A 646 23.49 -23.53 43.89
C LEU A 646 22.72 -22.54 43.00
N LYS A 647 23.16 -21.28 42.96
CA LYS A 647 22.34 -20.24 42.35
C LYS A 647 22.45 -20.25 40.83
N THR A 648 23.64 -20.00 40.31
CA THR A 648 23.78 -19.69 38.89
C THR A 648 23.89 -20.94 38.04
N ARG A 649 24.52 -21.99 38.57
CA ARG A 649 24.73 -23.19 37.76
C ARG A 649 23.40 -23.83 37.37
N PHE A 650 22.51 -24.02 38.34
CA PHE A 650 21.21 -24.64 38.04
C PHE A 650 20.35 -23.72 37.19
N PHE A 651 20.46 -22.40 37.40
CA PHE A 651 19.75 -21.46 36.54
C PHE A 651 20.17 -21.61 35.09
N ILE A 652 21.47 -21.62 34.84
CA ILE A 652 21.97 -21.76 33.47
C ILE A 652 21.56 -23.11 32.89
N MET A 653 21.67 -24.17 33.69
CA MET A 653 21.31 -25.50 33.22
C MET A 653 19.83 -25.55 32.81
N ALA A 654 18.94 -25.12 33.70
CA ALA A 654 17.51 -25.19 33.42
C ALA A 654 17.13 -24.30 32.23
N PHE A 655 17.68 -23.08 32.18
CA PHE A 655 17.36 -22.17 31.08
C PHE A 655 17.82 -22.75 29.74
N SER A 656 19.05 -23.27 29.70
CA SER A 656 19.56 -23.84 28.46
C SER A 656 18.77 -25.06 28.04
N MET A 657 18.43 -25.95 28.99
CA MET A 657 17.65 -27.13 28.64
C MET A 657 16.27 -26.76 28.11
N GLY A 658 15.60 -25.81 28.77
CA GLY A 658 14.27 -25.42 28.32
C GLY A 658 14.29 -24.78 26.95
N ASN A 659 15.25 -23.89 26.71
CA ASN A 659 15.33 -23.23 25.41
C ASN A 659 15.76 -24.19 24.31
N PHE A 660 16.66 -25.12 24.61
CA PHE A 660 17.03 -26.14 23.64
C PHE A 660 15.85 -27.04 23.29
N ALA A 661 15.06 -27.41 24.31
CA ALA A 661 13.86 -28.20 24.05
C ALA A 661 12.88 -27.43 23.17
N ALA A 662 12.70 -26.14 23.44
CA ALA A 662 11.82 -25.34 22.59
C ALA A 662 12.33 -25.26 21.16
N ILE A 663 13.64 -25.06 20.99
CA ILE A 663 14.22 -24.95 19.65
C ILE A 663 14.07 -26.26 18.89
N VAL A 664 14.31 -27.39 19.56
CA VAL A 664 14.08 -28.69 18.94
C VAL A 664 12.61 -28.85 18.59
N MET A 665 11.72 -28.34 19.45
CA MET A 665 10.28 -28.47 19.21
C MET A 665 9.86 -27.73 17.94
N TYR A 666 10.29 -26.49 17.77
CA TYR A 666 9.81 -25.76 16.60
C TYR A 666 10.68 -25.93 15.37
N LEU A 667 11.77 -26.70 15.47
CA LEU A 667 12.58 -26.96 14.28
C LEU A 667 12.11 -28.19 13.52
N THR A 668 11.58 -29.20 14.21
CA THR A 668 11.24 -30.49 13.62
C THR A 668 9.84 -30.92 14.01
N LEU A 669 8.88 -30.01 13.93
CA LEU A 669 7.51 -30.45 14.19
C LEU A 669 6.53 -30.04 13.11
N SER A 670 6.70 -28.85 12.51
CA SER A 670 5.84 -28.32 11.46
C SER A 670 4.43 -28.01 11.98
N ALA A 671 4.16 -28.35 13.23
CA ALA A 671 2.90 -27.97 13.86
C ALA A 671 2.94 -26.57 14.45
N PHE A 672 4.14 -26.02 14.67
CA PHE A 672 4.29 -24.65 15.13
C PHE A 672 4.43 -23.74 13.93
N HIS A 673 3.52 -22.78 13.80
CA HIS A 673 3.56 -21.86 12.68
C HIS A 673 4.58 -20.76 12.92
N LEU A 674 4.93 -20.06 11.84
CA LEU A 674 5.98 -19.05 11.92
C LEU A 674 5.59 -17.91 12.86
N ASN A 675 4.32 -17.49 12.81
CA ASN A 675 3.89 -16.33 13.56
C ASN A 675 3.70 -16.60 15.05
N GLN A 676 3.88 -17.84 15.50
CA GLN A 676 3.69 -18.19 16.90
C GLN A 676 4.98 -18.46 17.66
N ILE A 677 6.09 -18.68 16.95
CA ILE A 677 7.32 -19.16 17.60
C ILE A 677 7.84 -18.12 18.57
N ALA A 678 7.94 -16.86 18.15
CA ALA A 678 8.52 -15.83 18.99
C ALA A 678 7.67 -15.58 20.24
N THR A 679 6.35 -15.52 20.07
CA THR A 679 5.47 -15.33 21.21
C THR A 679 5.57 -16.49 22.19
N TYR A 680 5.61 -17.72 21.67
CA TYR A 680 5.72 -18.88 22.55
C TYR A 680 7.04 -18.86 23.32
N CYS A 681 8.13 -18.53 22.64
CA CYS A 681 9.43 -18.50 23.30
C CYS A 681 9.47 -17.44 24.39
N PHE A 682 8.93 -16.25 24.10
CA PHE A 682 8.93 -15.18 25.11
C PHE A 682 8.07 -15.56 26.31
N ILE A 683 6.90 -16.15 26.07
CA ILE A 683 6.03 -16.56 27.17
C ILE A 683 6.71 -17.62 28.03
N ILE A 684 7.32 -18.61 27.37
CA ILE A 684 7.96 -19.70 28.11
C ILE A 684 9.12 -19.17 28.94
N ASN A 685 9.92 -18.26 28.38
CA ASN A 685 11.06 -17.73 29.12
C ASN A 685 10.60 -16.89 30.30
N CYS A 686 9.55 -16.08 30.12
CA CYS A 686 9.02 -15.30 31.24
C CYS A 686 8.52 -16.21 32.35
N ILE A 687 7.78 -17.26 31.99
CA ILE A 687 7.25 -18.17 33.00
C ILE A 687 8.38 -18.90 33.72
N MET A 688 9.39 -19.35 32.98
CA MET A 688 10.51 -20.04 33.59
C MET A 688 11.25 -19.14 34.56
N TYR A 689 11.48 -17.87 34.18
CA TYR A 689 12.22 -16.99 35.08
C TYR A 689 11.39 -16.65 36.31
N LEU A 690 10.07 -16.49 36.15
CA LEU A 690 9.22 -16.25 37.31
C LEU A 690 9.21 -17.44 38.27
N MET A 691 9.14 -18.65 37.72
CA MET A 691 9.21 -19.85 38.55
C MET A 691 10.56 -19.94 39.27
N TYR A 692 11.63 -19.58 38.56
CA TYR A 692 12.96 -19.58 39.18
C TYR A 692 13.03 -18.58 40.33
N TYR A 693 12.46 -17.39 40.13
CA TYR A 693 12.43 -16.39 41.20
C TYR A 693 11.66 -16.90 42.41
N GLY A 694 10.51 -17.54 42.18
CA GLY A 694 9.75 -18.10 43.29
C GLY A 694 10.51 -19.20 44.02
N CYS A 695 11.15 -20.09 43.26
CA CYS A 695 11.93 -21.16 43.87
C CYS A 695 13.09 -20.60 44.68
N MET A 696 13.72 -19.53 44.19
CA MET A 696 14.81 -18.91 44.93
C MET A 696 14.30 -18.28 46.21
N LYS A 697 13.12 -17.65 46.17
CA LYS A 697 12.52 -17.12 47.39
C LYS A 697 12.26 -18.24 48.40
N VAL A 698 11.70 -19.35 47.94
CA VAL A 698 11.38 -20.45 48.85
C VAL A 698 12.66 -21.04 49.43
N LEU A 699 13.67 -21.26 48.59
CA LEU A 699 14.91 -21.90 49.00
C LEU A 699 15.74 -21.04 49.95
N HIS A 700 15.58 -19.71 49.91
CA HIS A 700 16.33 -18.81 50.77
C HIS A 700 15.65 -18.57 52.11
N SER A 701 14.82 -19.52 52.56
CA SER A 701 14.14 -19.45 53.84
C SER A 701 13.24 -18.22 53.95
N GLU A 702 12.62 -17.85 52.84
CA GLU A 702 11.61 -16.81 52.84
C GLU A 702 10.22 -17.42 52.71
N ARG A 703 9.20 -16.60 52.93
CA ARG A 703 7.82 -17.06 52.92
C ARG A 703 7.06 -16.36 51.81
N ILE A 704 6.36 -17.14 51.00
CA ILE A 704 5.47 -16.60 49.97
C ILE A 704 4.05 -16.66 50.50
N THR A 705 3.36 -15.52 50.49
CA THR A 705 2.02 -15.45 51.01
C THR A 705 1.07 -16.30 50.18
N SER A 706 0.04 -16.84 50.83
CA SER A 706 -0.94 -17.67 50.13
C SER A 706 -1.64 -16.88 49.03
N LYS A 707 -1.78 -15.56 49.21
CA LYS A 707 -2.32 -14.72 48.16
C LYS A 707 -1.42 -14.72 46.94
N ALA A 708 -0.11 -14.64 47.15
CA ALA A 708 0.83 -14.69 46.04
C ALA A 708 0.84 -16.06 45.38
N LYS A 709 0.69 -17.13 46.18
CA LYS A 709 0.58 -18.47 45.61
C LYS A 709 -0.66 -18.59 44.74
N LEU A 710 -1.78 -18.03 45.20
CA LEU A 710 -3.02 -18.05 44.41
C LEU A 710 -2.85 -17.28 43.11
N CYS A 711 -2.20 -16.11 43.18
CA CYS A 711 -1.97 -15.32 41.97
C CYS A 711 -1.07 -16.05 40.99
N GLY A 712 -0.03 -16.71 41.49
CA GLY A 712 0.85 -17.46 40.60
C GLY A 712 0.16 -18.66 39.97
N ALA A 713 -0.65 -19.38 40.75
CA ALA A 713 -1.39 -20.51 40.19
C ALA A 713 -2.38 -20.05 39.12
N LEU A 714 -3.08 -18.95 39.38
CA LEU A 714 -3.99 -18.41 38.39
C LEU A 714 -3.25 -17.96 37.13
N SER A 715 -2.07 -17.36 37.30
CA SER A 715 -1.28 -16.95 36.15
C SER A 715 -0.87 -18.16 35.31
N LEU A 716 -0.41 -19.23 35.97
CA LEU A 716 -0.02 -20.43 35.22
C LEU A 716 -1.20 -21.02 34.47
N LEU A 717 -2.36 -21.12 35.14
CA LEU A 717 -3.54 -21.70 34.48
C LEU A 717 -3.98 -20.85 33.31
N ALA A 718 -4.01 -19.52 33.48
CA ALA A 718 -4.42 -18.64 32.41
C ALA A 718 -3.46 -18.71 31.23
N TRP A 719 -2.15 -18.78 31.51
CA TRP A 719 -1.19 -18.89 30.42
C TRP A 719 -1.35 -20.20 29.66
N ALA A 720 -1.61 -21.29 30.38
CA ALA A 720 -1.85 -22.56 29.71
C ALA A 720 -3.07 -22.50 28.80
N VAL A 721 -4.17 -21.93 29.30
CA VAL A 721 -5.39 -21.82 28.50
C VAL A 721 -5.17 -20.93 27.29
N ALA A 722 -4.49 -19.79 27.49
CA ALA A 722 -4.22 -18.88 26.39
C ALA A 722 -3.35 -19.54 25.33
N GLY A 723 -2.35 -20.31 25.75
CA GLY A 723 -1.52 -21.00 24.78
C GLY A 723 -2.28 -22.07 24.02
N PHE A 724 -3.17 -22.79 24.71
CA PHE A 724 -4.00 -23.77 24.04
C PHE A 724 -4.86 -23.12 22.97
N PHE A 725 -5.45 -21.97 23.27
CA PHE A 725 -6.29 -21.31 22.28
C PHE A 725 -5.48 -20.62 21.19
N PHE A 726 -4.24 -20.23 21.52
CA PHE A 726 -3.35 -19.64 20.52
C PHE A 726 -2.89 -20.67 19.50
N PHE A 727 -2.70 -21.92 19.94
CA PHE A 727 -2.26 -22.96 19.03
C PHE A 727 -3.25 -23.22 17.90
N GLN A 728 -4.54 -22.94 18.10
CA GLN A 728 -5.55 -23.22 17.09
C GLN A 728 -5.63 -22.15 16.02
N ASP A 729 -4.61 -21.29 15.89
CA ASP A 729 -4.68 -20.17 14.94
C ASP A 729 -4.67 -20.66 13.50
N ASP A 730 -3.61 -21.35 13.10
CA ASP A 730 -3.44 -21.88 11.74
C ASP A 730 -3.49 -20.74 10.71
N THR A 731 -2.54 -19.83 10.84
CA THR A 731 -2.35 -18.73 9.91
C THR A 731 -1.03 -18.90 9.19
N ASP A 732 -1.06 -18.83 7.86
CA ASP A 732 0.11 -19.07 7.04
C ASP A 732 -0.01 -18.24 5.77
N TRP A 733 0.83 -17.22 5.64
CA TRP A 733 0.79 -16.33 4.49
C TRP A 733 1.58 -16.85 3.30
N THR A 734 2.24 -18.00 3.43
CA THR A 734 2.98 -18.58 2.31
C THR A 734 2.09 -19.36 1.37
N ARG A 735 0.87 -19.70 1.77
CA ARG A 735 -0.03 -20.44 0.91
C ARG A 735 -0.89 -19.48 0.07
N SER A 736 -1.62 -20.05 -0.88
CA SER A 736 -2.39 -19.27 -1.83
C SER A 736 -3.61 -18.65 -1.15
N ALA A 737 -4.21 -17.67 -1.84
CA ALA A 737 -5.39 -17.00 -1.32
C ALA A 737 -6.56 -17.97 -1.13
N ALA A 738 -6.73 -18.90 -2.08
CA ALA A 738 -7.80 -19.89 -1.94
C ALA A 738 -7.57 -20.79 -0.73
N ALA A 739 -6.32 -21.20 -0.50
CA ALA A 739 -6.02 -22.03 0.66
C ALA A 739 -6.28 -21.28 1.95
N SER A 740 -5.98 -19.97 1.97
CA SER A 740 -6.33 -19.16 3.12
C SER A 740 -7.84 -19.06 3.31
N ARG A 741 -8.57 -18.83 2.22
CA ARG A 741 -10.02 -18.69 2.28
C ARG A 741 -10.74 -19.97 2.65
N ALA A 742 -10.07 -21.12 2.53
CA ALA A 742 -10.70 -22.38 2.87
C ALA A 742 -10.71 -22.70 4.37
N LEU A 743 -10.52 -21.72 5.25
CA LEU A 743 -10.57 -21.98 6.68
C LEU A 743 -12.00 -21.91 7.17
N ASN A 744 -12.41 -22.90 7.96
CA ASN A 744 -13.81 -23.11 8.35
C ASN A 744 -13.92 -23.45 9.82
N LYS A 745 -13.29 -22.67 10.68
CA LYS A 745 -13.41 -22.88 12.11
C LYS A 745 -14.59 -22.09 12.66
N PRO A 746 -15.61 -22.73 13.21
CA PRO A 746 -16.80 -22.00 13.67
C PRO A 746 -16.60 -21.45 15.07
N CYS A 747 -17.55 -20.60 15.47
CA CYS A 747 -17.52 -19.98 16.78
C CYS A 747 -17.77 -21.03 17.86
N LEU A 748 -17.17 -20.83 19.04
CA LEU A 748 -17.27 -21.82 20.10
C LEU A 748 -18.39 -21.47 21.08
N LEU A 749 -18.56 -20.20 21.41
CA LEU A 749 -19.45 -19.77 22.47
C LEU A 749 -20.41 -18.71 21.95
N LEU A 750 -21.71 -18.95 22.13
CA LEU A 750 -22.77 -17.99 21.84
C LEU A 750 -22.77 -17.54 20.38
N GLY A 751 -22.15 -18.30 19.49
CA GLY A 751 -22.04 -17.89 18.11
C GLY A 751 -21.27 -16.59 17.93
N PHE A 752 -20.44 -16.23 18.89
CA PHE A 752 -19.71 -14.97 18.87
C PHE A 752 -18.23 -15.14 19.18
N PHE A 753 -17.87 -16.03 20.09
CA PHE A 753 -16.49 -16.21 20.54
C PHE A 753 -15.89 -17.45 19.90
N GLY A 754 -14.80 -17.27 19.15
CA GLY A 754 -14.03 -18.34 18.60
C GLY A 754 -12.79 -18.63 19.40
N SER A 755 -11.89 -19.42 18.80
CA SER A 755 -10.62 -19.72 19.45
C SER A 755 -9.77 -18.48 19.61
N HIS A 756 -9.77 -17.60 18.59
CA HIS A 756 -8.93 -16.41 18.63
C HIS A 756 -9.43 -15.39 19.64
N ASP A 757 -10.75 -15.24 19.75
CA ASP A 757 -11.31 -14.34 20.76
C ASP A 757 -10.98 -14.82 22.16
N LEU A 758 -11.11 -16.13 22.40
CA LEU A 758 -10.72 -16.68 23.69
C LEU A 758 -9.23 -16.53 23.95
N TRP A 759 -8.41 -16.61 22.90
CA TRP A 759 -6.98 -16.34 23.05
C TRP A 759 -6.74 -14.92 23.50
N HIS A 760 -7.44 -13.95 22.90
CA HIS A 760 -7.32 -12.55 23.34
C HIS A 760 -7.70 -12.40 24.80
N ILE A 761 -8.87 -12.92 25.17
CA ILE A 761 -9.39 -12.74 26.52
C ILE A 761 -8.47 -13.39 27.56
N PHE A 762 -8.04 -14.62 27.29
CA PHE A 762 -7.22 -15.33 28.26
C PHE A 762 -5.78 -14.82 28.30
N GLY A 763 -5.28 -14.28 27.19
CA GLY A 763 -4.00 -13.59 27.24
C GLY A 763 -4.05 -12.35 28.11
N ALA A 764 -5.13 -11.58 28.00
CA ALA A 764 -5.31 -10.44 28.89
C ALA A 764 -5.39 -10.89 30.36
N LEU A 765 -6.15 -11.95 30.62
CA LEU A 765 -6.25 -12.46 31.99
C LEU A 765 -4.90 -12.92 32.52
N ALA A 766 -4.12 -13.61 31.69
CA ALA A 766 -2.81 -14.09 32.11
C ALA A 766 -1.87 -12.93 32.40
N GLY A 767 -1.90 -11.89 31.56
CA GLY A 767 -1.10 -10.71 31.85
C GLY A 767 -1.48 -10.08 33.18
N LEU A 768 -2.78 -9.97 33.44
CA LEU A 768 -3.25 -9.40 34.69
C LEU A 768 -2.76 -10.21 35.89
N PHE A 769 -2.91 -11.54 35.83
CA PHE A 769 -2.51 -12.38 36.94
C PHE A 769 -1.00 -12.32 37.17
N THR A 770 -0.21 -12.32 36.10
CA THR A 770 1.23 -12.21 36.23
C THR A 770 1.64 -10.88 36.86
N PHE A 771 0.98 -9.79 36.45
CA PHE A 771 1.29 -8.48 37.04
C PHE A 771 0.96 -8.48 38.53
N ILE A 772 -0.19 -9.03 38.91
CA ILE A 772 -0.54 -9.07 40.33
C ILE A 772 0.48 -9.90 41.11
N PHE A 773 0.90 -11.04 40.53
CA PHE A 773 1.87 -11.89 41.22
C PHE A 773 3.20 -11.17 41.44
N VAL A 774 3.70 -10.49 40.41
CA VAL A 774 4.99 -9.83 40.58
C VAL A 774 4.86 -8.65 41.52
N SER A 775 3.69 -8.00 41.56
CA SER A 775 3.48 -6.92 42.51
C SER A 775 3.41 -7.43 43.94
N PHE A 776 2.92 -8.65 44.15
CA PHE A 776 2.57 -9.09 45.48
C PHE A 776 3.53 -10.14 46.06
N VAL A 777 4.46 -10.66 45.26
CA VAL A 777 5.28 -11.78 45.72
C VAL A 777 6.23 -11.37 46.85
N ASP A 778 6.84 -10.19 46.77
CA ASP A 778 7.83 -9.76 47.73
C ASP A 778 7.21 -9.03 48.93
N ASP A 779 5.92 -9.26 49.18
CA ASP A 779 5.23 -8.59 50.29
C ASP A 779 5.75 -9.02 51.65
N ASP A 780 6.39 -10.19 51.75
CA ASP A 780 6.93 -10.66 53.02
C ASP A 780 8.20 -9.93 53.42
N LEU A 781 8.81 -9.16 52.53
CA LEU A 781 10.03 -8.42 52.82
C LEU A 781 9.77 -6.94 53.06
N ILE A 782 8.52 -6.55 53.32
CA ILE A 782 8.17 -5.14 53.41
C ILE A 782 8.92 -4.45 54.55
N ASN A 783 9.11 -5.15 55.67
CA ASN A 783 9.79 -4.57 56.82
C ASN A 783 11.26 -4.96 56.90
N THR A 784 11.72 -5.88 56.06
CA THR A 784 13.11 -6.30 56.10
C THR A 784 14.03 -5.18 55.62
N ARG A 785 15.14 -5.00 56.32
CA ARG A 785 16.09 -3.93 56.01
C ARG A 785 16.72 -4.22 54.65
N LYS A 786 16.95 -3.14 53.88
CA LYS A 786 17.50 -3.33 52.52
C LYS A 786 18.89 -3.94 52.54
N THR A 787 19.62 -3.78 53.65
CA THR A 787 20.95 -4.37 53.74
C THR A 787 20.90 -5.88 53.93
N SER A 788 19.85 -6.38 54.59
CA SER A 788 19.72 -7.81 54.87
C SER A 788 18.94 -8.56 53.81
N ILE A 789 18.50 -7.88 52.75
CA ILE A 789 17.74 -8.53 51.69
C ILE A 789 18.70 -9.37 50.84
N ASN A 790 18.34 -10.64 50.65
CA ASN A 790 19.15 -11.51 49.79
C ASN A 790 19.05 -11.07 48.33
N ILE A 791 20.15 -11.26 47.60
CA ILE A 791 20.24 -10.89 46.20
C ILE A 791 20.24 -12.17 45.37
N PHE A 792 19.35 -12.24 44.39
CA PHE A 792 19.34 -13.33 43.43
C PHE A 792 18.54 -12.94 42.19
N ASN D 48 -38.10 -10.39 -45.67
CA ASN D 48 -36.85 -9.78 -45.20
C ASN D 48 -36.02 -10.78 -44.42
N SER D 49 -34.81 -10.38 -44.02
CA SER D 49 -33.90 -11.29 -43.34
C SER D 49 -33.35 -10.68 -42.05
N SER D 50 -33.66 -9.39 -41.82
CA SER D 50 -33.26 -8.66 -40.63
C SER D 50 -31.76 -8.40 -40.58
N VAL D 51 -31.03 -8.88 -41.57
CA VAL D 51 -29.59 -8.65 -41.69
C VAL D 51 -29.33 -8.02 -43.05
N LEU D 52 -28.73 -6.83 -43.06
CA LEU D 52 -28.46 -6.10 -44.28
C LEU D 52 -26.95 -5.92 -44.44
N VAL D 53 -26.42 -6.34 -45.58
CA VAL D 53 -24.98 -6.30 -45.84
C VAL D 53 -24.68 -5.17 -46.80
N PHE D 54 -23.77 -4.29 -46.41
CA PHE D 54 -23.41 -3.13 -47.22
C PHE D 54 -21.93 -3.18 -47.55
N GLU D 55 -21.62 -2.96 -48.82
CA GLU D 55 -20.24 -2.85 -49.29
C GLU D 55 -19.86 -1.37 -49.33
N ILE D 56 -18.86 -1.00 -48.54
CA ILE D 56 -18.41 0.38 -48.43
C ILE D 56 -17.04 0.49 -49.10
N SER D 57 -16.81 1.61 -49.77
CA SER D 57 -15.55 1.85 -50.44
C SER D 57 -14.51 2.37 -49.46
N SER D 58 -13.24 2.34 -49.90
CA SER D 58 -12.16 2.87 -49.09
C SER D 58 -12.21 4.40 -49.01
N LYS D 59 -12.80 5.04 -50.03
CA LYS D 59 -12.89 6.49 -50.03
C LYS D 59 -13.93 7.00 -49.04
N MET D 60 -14.82 6.12 -48.58
CA MET D 60 -15.88 6.55 -47.67
C MET D 60 -15.31 6.81 -46.28
N LYS D 61 -15.34 8.07 -45.87
CA LYS D 61 -14.92 8.46 -44.53
C LYS D 61 -16.09 8.68 -43.58
N MET D 62 -17.23 9.13 -44.10
CA MET D 62 -18.42 9.35 -43.31
C MET D 62 -19.55 8.52 -43.88
N ILE D 63 -20.23 7.76 -43.03
CA ILE D 63 -21.35 6.93 -43.43
C ILE D 63 -22.56 7.30 -42.58
N GLU D 64 -23.66 7.66 -43.24
CA GLU D 64 -24.91 7.97 -42.57
C GLU D 64 -25.96 6.94 -42.99
N LYS D 65 -26.57 6.29 -42.01
CA LYS D 65 -27.57 5.27 -42.29
C LYS D 65 -28.62 5.28 -41.19
N LYS D 66 -29.77 4.71 -41.52
CA LYS D 66 -30.87 4.55 -40.57
C LYS D 66 -31.03 3.08 -40.23
N LEU D 67 -30.97 2.76 -38.94
CA LEU D 67 -31.14 1.41 -38.45
C LEU D 67 -32.62 1.19 -38.14
N GLU D 68 -33.30 0.48 -39.03
CA GLU D 68 -34.70 0.15 -38.79
C GLU D 68 -34.83 -0.76 -37.58
N ALA D 69 -36.02 -0.76 -36.98
CA ALA D 69 -36.24 -1.51 -35.75
C ALA D 69 -36.00 -3.00 -35.97
N ASN D 70 -35.26 -3.62 -35.04
CA ASN D 70 -34.99 -5.05 -35.05
C ASN D 70 -34.27 -5.49 -36.34
N THR D 71 -33.35 -4.65 -36.82
CA THR D 71 -32.53 -5.00 -37.97
C THR D 71 -31.06 -4.82 -37.61
N VAL D 72 -30.20 -5.51 -38.35
CA VAL D 72 -28.77 -5.49 -38.12
C VAL D 72 -28.08 -5.05 -39.41
N HIS D 73 -27.12 -4.15 -39.28
CA HIS D 73 -26.34 -3.66 -40.41
C HIS D 73 -24.94 -4.24 -40.36
N VAL D 74 -24.52 -4.87 -41.46
CA VAL D 74 -23.16 -5.36 -41.61
C VAL D 74 -22.51 -4.57 -42.74
N LEU D 75 -21.40 -3.92 -42.43
CA LEU D 75 -20.67 -3.11 -43.40
C LEU D 75 -19.29 -3.74 -43.60
N ARG D 76 -18.89 -3.90 -44.87
CA ARG D 76 -17.66 -4.57 -45.22
C ARG D 76 -16.79 -3.68 -46.09
N LEU D 77 -15.52 -3.57 -45.72
CA LEU D 77 -14.53 -2.86 -46.52
C LEU D 77 -13.37 -3.80 -46.78
N GLU D 78 -13.02 -3.98 -48.06
CA GLU D 78 -11.91 -4.84 -48.43
C GLU D 78 -10.59 -4.13 -48.21
N LEU D 79 -9.69 -4.79 -47.50
CA LEU D 79 -8.36 -4.25 -47.20
C LEU D 79 -7.33 -4.92 -48.09
N ASP D 80 -6.77 -4.17 -49.03
CA ASP D 80 -5.71 -4.68 -49.89
C ASP D 80 -4.37 -4.46 -49.19
N GLN D 81 -3.28 -4.68 -49.93
CA GLN D 81 -1.94 -4.60 -49.37
C GLN D 81 -1.57 -3.19 -48.90
N SER D 82 -2.24 -2.16 -49.43
CA SER D 82 -1.93 -0.78 -49.05
C SER D 82 -2.30 -0.46 -47.61
N PHE D 83 -3.03 -1.33 -46.92
CA PHE D 83 -3.44 -1.10 -45.55
C PHE D 83 -2.47 -1.68 -44.53
N ILE D 84 -1.27 -2.08 -44.97
CA ILE D 84 -0.29 -2.64 -44.05
C ILE D 84 0.21 -1.56 -43.10
N LEU D 85 0.17 -1.85 -41.80
CA LEU D 85 0.67 -0.95 -40.76
C LEU D 85 -0.06 0.39 -40.77
N ASP D 86 -1.34 0.36 -41.17
CA ASP D 86 -2.21 1.53 -41.14
C ASP D 86 -3.09 1.44 -39.90
N LEU D 87 -2.99 2.44 -39.03
CA LEU D 87 -3.77 2.45 -37.79
C LEU D 87 -5.15 2.99 -38.08
N THR D 88 -6.17 2.15 -37.93
CA THR D 88 -7.54 2.47 -38.33
C THR D 88 -8.36 2.84 -37.11
N LYS D 89 -9.08 3.96 -37.21
CA LYS D 89 -9.97 4.43 -36.17
C LYS D 89 -11.40 4.43 -36.69
N VAL D 90 -12.31 3.88 -35.90
CA VAL D 90 -13.74 3.86 -36.23
C VAL D 90 -14.51 4.50 -35.09
N ALA D 91 -15.35 5.47 -35.42
CA ALA D 91 -16.16 6.18 -34.44
C ALA D 91 -17.63 6.09 -34.83
N ALA D 92 -18.50 6.00 -33.83
CA ALA D 92 -19.93 5.91 -34.03
C ALA D 92 -20.62 7.05 -33.29
N GLU D 93 -21.62 7.65 -33.92
CA GLU D 93 -22.36 8.76 -33.34
C GLU D 93 -23.86 8.52 -33.55
N ILE D 94 -24.64 8.85 -32.53
CA ILE D 94 -26.09 8.73 -32.60
C ILE D 94 -26.68 10.08 -33.01
N VAL D 95 -27.43 10.08 -34.10
CA VAL D 95 -28.06 11.30 -34.61
C VAL D 95 -29.32 11.59 -33.80
N ASP D 96 -29.50 12.86 -33.43
CA ASP D 96 -30.63 13.32 -32.63
C ASP D 96 -30.70 12.57 -31.29
N SER D 97 -29.65 12.76 -30.49
CA SER D 97 -29.54 12.10 -29.21
C SER D 97 -30.57 12.59 -28.19
N SER D 98 -31.25 13.70 -28.47
CA SER D 98 -32.23 14.22 -27.52
C SER D 98 -33.48 13.35 -27.45
N LYS D 99 -33.71 12.50 -28.46
CA LYS D 99 -34.87 11.62 -28.46
C LYS D 99 -34.70 10.42 -27.54
N TYR D 100 -33.52 10.22 -26.96
CA TYR D 100 -33.23 9.04 -26.16
C TYR D 100 -32.80 9.42 -24.74
N SER D 101 -33.25 10.58 -24.26
CA SER D 101 -32.89 11.02 -22.91
C SER D 101 -33.62 10.23 -21.83
N LYS D 102 -34.76 9.63 -22.14
CA LYS D 102 -35.52 8.83 -21.19
C LYS D 102 -35.14 7.36 -21.22
N GLU D 103 -34.17 6.98 -22.05
CA GLU D 103 -33.76 5.59 -22.19
C GLU D 103 -32.50 5.35 -21.35
N ASP D 104 -32.52 4.26 -20.59
CA ASP D 104 -31.37 3.88 -19.79
C ASP D 104 -30.61 2.73 -20.47
N GLY D 105 -29.32 2.65 -20.16
CA GLY D 105 -28.49 1.62 -20.75
C GLY D 105 -28.01 1.96 -22.15
N VAL D 106 -27.47 0.95 -22.81
CA VAL D 106 -26.87 1.12 -24.12
C VAL D 106 -27.97 1.15 -25.18
N ILE D 107 -27.89 2.11 -26.09
CA ILE D 107 -28.91 2.30 -27.11
C ILE D 107 -28.43 1.74 -28.44
N LEU D 108 -27.13 1.83 -28.68
CA LEU D 108 -26.53 1.36 -29.93
C LEU D 108 -25.25 0.60 -29.64
N GLU D 109 -25.08 -0.54 -30.30
CA GLU D 109 -23.88 -1.35 -30.17
C GLU D 109 -23.19 -1.45 -31.53
N VAL D 110 -21.87 -1.23 -31.54
CA VAL D 110 -21.07 -1.32 -32.75
C VAL D 110 -19.89 -2.25 -32.47
N THR D 111 -19.67 -3.20 -33.37
CA THR D 111 -18.50 -4.08 -33.32
C THR D 111 -17.66 -3.83 -34.56
N VAL D 112 -16.34 -3.74 -34.38
CA VAL D 112 -15.39 -3.50 -35.46
C VAL D 112 -14.30 -4.56 -35.37
N SER D 113 -13.88 -5.08 -36.53
CA SER D 113 -12.87 -6.14 -36.55
C SER D 113 -12.24 -6.18 -37.93
N ASN D 114 -10.92 -6.37 -37.98
CA ASN D 114 -10.20 -6.57 -39.22
C ASN D 114 -9.58 -7.96 -39.32
N GLY D 115 -10.05 -8.91 -38.50
CA GLY D 115 -9.51 -10.26 -38.53
C GLY D 115 -8.42 -10.48 -37.51
N ARG D 116 -7.53 -9.50 -37.38
CA ARG D 116 -6.44 -9.58 -36.41
C ARG D 116 -6.80 -8.96 -35.07
N ASP D 117 -7.59 -7.89 -35.08
CA ASP D 117 -7.99 -7.20 -33.85
C ASP D 117 -9.45 -6.81 -33.95
N SER D 118 -10.04 -6.49 -32.80
CA SER D 118 -11.45 -6.12 -32.74
C SER D 118 -11.71 -5.29 -31.49
N PHE D 119 -12.82 -4.56 -31.51
CA PHE D 119 -13.29 -3.86 -30.32
C PHE D 119 -14.79 -3.65 -30.42
N LEU D 120 -15.37 -3.15 -29.32
CA LEU D 120 -16.80 -2.91 -29.22
C LEU D 120 -17.06 -1.46 -28.85
N LEU D 121 -18.04 -0.86 -29.52
CA LEU D 121 -18.52 0.47 -29.18
C LEU D 121 -19.94 0.38 -28.64
N LYS D 122 -20.16 0.91 -27.45
CA LYS D 122 -21.46 0.90 -26.80
C LYS D 122 -21.87 2.33 -26.50
N LEU D 123 -22.96 2.78 -27.12
CA LEU D 123 -23.38 4.16 -26.96
C LEU D 123 -24.72 4.23 -26.23
N PRO D 124 -24.90 5.23 -25.36
CA PRO D 124 -23.96 6.28 -24.96
C PRO D 124 -22.92 5.81 -23.96
N THR D 125 -21.75 6.43 -23.96
CA THR D 125 -20.73 6.14 -22.96
C THR D 125 -20.95 7.03 -21.74
N VAL D 126 -20.89 6.42 -20.56
CA VAL D 126 -21.20 7.12 -19.31
C VAL D 126 -19.91 7.44 -18.58
N TYR D 127 -19.66 8.71 -18.35
CA TYR D 127 -18.58 9.19 -17.50
C TYR D 127 -19.19 9.89 -16.31
N PRO D 128 -18.42 10.06 -15.23
CA PRO D 128 -18.99 10.65 -14.01
C PRO D 128 -19.67 11.99 -14.19
N ASN D 129 -19.18 12.83 -15.10
CA ASN D 129 -19.71 14.17 -15.26
C ASN D 129 -20.70 14.29 -16.41
N LEU D 130 -20.54 13.50 -17.47
CA LEU D 130 -21.33 13.72 -18.67
C LEU D 130 -21.56 12.40 -19.42
N LYS D 131 -22.50 12.45 -20.35
CA LYS D 131 -22.85 11.32 -21.21
C LYS D 131 -22.71 11.75 -22.65
N LEU D 132 -21.81 11.10 -23.38
CA LEU D 132 -21.60 11.40 -24.79
C LEU D 132 -22.24 10.32 -25.64
N TYR D 133 -22.91 10.73 -26.71
CA TYR D 133 -23.51 9.80 -27.66
C TYR D 133 -22.60 9.53 -28.86
N THR D 134 -21.29 9.67 -28.67
CA THR D 134 -20.30 9.39 -29.70
C THR D 134 -19.05 8.80 -29.03
N ASP D 135 -18.40 7.88 -29.72
CA ASP D 135 -17.20 7.26 -29.18
C ASP D 135 -16.43 6.59 -30.31
N GLY D 136 -15.12 6.44 -30.13
CA GLY D 136 -14.29 5.80 -31.11
C GLY D 136 -13.13 5.08 -30.45
N LYS D 137 -12.59 4.10 -31.19
CA LYS D 137 -11.49 3.29 -30.67
C LYS D 137 -10.51 3.01 -31.80
N LEU D 138 -9.36 2.43 -31.43
CA LEU D 138 -8.30 2.13 -32.38
C LEU D 138 -8.21 0.63 -32.62
N LEU D 139 -7.80 0.28 -33.84
CA LEU D 139 -7.67 -1.11 -34.27
C LEU D 139 -6.21 -1.41 -34.55
N ASN D 140 -5.72 -2.53 -34.04
CA ASN D 140 -4.34 -2.93 -34.31
C ASN D 140 -4.15 -3.14 -35.81
N PRO D 141 -3.18 -2.49 -36.43
CA PRO D 141 -3.03 -2.58 -37.89
C PRO D 141 -2.57 -3.96 -38.34
N LEU D 142 -2.91 -4.27 -39.58
CA LEU D 142 -2.45 -5.49 -40.21
C LEU D 142 -0.96 -5.40 -40.52
N VAL D 143 -0.30 -6.56 -40.58
CA VAL D 143 1.14 -6.60 -40.80
C VAL D 143 1.39 -7.17 -42.19
N GLU D 144 2.67 -7.18 -42.61
CA GLU D 144 2.99 -7.65 -43.95
C GLU D 144 2.81 -9.16 -44.08
N GLN D 145 2.86 -9.90 -42.97
CA GLN D 145 2.65 -11.34 -43.02
C GLN D 145 1.21 -11.70 -43.31
N ASP D 146 0.28 -10.75 -43.20
CA ASP D 146 -1.13 -11.02 -43.41
C ASP D 146 -1.52 -11.02 -44.87
N PHE D 147 -0.59 -10.77 -45.79
CA PHE D 147 -0.90 -10.71 -47.22
C PHE D 147 -0.06 -11.67 -48.05
N GLY D 148 0.50 -12.70 -47.43
CA GLY D 148 1.22 -13.71 -48.18
C GLY D 148 2.70 -13.42 -48.32
N ALA D 149 3.47 -14.46 -48.63
CA ALA D 149 4.91 -14.32 -48.84
C ALA D 149 6.11 -13.71 -49.54
N HIS D 150 5.87 -13.04 -50.67
CA HIS D 150 6.90 -12.31 -51.40
C HIS D 150 6.08 -11.05 -51.71
N ARG D 151 4.98 -11.22 -52.44
CA ARG D 151 4.12 -10.17 -53.00
C ARG D 151 4.83 -9.48 -54.16
N LYS D 152 6.00 -9.99 -54.58
CA LYS D 152 6.72 -9.49 -55.75
C LYS D 152 6.66 -10.56 -56.83
N ARG D 153 6.76 -10.11 -58.09
CA ARG D 153 6.66 -10.99 -59.25
C ARG D 153 5.35 -11.76 -59.25
N HIS D 154 4.24 -11.05 -59.42
CA HIS D 154 2.90 -11.64 -59.37
C HIS D 154 2.89 -12.09 -60.82
N ARG D 155 3.33 -13.32 -61.07
CA ARG D 155 3.37 -13.86 -62.42
C ARG D 155 1.98 -14.44 -62.60
N ILE D 156 1.07 -14.11 -61.68
CA ILE D 156 -0.31 -14.59 -61.71
C ILE D 156 -0.38 -16.11 -61.57
N GLY D 157 0.17 -16.61 -60.47
CA GLY D 157 0.18 -18.04 -60.21
C GLY D 157 -0.53 -18.76 -59.07
N ASP D 158 -0.62 -18.09 -57.93
CA ASP D 158 -1.27 -18.66 -56.76
C ASP D 158 -2.34 -17.60 -56.51
N PRO D 159 -3.33 -17.96 -55.70
CA PRO D 159 -4.42 -17.04 -55.37
C PRO D 159 -4.09 -15.67 -54.80
N HIS D 160 -5.02 -14.73 -54.91
CA HIS D 160 -4.85 -13.39 -54.40
C HIS D 160 -5.58 -13.35 -53.08
N PHE D 161 -4.94 -12.78 -52.06
CA PHE D 161 -5.45 -12.79 -50.70
C PHE D 161 -5.75 -11.35 -50.30
N HIS D 162 -6.88 -11.17 -49.63
CA HIS D 162 -7.30 -9.87 -49.14
C HIS D 162 -7.78 -10.01 -47.70
N GLN D 163 -7.94 -8.86 -47.04
CA GLN D 163 -8.45 -8.80 -45.69
C GLN D 163 -9.73 -7.97 -45.67
N ASN D 164 -10.55 -8.19 -44.64
CA ASN D 164 -11.85 -7.56 -44.54
C ASN D 164 -11.94 -6.76 -43.25
N LEU D 165 -12.45 -5.53 -43.36
CA LEU D 165 -12.85 -4.74 -42.21
C LEU D 165 -14.37 -4.85 -42.09
N ILE D 166 -14.84 -5.36 -40.96
CA ILE D 166 -16.24 -5.67 -40.75
C ILE D 166 -16.77 -4.78 -39.62
N VAL D 167 -17.89 -4.11 -39.87
CA VAL D 167 -18.57 -3.29 -38.88
C VAL D 167 -20.01 -3.78 -38.76
N THR D 168 -20.45 -4.04 -37.53
CA THR D 168 -21.80 -4.50 -37.24
C THR D 168 -22.49 -3.50 -36.33
N VAL D 169 -23.73 -3.16 -36.65
CA VAL D 169 -24.52 -2.19 -35.90
C VAL D 169 -25.80 -2.86 -35.43
N GLN D 170 -26.06 -2.76 -34.12
CA GLN D 170 -27.24 -3.38 -33.51
C GLN D 170 -27.84 -2.43 -32.49
N SER D 171 -29.12 -2.64 -32.19
CA SER D 171 -29.81 -1.89 -31.16
C SER D 171 -30.90 -2.74 -30.55
N ARG D 172 -31.19 -2.48 -29.27
CA ARG D 172 -32.27 -3.14 -28.55
C ARG D 172 -33.59 -2.38 -28.64
N LEU D 173 -33.57 -1.16 -29.16
CA LEU D 173 -34.78 -0.36 -29.24
C LEU D 173 -35.70 -0.85 -30.36
N ASN D 174 -37.00 -0.77 -30.13
CA ASN D 174 -37.99 -1.08 -31.16
C ASN D 174 -38.38 0.16 -31.95
N ALA D 175 -37.39 0.88 -32.44
CA ALA D 175 -37.63 2.10 -33.20
C ALA D 175 -36.42 2.36 -34.09
N ASP D 176 -36.64 3.15 -35.15
CA ASP D 176 -35.56 3.48 -36.06
C ASP D 176 -34.58 4.46 -35.41
N ILE D 177 -33.30 4.22 -35.63
CA ILE D 177 -32.25 5.09 -35.12
C ILE D 177 -31.35 5.50 -36.28
N ASP D 178 -31.06 6.79 -36.36
CA ASP D 178 -30.07 7.29 -37.31
C ASP D 178 -28.72 7.39 -36.62
N TYR D 179 -27.69 6.88 -37.30
CA TYR D 179 -26.35 6.87 -36.72
C TYR D 179 -25.35 7.35 -37.76
N ARG D 180 -24.16 7.69 -37.28
CA ARG D 180 -23.07 8.18 -38.12
C ARG D 180 -21.81 7.39 -37.80
N LEU D 181 -21.09 7.01 -38.85
CA LEU D 181 -19.84 6.27 -38.72
C LEU D 181 -18.70 7.05 -39.35
N HIS D 182 -17.57 7.12 -38.65
CA HIS D 182 -16.37 7.75 -39.15
C HIS D 182 -15.29 6.69 -39.27
N VAL D 183 -14.77 6.49 -40.47
CA VAL D 183 -13.71 5.53 -40.73
C VAL D 183 -12.50 6.30 -41.25
N THR D 184 -11.50 6.46 -40.40
CA THR D 184 -10.29 7.21 -40.76
C THR D 184 -9.08 6.34 -40.42
N HIS D 185 -7.97 6.59 -41.09
CA HIS D 185 -6.77 5.80 -40.89
C HIS D 185 -5.56 6.70 -40.65
N LEU D 186 -4.57 6.14 -39.96
CA LEU D 186 -3.26 6.75 -39.80
C LEU D 186 -2.25 5.86 -40.51
N ASP D 187 -1.54 6.42 -41.47
CA ASP D 187 -0.64 5.64 -42.32
C ASP D 187 0.57 5.12 -41.55
N ARG D 188 1.39 4.30 -42.21
CA ARG D 188 2.60 3.78 -41.60
C ARG D 188 3.74 4.80 -41.57
N ALA D 189 3.50 6.01 -42.06
CA ALA D 189 4.48 7.08 -41.92
C ALA D 189 4.49 7.68 -40.52
N GLN D 190 3.35 7.67 -39.83
CA GLN D 190 3.23 8.22 -38.48
C GLN D 190 3.13 7.14 -37.41
N TYR D 191 2.25 6.16 -37.60
CA TYR D 191 2.41 4.88 -36.93
C TYR D 191 3.65 4.21 -37.47
N ASP D 192 4.35 3.44 -36.62
CA ASP D 192 5.63 2.87 -37.01
C ASP D 192 6.61 3.98 -37.39
N PHE D 193 6.69 5.00 -36.56
CA PHE D 193 7.58 6.15 -36.73
C PHE D 193 8.93 5.96 -36.05
N LEU D 194 8.99 5.07 -35.06
CA LEU D 194 10.18 4.91 -34.24
C LEU D 194 11.21 3.99 -34.90
N LYS D 195 11.84 4.48 -35.97
CA LYS D 195 12.93 3.77 -36.62
C LYS D 195 14.16 4.68 -36.64
N PHE D 196 15.23 4.24 -36.00
CA PHE D 196 16.41 5.07 -35.81
C PHE D 196 17.50 4.66 -36.79
N LYS D 197 18.18 5.64 -37.35
CA LYS D 197 19.30 5.39 -38.23
C LYS D 197 20.56 5.13 -37.38
N THR D 198 21.70 5.02 -38.04
CA THR D 198 22.95 4.81 -37.34
C THR D 198 23.37 6.11 -36.67
N GLY D 199 23.83 6.00 -35.42
CA GLY D 199 24.27 7.16 -34.69
C GLY D 199 23.16 8.06 -34.19
N GLN D 200 21.92 7.80 -34.59
CA GLN D 200 20.78 8.63 -34.22
C GLN D 200 20.12 8.05 -32.98
N THR D 201 20.19 8.79 -31.87
CA THR D 201 19.59 8.36 -30.62
C THR D 201 18.33 9.14 -30.24
N THR D 202 18.03 10.23 -30.93
CA THR D 202 16.87 11.06 -30.60
C THR D 202 16.09 11.38 -31.87
N LYS D 203 14.77 11.18 -31.79
CA LYS D 203 13.84 11.59 -32.83
C LYS D 203 12.78 12.49 -32.21
N THR D 204 12.19 13.36 -33.02
CA THR D 204 11.28 14.36 -32.48
C THR D 204 10.11 14.54 -33.44
N LEU D 205 8.91 14.52 -32.89
CA LEU D 205 7.69 14.87 -33.59
C LEU D 205 7.17 16.19 -33.03
N SER D 206 6.18 16.79 -33.69
CA SER D 206 5.76 18.12 -33.30
C SER D 206 4.36 18.49 -33.79
N ASN D 207 3.56 19.06 -32.89
CA ASN D 207 2.30 19.73 -33.24
C ASN D 207 1.34 18.80 -33.98
N GLN D 208 0.90 17.75 -33.29
CA GLN D 208 -0.05 16.80 -33.83
C GLN D 208 -1.42 17.07 -33.20
N LYS D 209 -2.42 17.32 -34.05
CA LYS D 209 -3.77 17.51 -33.55
C LYS D 209 -4.26 16.22 -32.90
N LEU D 210 -5.16 16.35 -31.93
CA LEU D 210 -5.66 15.22 -31.18
C LEU D 210 -7.03 15.59 -30.65
N THR D 211 -7.94 14.61 -30.69
CA THR D 211 -9.33 14.88 -30.31
C THR D 211 -9.95 13.61 -29.73
N PHE D 212 -11.16 13.73 -29.16
CA PHE D 212 -11.97 12.58 -28.78
C PHE D 212 -12.34 11.71 -29.97
N VAL D 213 -12.07 12.17 -31.19
CA VAL D 213 -12.38 11.44 -32.39
C VAL D 213 -11.13 11.05 -33.18
N LYS D 214 -9.98 11.61 -32.86
CA LYS D 214 -8.73 11.34 -33.57
C LYS D 214 -7.63 11.00 -32.56
N PRO D 215 -7.65 9.80 -31.99
CA PRO D 215 -6.52 9.38 -31.14
C PRO D 215 -5.26 9.17 -31.96
N ILE D 216 -4.14 9.05 -31.27
CA ILE D 216 -2.87 8.81 -31.93
C ILE D 216 -2.20 7.57 -31.33
N GLY D 217 -1.30 6.96 -32.10
CA GLY D 217 -0.65 5.74 -31.66
C GLY D 217 0.66 5.51 -32.38
N PHE D 218 1.55 4.75 -31.74
CA PHE D 218 2.86 4.43 -32.26
C PHE D 218 3.20 2.97 -31.96
N PHE D 219 4.05 2.38 -32.79
CA PHE D 219 4.60 1.05 -32.55
C PHE D 219 6.09 1.17 -32.27
N LEU D 220 6.57 0.47 -31.24
CA LEU D 220 7.98 0.43 -30.89
C LEU D 220 8.47 -1.01 -30.85
N ASN D 221 9.56 -1.28 -31.56
CA ASN D 221 10.15 -2.61 -31.67
C ASN D 221 11.58 -2.54 -31.14
N CYS D 222 11.75 -2.79 -29.85
CA CYS D 222 13.08 -2.67 -29.25
C CYS D 222 14.06 -3.70 -29.80
N SER D 223 13.58 -4.93 -30.01
CA SER D 223 14.45 -5.99 -30.52
C SER D 223 14.98 -5.66 -31.91
N GLU D 224 14.13 -5.12 -32.78
CA GLU D 224 14.55 -4.79 -34.13
C GLU D 224 15.48 -3.58 -34.18
N GLN D 225 15.28 -2.62 -33.29
CA GLN D 225 16.03 -1.37 -33.31
C GLN D 225 17.23 -1.38 -32.36
N ASN D 226 17.46 -2.49 -31.64
CA ASN D 226 18.56 -2.62 -30.68
C ASN D 226 18.49 -1.51 -29.63
N ILE D 227 17.41 -1.52 -28.87
CA ILE D 227 17.18 -0.55 -27.81
C ILE D 227 17.18 -1.27 -26.47
N SER D 228 18.06 -0.86 -25.57
CA SER D 228 18.10 -1.41 -24.22
C SER D 228 17.45 -0.49 -23.19
N GLN D 229 17.38 0.81 -23.47
CA GLN D 229 16.71 1.77 -22.60
C GLN D 229 16.04 2.82 -23.47
N PHE D 230 14.81 3.18 -23.13
CA PHE D 230 14.03 4.11 -23.93
C PHE D 230 13.31 5.10 -23.03
N HIS D 231 13.26 6.36 -23.47
CA HIS D 231 12.56 7.42 -22.75
C HIS D 231 11.71 8.21 -23.73
N VAL D 232 10.50 8.55 -23.31
CA VAL D 232 9.55 9.30 -24.12
C VAL D 232 9.06 10.50 -23.32
N THR D 233 9.02 11.67 -23.95
CA THR D 233 8.51 12.89 -23.32
C THR D 233 7.49 13.55 -24.23
N LEU D 234 6.43 14.08 -23.63
CA LEU D 234 5.36 14.76 -24.34
C LEU D 234 5.28 16.21 -23.86
N TYR D 235 5.13 17.13 -24.79
CA TYR D 235 5.04 18.56 -24.49
C TYR D 235 3.76 19.14 -25.06
N SER D 236 3.02 19.86 -24.23
CA SER D 236 1.80 20.53 -24.66
C SER D 236 1.74 21.90 -23.99
N GLU D 237 1.28 22.90 -24.75
CA GLU D 237 1.18 24.25 -24.24
C GLU D 237 -0.21 24.59 -23.69
N ASP D 238 -1.23 23.81 -24.05
CA ASP D 238 -2.56 24.00 -23.52
C ASP D 238 -2.83 23.02 -22.39
N ASP D 239 -3.86 23.30 -21.59
CA ASP D 239 -4.15 22.55 -20.38
C ASP D 239 -5.35 21.62 -20.55
N ILE D 240 -5.50 21.03 -21.73
CA ILE D 240 -6.56 20.05 -21.97
C ILE D 240 -6.10 18.70 -21.43
N CYS D 241 -6.98 18.04 -20.67
CA CYS D 241 -6.63 16.76 -20.09
C CYS D 241 -6.51 15.70 -21.17
N ALA D 242 -5.44 14.90 -21.09
CA ALA D 242 -5.21 13.79 -22.00
C ALA D 242 -4.66 12.62 -21.21
N ASN D 243 -4.53 11.48 -21.88
CA ASN D 243 -4.04 10.26 -21.26
C ASN D 243 -2.99 9.62 -22.15
N LEU D 244 -1.89 9.19 -21.54
CA LEU D 244 -0.81 8.50 -22.23
C LEU D 244 -0.86 7.03 -21.85
N ILE D 245 -1.00 6.17 -22.86
CA ILE D 245 -1.19 4.73 -22.63
C ILE D 245 -0.01 3.98 -23.24
N THR D 246 0.59 3.10 -22.45
CA THR D 246 1.66 2.23 -22.90
C THR D 246 1.29 0.78 -22.60
N VAL D 247 1.46 -0.08 -23.60
CA VAL D 247 1.09 -1.49 -23.47
C VAL D 247 2.09 -2.33 -24.26
N PRO D 248 2.34 -3.56 -23.81
CA PRO D 248 3.12 -4.48 -24.65
C PRO D 248 2.38 -4.81 -25.93
N ALA D 249 3.13 -5.04 -26.99
CA ALA D 249 2.56 -5.19 -28.32
C ALA D 249 1.66 -6.40 -28.46
N ASN D 250 1.71 -7.35 -27.54
CA ASN D 250 0.85 -8.52 -27.58
C ASN D 250 -0.32 -8.41 -26.60
N GLU D 251 -0.56 -7.22 -26.06
CA GLU D 251 -1.65 -6.97 -25.12
C GLU D 251 -2.64 -5.98 -25.72
N SER D 252 -3.82 -5.92 -25.13
CA SER D 252 -4.88 -5.04 -25.58
C SER D 252 -5.14 -3.95 -24.54
N ILE D 253 -5.52 -2.76 -25.02
CA ILE D 253 -5.78 -1.64 -24.13
C ILE D 253 -7.25 -1.58 -23.77
N TYR D 254 -8.08 -2.34 -24.49
CA TYR D 254 -9.52 -2.31 -24.29
C TYR D 254 -10.09 -3.56 -23.63
N ASP D 255 -9.50 -4.73 -23.83
CA ASP D 255 -10.10 -5.98 -23.41
C ASP D 255 -9.42 -6.47 -22.13
N ARG D 256 -10.12 -6.74 -21.05
CA ARG D 256 -9.46 -7.40 -19.88
C ARG D 256 -9.52 -8.86 -20.19
N SER D 257 -8.44 -9.25 -20.88
CA SER D 257 -8.24 -10.43 -21.70
C SER D 257 -8.63 -11.74 -21.01
N VAL D 258 -8.50 -11.79 -19.69
CA VAL D 258 -8.92 -12.95 -18.92
C VAL D 258 -9.77 -12.47 -17.76
N ILE D 259 -10.79 -13.24 -17.40
CA ILE D 259 -11.61 -12.89 -16.26
C ILE D 259 -10.83 -12.43 -15.03
N SER D 260 -9.79 -13.19 -14.70
CA SER D 260 -8.98 -13.07 -13.49
C SER D 260 -7.69 -12.77 -14.23
N ASP D 261 -7.26 -11.51 -14.18
CA ASP D 261 -5.93 -11.11 -14.60
C ASP D 261 -5.17 -10.60 -13.37
N LYS D 262 -5.49 -9.38 -12.94
CA LYS D 262 -4.79 -8.62 -11.90
C LYS D 262 -3.37 -8.27 -12.28
N THR D 263 -2.98 -8.52 -13.53
CA THR D 263 -1.70 -8.04 -14.04
C THR D 263 -1.79 -6.57 -14.39
N HIS D 264 -0.70 -5.85 -14.12
CA HIS D 264 -0.64 -4.40 -14.33
C HIS D 264 0.56 -4.14 -15.23
N ASN D 265 0.34 -4.24 -16.54
CA ASN D 265 1.35 -3.90 -17.53
C ASN D 265 0.93 -2.71 -18.38
N ARG D 266 -0.24 -2.13 -18.12
CA ARG D 266 -0.74 -1.01 -18.89
C ARG D 266 -0.52 0.28 -18.10
N ARG D 267 0.15 1.23 -18.72
CA ARG D 267 0.40 2.55 -18.14
C ARG D 267 -0.71 3.50 -18.54
N VAL D 268 -1.28 4.20 -17.57
CA VAL D 268 -2.28 5.23 -17.81
C VAL D 268 -1.85 6.47 -17.05
N LEU D 269 -1.30 7.45 -17.77
CA LEU D 269 -0.76 8.67 -17.18
C LEU D 269 -1.58 9.85 -17.68
N SER D 270 -2.34 10.47 -16.79
CA SER D 270 -3.06 11.69 -17.13
C SER D 270 -2.10 12.87 -17.07
N PHE D 271 -2.17 13.72 -18.09
CA PHE D 271 -1.23 14.84 -18.21
C PHE D 271 -1.92 16.00 -18.90
N THR D 272 -1.41 17.19 -18.67
CA THR D 272 -1.82 18.39 -19.39
C THR D 272 -0.68 19.04 -20.15
N LYS D 273 0.43 19.34 -19.48
CA LYS D 273 1.57 19.99 -20.09
C LYS D 273 2.75 19.07 -20.35
N ARG D 274 2.98 18.07 -19.52
CA ARG D 274 4.15 17.22 -19.65
C ARG D 274 3.84 15.82 -19.16
N ALA D 275 4.45 14.83 -19.81
CA ALA D 275 4.38 13.44 -19.37
C ALA D 275 5.69 12.76 -19.73
N ASP D 276 6.11 11.82 -18.89
CA ASP D 276 7.35 11.09 -19.09
C ASP D 276 7.14 9.61 -18.80
N ILE D 277 7.63 8.76 -19.70
CA ILE D 277 7.68 7.33 -19.47
C ILE D 277 9.09 6.84 -19.75
N PHE D 278 9.57 5.93 -18.92
CA PHE D 278 10.93 5.40 -19.02
C PHE D 278 10.85 3.89 -19.13
N PHE D 279 11.38 3.35 -20.22
CA PHE D 279 11.46 1.91 -20.41
C PHE D 279 12.81 1.42 -19.90
N THR D 280 12.79 0.62 -18.84
CA THR D 280 14.02 0.12 -18.26
C THR D 280 14.49 -1.13 -19.01
N GLU D 281 15.71 -1.56 -18.68
CA GLU D 281 16.25 -2.77 -19.30
C GLU D 281 15.42 -4.00 -18.93
N THR D 282 14.96 -4.07 -17.68
CA THR D 282 14.15 -5.19 -17.25
C THR D 282 12.85 -5.29 -18.06
N GLU D 283 12.18 -4.15 -18.24
CA GLU D 283 10.92 -4.15 -18.99
C GLU D 283 11.14 -4.49 -20.45
N ILE D 284 12.19 -3.93 -21.06
CA ILE D 284 12.48 -4.20 -22.46
C ILE D 284 12.83 -5.68 -22.65
N SER D 285 13.54 -6.26 -21.69
CA SER D 285 13.82 -7.69 -21.76
C SER D 285 12.55 -8.51 -21.60
N MET D 286 11.66 -8.09 -20.70
CA MET D 286 10.43 -8.85 -20.46
C MET D 286 9.51 -8.85 -21.68
N PHE D 287 9.37 -7.70 -22.34
CA PHE D 287 8.31 -7.53 -23.32
C PHE D 287 8.79 -7.29 -24.74
N LYS D 288 9.90 -6.56 -24.93
CA LYS D 288 10.60 -6.42 -26.20
C LYS D 288 9.84 -5.66 -27.28
N SER D 289 8.57 -5.32 -27.05
CA SER D 289 7.81 -4.58 -28.04
C SER D 289 6.63 -3.91 -27.35
N PHE D 290 6.34 -2.67 -27.76
CA PHE D 290 5.36 -1.85 -27.06
C PHE D 290 4.56 -1.03 -28.05
N ARG D 291 3.33 -0.69 -27.65
CA ARG D 291 2.49 0.27 -28.35
C ARG D 291 2.19 1.44 -27.44
N ILE D 292 2.25 2.66 -27.99
CA ILE D 292 2.06 3.88 -27.24
C ILE D 292 0.85 4.61 -27.82
N PHE D 293 -0.07 5.03 -26.93
CA PHE D 293 -1.30 5.71 -27.33
C PHE D 293 -1.49 6.97 -26.51
N VAL D 294 -2.14 7.97 -27.12
CA VAL D 294 -2.55 9.18 -26.44
C VAL D 294 -4.04 9.42 -26.74
N PHE D 295 -4.84 9.55 -25.67
CA PHE D 295 -6.27 9.81 -25.79
C PHE D 295 -6.64 11.06 -25.00
N ILE D 296 -7.55 11.84 -25.56
CA ILE D 296 -8.09 12.99 -24.84
C ILE D 296 -9.23 12.55 -23.94
N ALA D 297 -9.21 13.04 -22.70
CA ALA D 297 -10.31 12.78 -21.78
C ALA D 297 -11.50 13.69 -22.10
N PRO D 298 -12.71 13.16 -22.04
CA PRO D 298 -13.89 13.99 -22.34
C PRO D 298 -14.08 15.14 -21.37
N ASP D 299 -13.70 14.96 -20.11
CA ASP D 299 -13.88 15.97 -19.09
C ASP D 299 -12.57 16.18 -18.34
N ASP D 300 -12.28 17.43 -18.02
CA ASP D 300 -11.09 17.78 -17.26
C ASP D 300 -11.38 17.64 -15.78
N SER D 301 -11.66 16.41 -15.33
CA SER D 301 -11.99 16.18 -13.92
C SER D 301 -10.91 15.34 -13.25
N GLY D 302 -10.04 14.74 -14.05
CA GLY D 302 -8.90 14.01 -13.53
C GLY D 302 -7.62 14.80 -13.66
N CYS D 303 -7.73 16.01 -14.23
CA CYS D 303 -6.60 16.88 -14.45
C CYS D 303 -6.69 18.22 -13.72
N SER D 304 -7.89 18.68 -13.39
CA SER D 304 -8.05 19.98 -12.74
C SER D 304 -9.39 19.97 -12.01
N THR D 305 -9.83 21.15 -11.56
CA THR D 305 -11.10 21.28 -10.87
C THR D 305 -11.97 22.32 -11.54
N ASN D 306 -11.36 23.34 -12.14
CA ASN D 306 -12.11 24.42 -12.78
C ASN D 306 -11.33 24.93 -13.99
N THR D 307 -11.76 24.53 -15.19
CA THR D 307 -11.22 25.08 -16.42
C THR D 307 -12.34 25.46 -17.38
N SER D 308 -13.49 24.78 -17.25
CA SER D 308 -14.67 25.05 -18.04
C SER D 308 -14.52 25.06 -19.56
N ARG D 309 -13.81 24.07 -20.11
CA ARG D 309 -13.57 24.01 -21.55
C ARG D 309 -14.81 24.09 -22.43
N LYS D 310 -15.94 23.56 -21.96
CA LYS D 310 -17.23 23.66 -22.65
C LYS D 310 -17.75 22.86 -23.83
N SER D 311 -17.00 21.88 -24.35
CA SER D 311 -17.36 21.20 -25.59
C SER D 311 -16.34 20.10 -25.34
N PHE D 312 -16.83 18.88 -25.18
CA PHE D 312 -15.99 17.71 -24.95
C PHE D 312 -15.02 17.36 -26.08
N ASN D 313 -15.19 17.97 -27.26
CA ASN D 313 -14.33 17.70 -28.40
C ASN D 313 -13.53 18.96 -28.68
N GLU D 314 -12.29 19.00 -28.20
CA GLU D 314 -11.36 20.07 -28.51
C GLU D 314 -10.05 19.45 -28.97
N LYS D 315 -9.20 20.27 -29.57
CA LYS D 315 -7.94 19.81 -30.12
C LYS D 315 -6.78 20.21 -29.20
N LYS D 316 -5.79 19.32 -29.13
CA LYS D 316 -4.62 19.48 -28.29
C LYS D 316 -3.38 19.26 -29.15
N LYS D 317 -2.41 20.17 -29.03
CA LYS D 317 -1.16 20.06 -29.76
C LYS D 317 -0.10 19.42 -28.87
N ILE D 318 0.51 18.34 -29.36
CA ILE D 318 1.48 17.57 -28.57
C ILE D 318 2.75 17.38 -29.38
N SER D 319 3.90 17.61 -28.74
CA SER D 319 5.21 17.37 -29.33
C SER D 319 5.87 16.20 -28.60
N PHE D 320 6.47 15.30 -29.35
CA PHE D 320 7.01 14.06 -28.80
C PHE D 320 8.54 14.07 -28.85
N GLU D 321 9.14 13.33 -27.94
CA GLU D 321 10.59 13.20 -27.86
C GLU D 321 10.93 11.76 -27.54
N PHE D 322 11.57 11.07 -28.48
CA PHE D 322 11.96 9.68 -28.31
C PHE D 322 13.48 9.58 -28.28
N LYS D 323 14.02 9.03 -27.19
CA LYS D 323 15.47 8.97 -27.01
C LYS D 323 15.89 7.57 -26.58
N LYS D 324 17.02 7.12 -27.11
CA LYS D 324 17.63 5.86 -26.70
C LYS D 324 18.71 6.12 -25.67
N LEU D 325 18.66 5.41 -24.54
CA LEU D 325 19.57 5.63 -23.45
C LEU D 325 20.47 4.42 -23.24
N GLU D 326 21.65 4.67 -22.66
CA GLU D 326 22.60 3.63 -22.28
C GLU D 326 22.98 3.81 -20.81
N ASN D 327 23.44 2.73 -20.21
CA ASN D 327 23.87 2.78 -18.82
C ASN D 327 24.97 3.81 -18.63
N GLN D 328 24.83 4.64 -17.61
CA GLN D 328 25.76 5.73 -17.35
C GLN D 328 26.32 5.59 -15.95
N SER D 329 27.61 5.84 -15.81
CA SER D 329 28.27 5.97 -14.51
C SER D 329 28.69 7.43 -14.37
N TYR D 330 27.92 8.19 -13.59
CA TYR D 330 28.14 9.64 -13.47
C TYR D 330 29.39 9.88 -12.61
N ALA D 331 30.54 9.60 -13.23
CA ALA D 331 31.80 9.65 -12.50
C ALA D 331 32.20 11.09 -12.15
N VAL D 332 32.13 11.99 -13.13
CA VAL D 332 32.58 13.37 -12.88
C VAL D 332 31.70 14.08 -11.86
N PRO D 333 30.36 14.10 -11.98
CA PRO D 333 29.58 14.79 -10.95
C PRO D 333 29.73 14.19 -9.56
N THR D 334 29.75 12.85 -9.46
CA THR D 334 29.92 12.22 -8.16
C THR D 334 31.27 12.55 -7.55
N ALA D 335 32.34 12.50 -8.36
CA ALA D 335 33.66 12.83 -7.85
C ALA D 335 33.74 14.27 -7.40
N LEU D 336 33.16 15.19 -8.17
CA LEU D 336 33.17 16.60 -7.78
C LEU D 336 32.37 16.82 -6.50
N MET D 337 31.22 16.15 -6.37
CA MET D 337 30.44 16.27 -5.15
C MET D 337 31.20 15.77 -3.94
N MET D 338 31.88 14.62 -4.07
CA MET D 338 32.64 14.09 -2.94
C MET D 338 33.82 14.99 -2.59
N ILE D 339 34.49 15.54 -3.60
CA ILE D 339 35.58 16.48 -3.34
C ILE D 339 35.06 17.71 -2.60
N PHE D 340 33.91 18.23 -3.04
CA PHE D 340 33.32 19.38 -2.38
C PHE D 340 32.92 19.06 -0.95
N LEU D 341 32.39 17.87 -0.71
CA LEU D 341 31.99 17.48 0.64
C LEU D 341 33.18 17.11 1.51
N THR D 342 34.36 16.92 0.92
CA THR D 342 35.48 16.45 1.71
C THR D 342 36.21 17.60 2.39
N THR D 343 36.51 18.68 1.66
CA THR D 343 37.39 19.72 2.18
C THR D 343 36.76 20.47 3.37
N PRO D 344 35.45 20.47 3.52
CA PRO D 344 34.87 20.91 4.79
C PRO D 344 35.49 20.24 6.00
N CYS D 345 35.77 18.95 5.93
CA CYS D 345 36.26 18.20 7.08
C CYS D 345 37.69 18.56 7.46
N LEU D 346 38.34 19.47 6.73
CA LEU D 346 39.67 19.91 7.11
C LEU D 346 39.65 20.77 8.37
N LEU D 347 38.46 21.15 8.85
CA LEU D 347 38.33 21.87 10.11
C LEU D 347 38.44 20.96 11.32
N PHE D 348 37.98 19.71 11.21
CA PHE D 348 38.06 18.77 12.32
C PHE D 348 39.50 18.32 12.57
N LEU D 349 40.29 18.18 11.51
CA LEU D 349 41.63 17.58 11.63
C LEU D 349 42.55 18.34 12.58
N PRO D 350 42.74 19.66 12.46
CA PRO D 350 43.81 20.30 13.25
C PRO D 350 43.55 20.33 14.75
N ILE D 351 42.32 20.09 15.21
CA ILE D 351 42.03 20.31 16.62
C ILE D 351 41.63 19.02 17.33
N VAL D 352 40.48 18.44 16.97
CA VAL D 352 39.97 17.31 17.74
C VAL D 352 40.82 16.06 17.47
N ILE D 353 41.15 15.80 16.20
CA ILE D 353 41.96 14.63 15.89
C ILE D 353 43.36 14.77 16.48
N ASN D 354 43.91 15.98 16.50
CA ASN D 354 45.20 16.19 17.16
C ASN D 354 45.11 15.98 18.67
N ILE D 355 44.00 16.41 19.28
CA ILE D 355 43.81 16.16 20.71
C ILE D 355 43.73 14.66 21.00
N ILE D 356 43.00 13.93 20.15
CA ILE D 356 42.91 12.48 20.31
C ILE D 356 44.28 11.83 20.16
N LYS D 357 45.06 12.29 19.17
CA LYS D 357 46.41 11.76 19.00
C LYS D 357 47.28 12.04 20.23
N ASN D 358 47.16 13.24 20.79
CA ASN D 358 47.91 13.57 22.00
C ASN D 358 47.50 12.69 23.17
N SER D 359 46.21 12.40 23.30
CA SER D 359 45.71 11.56 24.38
C SER D 359 46.19 10.12 24.20
N SER D 441 30.78 2.88 33.84
CA SER D 441 30.58 1.63 33.11
C SER D 441 29.95 1.88 31.76
N LEU D 442 30.65 1.49 30.69
CA LEU D 442 30.12 1.65 29.35
C LEU D 442 28.86 0.82 29.13
N HIS D 443 28.84 -0.43 29.61
CA HIS D 443 27.65 -1.26 29.52
C HIS D 443 26.47 -0.66 30.25
N GLY D 444 26.70 0.18 31.26
CA GLY D 444 25.62 0.88 31.91
C GLY D 444 25.05 2.04 31.10
N GLN D 445 25.72 2.38 29.99
CA GLN D 445 25.22 3.42 29.09
C GLN D 445 24.72 2.87 27.77
N MET D 446 25.28 1.77 27.26
CA MET D 446 24.74 1.18 26.04
C MET D 446 23.34 0.63 26.25
N LEU D 447 23.08 -0.01 27.39
CA LEU D 447 21.80 -0.62 27.66
C LEU D 447 20.71 0.40 28.01
N GLN D 448 21.10 1.63 28.40
CA GLN D 448 20.14 2.67 28.72
C GLN D 448 20.07 3.76 27.66
N TYR D 449 20.94 3.72 26.66
CA TYR D 449 20.86 4.66 25.56
C TYR D 449 19.58 4.39 24.76
N PRO D 450 18.81 5.41 24.41
CA PRO D 450 17.54 5.16 23.70
C PRO D 450 17.76 4.71 22.27
N VAL D 451 17.59 3.43 22.00
CA VAL D 451 17.76 2.89 20.66
C VAL D 451 16.44 2.83 19.89
N ALA D 452 15.31 3.06 20.55
CA ALA D 452 14.02 3.06 19.87
C ALA D 452 13.84 4.29 18.99
N ILE D 453 14.73 5.29 19.07
CA ILE D 453 14.61 6.46 18.22
C ILE D 453 14.90 6.15 16.76
N ILE D 454 15.64 5.08 16.49
CA ILE D 454 15.92 4.69 15.10
C ILE D 454 14.77 3.92 14.46
N LEU D 455 13.79 3.49 15.24
CA LEU D 455 12.75 2.63 14.71
C LEU D 455 11.87 3.29 13.65
N PRO D 456 11.32 4.50 13.84
CA PRO D 456 10.37 5.01 12.82
C PRO D 456 10.96 5.09 11.43
N VAL D 457 12.21 5.55 11.31
CA VAL D 457 12.84 5.65 9.99
C VAL D 457 13.02 4.26 9.39
N LEU D 458 13.42 3.29 10.22
CA LEU D 458 13.66 1.95 9.70
C LEU D 458 12.37 1.28 9.23
N MET D 459 11.29 1.42 10.01
CA MET D 459 10.01 0.86 9.56
C MET D 459 9.51 1.56 8.31
N HIS D 460 9.66 2.88 8.22
CA HIS D 460 9.26 3.59 7.01
C HIS D 460 10.06 3.11 5.81
N THR D 461 11.37 2.91 5.99
CA THR D 461 12.22 2.42 4.90
C THR D 461 11.81 1.03 4.46
N ALA D 462 11.53 0.14 5.42
CA ALA D 462 11.11 -1.21 5.07
C ALA D 462 9.78 -1.20 4.31
N ILE D 463 8.82 -0.40 4.77
CA ILE D 463 7.53 -0.33 4.10
C ILE D 463 7.68 0.21 2.69
N GLU D 464 8.49 1.27 2.52
CA GLU D 464 8.66 1.83 1.18
C GLU D 464 9.38 0.86 0.26
N PHE D 465 10.38 0.15 0.77
CA PHE D 465 11.08 -0.83 -0.07
C PHE D 465 10.15 -1.97 -0.48
N HIS D 466 9.31 -2.44 0.44
CA HIS D 466 8.35 -3.48 0.09
C HIS D 466 7.37 -2.98 -0.96
N LYS D 467 6.89 -1.74 -0.81
CA LYS D 467 5.98 -1.18 -1.80
C LYS D 467 6.66 -1.03 -3.16
N TRP D 468 7.96 -0.72 -3.16
CA TRP D 468 8.68 -0.55 -4.41
C TRP D 468 8.92 -1.88 -5.12
N THR D 469 9.32 -2.91 -4.38
CA THR D 469 9.70 -4.17 -5.01
C THR D 469 8.49 -4.95 -5.52
N THR D 470 7.36 -4.87 -4.84
CA THR D 470 6.17 -5.61 -5.26
C THR D 470 5.40 -4.92 -6.38
N SER D 471 5.79 -3.70 -6.75
CA SER D 471 5.11 -2.98 -7.81
C SER D 471 5.62 -3.41 -9.17
N THR D 472 4.74 -3.33 -10.17
CA THR D 472 5.10 -3.69 -11.53
C THR D 472 5.81 -2.52 -12.22
N MET D 473 6.35 -2.80 -13.41
CA MET D 473 7.06 -1.77 -14.16
C MET D 473 6.13 -0.64 -14.56
N ALA D 474 4.92 -0.98 -15.00
CA ALA D 474 3.97 0.05 -15.44
C ALA D 474 3.52 0.91 -14.28
N ASN D 475 3.33 0.32 -13.10
CA ASN D 475 2.82 1.08 -11.96
C ASN D 475 3.85 2.07 -11.44
N ARG D 476 5.14 1.84 -11.71
CA ARG D 476 6.17 2.72 -11.19
C ARG D 476 6.18 4.07 -11.90
N ASP D 477 5.70 4.12 -13.15
CA ASP D 477 5.57 5.40 -13.83
C ASP D 477 4.30 6.13 -13.47
N GLU D 478 3.35 5.46 -12.81
CA GLU D 478 2.10 6.09 -12.41
C GLU D 478 2.12 6.57 -10.97
N MET D 479 2.65 5.76 -10.05
CA MET D 479 2.57 6.07 -8.62
C MET D 479 3.69 6.95 -8.12
N CYS D 480 4.73 7.21 -8.91
CA CYS D 480 5.88 7.99 -8.48
C CYS D 480 5.91 9.32 -9.23
N PHE D 481 6.37 10.36 -8.54
CA PHE D 481 6.42 11.72 -9.09
C PHE D 481 7.79 12.31 -8.87
N HIS D 482 8.62 12.31 -9.92
CA HIS D 482 9.93 12.93 -9.90
C HIS D 482 9.90 14.21 -10.73
N ASN D 483 10.93 15.04 -10.56
CA ASN D 483 11.17 16.17 -11.43
C ASN D 483 11.94 15.64 -12.62
N HIS D 484 11.23 15.24 -13.67
CA HIS D 484 11.84 14.54 -14.77
C HIS D 484 12.71 15.44 -15.64
N ALA D 485 12.63 16.76 -15.46
CA ALA D 485 13.57 17.65 -16.13
C ALA D 485 14.95 17.61 -15.49
N CYS D 486 15.06 17.06 -14.29
CA CYS D 486 16.33 16.90 -13.58
C CYS D 486 16.38 15.56 -12.87
N ALA D 487 16.06 14.48 -13.58
CA ALA D 487 16.16 13.13 -13.04
C ALA D 487 17.13 12.32 -13.89
N ARG D 488 18.20 11.84 -13.28
CA ARG D 488 19.20 11.03 -13.96
C ARG D 488 19.05 9.59 -13.53
N PRO D 489 18.74 8.66 -14.44
CA PRO D 489 18.43 7.29 -14.02
C PRO D 489 19.67 6.46 -13.77
N LEU D 490 19.46 5.37 -13.03
CA LEU D 490 20.50 4.37 -12.81
C LEU D 490 19.79 3.04 -12.56
N GLY D 491 19.78 2.18 -13.56
CA GLY D 491 18.99 0.96 -13.45
C GLY D 491 17.52 1.29 -13.44
N GLU D 492 16.83 0.81 -12.41
CA GLU D 492 15.41 1.09 -12.24
C GLU D 492 15.14 2.37 -11.45
N LEU D 493 16.17 3.00 -10.88
CA LEU D 493 15.99 4.24 -10.13
C LEU D 493 15.86 5.40 -11.09
N ARG D 494 14.75 6.15 -10.97
CA ARG D 494 14.47 7.21 -11.94
C ARG D 494 15.32 8.45 -11.69
N ALA D 495 15.61 8.77 -10.43
CA ALA D 495 16.39 9.96 -10.07
C ALA D 495 17.53 9.54 -9.16
N TRP D 496 18.63 9.10 -9.77
CA TRP D 496 19.79 8.67 -9.00
C TRP D 496 20.48 9.84 -8.31
N ASN D 497 20.42 11.04 -8.90
CA ASN D 497 21.06 12.20 -8.29
C ASN D 497 20.42 12.55 -6.96
N ASN D 498 19.08 12.53 -6.89
CA ASN D 498 18.39 12.83 -5.65
C ASN D 498 18.66 11.82 -4.56
N ILE D 499 19.13 10.63 -4.91
CA ILE D 499 19.48 9.61 -3.92
C ILE D 499 20.94 9.75 -3.50
N ILE D 500 21.84 9.85 -4.48
CA ILE D 500 23.26 9.89 -4.17
C ILE D 500 23.68 11.21 -3.53
N THR D 501 22.89 12.27 -3.66
CA THR D 501 23.27 13.53 -3.04
C THR D 501 23.05 13.54 -1.54
N ASN D 502 22.58 12.44 -0.95
CA ASN D 502 22.40 12.33 0.49
C ASN D 502 23.62 11.77 1.21
N ILE D 503 24.71 11.49 0.49
CA ILE D 503 25.88 10.87 1.10
C ILE D 503 26.59 11.82 2.06
N GLY D 504 26.40 13.13 1.91
CA GLY D 504 27.02 14.07 2.84
C GLY D 504 26.51 13.89 4.26
N TYR D 505 25.20 13.65 4.41
CA TYR D 505 24.64 13.38 5.73
C TYR D 505 25.24 12.13 6.35
N THR D 506 25.37 11.06 5.57
CA THR D 506 25.95 9.82 6.11
C THR D 506 27.40 10.04 6.53
N LEU D 507 28.18 10.70 5.68
CA LEU D 507 29.59 10.93 6.01
C LEU D 507 29.74 11.78 7.26
N TYR D 508 28.97 12.88 7.35
CA TYR D 508 29.09 13.77 8.48
C TYR D 508 28.54 13.14 9.76
N GLY D 509 27.48 12.34 9.67
CA GLY D 509 27.00 11.64 10.85
C GLY D 509 27.98 10.61 11.37
N ALA D 510 28.60 9.85 10.47
CA ALA D 510 29.62 8.89 10.90
C ALA D 510 30.81 9.62 11.52
N ILE D 511 31.22 10.74 10.94
CA ILE D 511 32.31 11.51 11.51
C ILE D 511 31.93 12.01 12.91
N PHE D 512 30.71 12.52 13.06
CA PHE D 512 30.27 13.00 14.37
C PHE D 512 30.31 11.89 15.41
N ILE D 513 29.80 10.72 15.06
CA ILE D 513 29.75 9.61 16.01
C ILE D 513 31.17 9.18 16.40
N VAL D 514 32.03 8.96 15.40
CA VAL D 514 33.37 8.46 15.67
C VAL D 514 34.16 9.49 16.47
N LEU D 515 34.04 10.77 16.10
CA LEU D 515 34.74 11.83 16.80
C LEU D 515 34.26 11.95 18.24
N SER D 516 32.95 11.87 18.48
CA SER D 516 32.43 11.99 19.83
C SER D 516 32.90 10.84 20.71
N ILE D 517 32.88 9.62 20.17
CA ILE D 517 33.36 8.48 20.96
C ILE D 517 34.85 8.61 21.24
N CYS D 518 35.64 9.00 20.24
CA CYS D 518 37.09 9.06 20.41
C CYS D 518 37.49 10.23 21.30
N ARG D 519 36.77 11.35 21.21
CA ARG D 519 37.12 12.54 21.98
C ARG D 519 36.79 12.41 23.46
N ARG D 520 36.09 11.35 23.86
CA ARG D 520 35.73 11.18 25.26
C ARG D 520 36.97 11.05 26.13
N GLY D 521 36.97 11.77 27.25
CA GLY D 521 38.09 11.74 28.17
C GLY D 521 38.84 13.06 28.25
N SER D 526 39.16 17.38 34.59
CA SER D 526 38.30 16.44 33.87
C SER D 526 36.84 16.63 34.26
N HIS D 527 36.59 16.78 35.56
CA HIS D 527 35.24 17.00 36.06
C HIS D 527 35.14 18.26 36.93
N VAL D 528 36.23 19.01 37.08
CA VAL D 528 36.22 20.25 37.84
C VAL D 528 36.28 21.48 36.95
N PHE D 529 37.07 21.42 35.88
CA PHE D 529 37.22 22.55 34.97
C PHE D 529 36.40 22.33 33.71
N GLY D 530 35.90 23.44 33.16
CA GLY D 530 35.28 23.43 31.85
C GLY D 530 33.80 23.09 31.87
N THR D 531 33.22 23.13 30.69
CA THR D 531 31.82 22.82 30.47
C THR D 531 31.59 21.31 30.49
N TYR D 532 30.41 20.90 30.96
CA TYR D 532 30.04 19.50 31.03
C TYR D 532 30.11 18.85 29.65
N GLU D 533 30.63 17.62 29.60
CA GLU D 533 30.75 16.90 28.35
C GLU D 533 29.39 16.45 27.85
N CYS D 534 29.29 16.27 26.53
CA CYS D 534 28.03 15.98 25.86
C CYS D 534 28.20 14.84 24.86
N THR D 535 28.86 13.76 25.27
CA THR D 535 29.24 12.71 24.33
C THR D 535 28.02 11.99 23.76
N LEU D 536 27.10 11.58 24.64
CA LEU D 536 25.96 10.79 24.18
C LEU D 536 25.03 11.59 23.28
N LEU D 537 24.88 12.88 23.55
CA LEU D 537 23.99 13.68 22.72
C LEU D 537 24.60 13.99 21.36
N ASP D 538 25.92 14.18 21.30
CA ASP D 538 26.57 14.30 20.00
C ASP D 538 26.49 13.00 19.21
N VAL D 539 26.60 11.86 19.90
CA VAL D 539 26.38 10.58 19.25
C VAL D 539 24.97 10.50 18.69
N THR D 540 23.99 10.99 19.45
CA THR D 540 22.61 11.02 18.98
C THR D 540 22.45 11.89 17.75
N ILE D 541 23.11 13.06 17.74
CA ILE D 541 23.04 13.96 16.59
C ILE D 541 23.62 13.28 15.35
N GLY D 542 24.77 12.62 15.49
CA GLY D 542 25.33 11.89 14.36
C GLY D 542 24.42 10.76 13.88
N VAL D 543 23.81 10.05 14.83
CA VAL D 543 22.90 8.97 14.49
C VAL D 543 21.73 9.52 13.68
N PHE D 544 21.21 10.68 14.07
CA PHE D 544 20.07 11.25 13.35
C PHE D 544 20.49 11.86 12.02
N MET D 545 21.74 12.29 11.86
CA MET D 545 22.20 12.69 10.55
C MET D 545 22.24 11.49 9.60
N VAL D 546 22.73 10.35 10.09
CA VAL D 546 22.70 9.12 9.29
C VAL D 546 21.27 8.71 8.97
N LEU D 547 20.38 8.82 9.95
CA LEU D 547 18.97 8.50 9.72
C LEU D 547 18.36 9.43 8.69
N GLN D 548 18.75 10.71 8.71
CA GLN D 548 18.26 11.66 7.71
C GLN D 548 18.70 11.25 6.32
N SER D 549 19.96 10.84 6.18
CA SER D 549 20.43 10.36 4.89
C SER D 549 19.61 9.16 4.42
N ILE D 550 19.37 8.20 5.32
CA ILE D 550 18.63 7.00 4.95
C ILE D 550 17.21 7.35 4.54
N ALA D 551 16.55 8.20 5.33
CA ALA D 551 15.15 8.53 5.08
C ALA D 551 14.98 9.34 3.79
N SER D 552 15.89 10.28 3.53
CA SER D 552 15.80 11.07 2.31
C SER D 552 16.13 10.23 1.08
N ALA D 553 17.07 9.28 1.20
CA ALA D 553 17.35 8.38 0.09
C ALA D 553 16.16 7.46 -0.17
N THR D 554 15.50 7.00 0.89
CA THR D 554 14.32 6.16 0.71
C THR D 554 13.17 6.93 0.07
N TYR D 555 12.99 8.19 0.47
CA TYR D 555 11.87 8.98 -0.05
C TYR D 555 11.98 9.17 -1.56
N HIS D 556 13.21 9.31 -2.07
CA HIS D 556 13.41 9.66 -3.47
C HIS D 556 13.39 8.45 -4.39
N ILE D 557 13.19 7.25 -3.86
CA ILE D 557 12.93 6.09 -4.72
C ILE D 557 11.59 6.25 -5.42
N CYS D 558 10.57 6.70 -4.69
CA CYS D 558 9.23 6.90 -5.26
C CYS D 558 8.50 7.94 -4.42
N PRO D 559 8.64 9.22 -4.76
CA PRO D 559 7.90 10.26 -4.03
C PRO D 559 6.42 10.23 -4.34
N SER D 560 5.59 10.06 -3.31
CA SER D 560 4.15 9.97 -3.50
C SER D 560 3.45 10.56 -2.28
N ASP D 561 2.12 10.48 -2.27
CA ASP D 561 1.31 10.96 -1.15
C ASP D 561 1.07 9.77 -0.21
N VAL D 562 1.82 9.74 0.89
CA VAL D 562 1.71 8.67 1.86
C VAL D 562 1.43 9.26 3.24
N ALA D 563 1.16 8.39 4.22
CA ALA D 563 0.82 8.87 5.55
C ALA D 563 1.97 9.64 6.18
N PHE D 564 3.20 9.16 6.01
CA PHE D 564 4.38 9.78 6.59
C PHE D 564 5.31 10.18 5.46
N GLN D 565 5.50 11.50 5.29
CA GLN D 565 6.37 11.99 4.21
C GLN D 565 7.83 11.64 4.50
N PHE D 566 8.34 12.05 5.64
CA PHE D 566 9.66 11.64 6.14
C PHE D 566 10.79 12.08 5.20
N ASP D 567 10.63 13.24 4.58
CA ASP D 567 11.71 13.80 3.78
C ASP D 567 12.69 14.61 4.62
N THR D 568 12.19 15.48 5.51
CA THR D 568 13.07 16.27 6.36
C THR D 568 12.65 16.40 7.83
N PRO D 569 12.14 15.35 8.51
CA PRO D 569 11.87 15.50 9.95
C PRO D 569 13.11 15.29 10.80
N CYS D 570 14.06 14.51 10.28
CA CYS D 570 15.31 14.29 11.01
C CYS D 570 16.12 15.57 11.13
N ILE D 571 16.00 16.47 10.14
CA ILE D 571 16.63 17.78 10.28
C ILE D 571 16.01 18.57 11.42
N GLN D 572 14.68 18.47 11.56
CA GLN D 572 14.00 19.09 12.70
C GLN D 572 14.51 18.51 14.02
N VAL D 573 14.68 17.19 14.06
CA VAL D 573 15.20 16.54 15.26
C VAL D 573 16.62 17.03 15.56
N ILE D 574 17.45 17.18 14.53
CA ILE D 574 18.82 17.64 14.74
C ILE D 574 18.83 19.06 15.30
N CYS D 575 17.97 19.93 14.75
CA CYS D 575 17.87 21.28 15.27
C CYS D 575 17.42 21.30 16.73
N GLY D 576 16.41 20.49 17.06
CA GLY D 576 15.97 20.41 18.44
C GLY D 576 17.05 19.87 19.37
N LEU D 577 17.84 18.90 18.88
CA LEU D 577 18.90 18.35 19.71
C LEU D 577 20.01 19.36 19.94
N LEU D 578 20.32 20.18 18.94
CA LEU D 578 21.29 21.27 19.14
C LEU D 578 20.77 22.26 20.17
N MET D 579 19.47 22.59 20.08
CA MET D 579 18.87 23.49 21.07
C MET D 579 18.97 22.90 22.47
N VAL D 580 18.69 21.59 22.60
CA VAL D 580 18.77 20.92 23.90
C VAL D 580 20.20 20.95 24.43
N ARG D 581 21.17 20.68 23.56
CA ARG D 581 22.57 20.72 23.94
C ARG D 581 22.94 22.08 24.52
N GLN D 582 22.63 23.15 23.78
CA GLN D 582 22.98 24.48 24.29
C GLN D 582 22.16 24.87 25.51
N TRP D 583 20.98 24.26 25.68
CA TRP D 583 20.16 24.55 26.86
C TRP D 583 20.78 23.94 28.12
N PHE D 584 21.24 22.69 28.04
CA PHE D 584 21.67 21.97 29.23
C PHE D 584 23.19 21.92 29.40
N VAL D 585 23.95 22.69 28.62
CA VAL D 585 25.39 22.47 28.57
C VAL D 585 26.08 23.03 29.82
N ARG D 586 25.47 24.00 30.48
CA ARG D 586 26.10 24.65 31.62
C ARG D 586 25.49 24.26 32.96
N HIS D 587 24.58 23.29 32.99
CA HIS D 587 24.02 22.77 34.23
C HIS D 587 24.39 21.32 34.47
N GLU D 588 24.46 20.52 33.42
CA GLU D 588 24.68 19.08 33.53
C GLU D 588 25.11 18.55 32.17
N SER D 589 25.17 17.23 32.07
CA SER D 589 25.38 16.59 30.78
C SER D 589 24.03 16.32 30.13
N PRO D 590 23.77 16.80 28.91
CA PRO D 590 22.46 16.59 28.29
C PRO D 590 22.16 15.11 28.11
N SER D 591 20.88 14.75 28.31
CA SER D 591 20.45 13.37 28.22
C SER D 591 19.64 13.13 26.94
N PRO D 592 19.71 11.91 26.40
CA PRO D 592 18.97 11.61 25.16
C PRO D 592 17.52 11.18 25.38
N ALA D 593 16.91 11.48 26.53
CA ALA D 593 15.46 11.31 26.69
C ALA D 593 14.68 12.51 26.15
N TYR D 594 15.31 13.69 26.18
CA TYR D 594 14.78 14.80 25.41
C TYR D 594 14.67 14.44 23.94
N THR D 595 15.54 13.54 23.46
CA THR D 595 15.39 13.00 22.11
C THR D 595 14.07 12.24 21.97
N ASN D 596 13.70 11.46 22.98
CA ASN D 596 12.45 10.72 22.93
C ASN D 596 11.26 11.67 22.78
N ILE D 597 11.19 12.66 23.68
CA ILE D 597 10.03 13.56 23.63
C ILE D 597 10.03 14.37 22.34
N LEU D 598 11.22 14.83 21.90
CA LEU D 598 11.32 15.60 20.67
C LEU D 598 10.89 14.78 19.46
N LEU D 599 11.31 13.51 19.39
CA LEU D 599 10.95 12.68 18.25
C LEU D 599 9.46 12.39 18.24
N VAL D 600 8.87 12.14 19.41
CA VAL D 600 7.43 11.93 19.45
C VAL D 600 6.70 13.16 18.94
N GLY D 601 7.11 14.34 19.39
CA GLY D 601 6.47 15.56 18.92
C GLY D 601 6.63 15.78 17.43
N VAL D 602 7.83 15.54 16.90
CA VAL D 602 8.10 15.77 15.49
C VAL D 602 7.28 14.82 14.62
N VAL D 603 7.24 13.54 14.99
CA VAL D 603 6.48 12.56 14.23
C VAL D 603 4.99 12.87 14.30
N SER D 604 4.50 13.27 15.48
CA SER D 604 3.08 13.62 15.60
C SER D 604 2.74 14.83 14.73
N LEU D 605 3.61 15.85 14.73
CA LEU D 605 3.37 17.02 13.90
C LEU D 605 3.38 16.66 12.41
N ASN D 606 4.32 15.82 12.00
CA ASN D 606 4.38 15.40 10.60
C ASN D 606 3.10 14.68 10.20
N PHE D 607 2.65 13.72 11.01
CA PHE D 607 1.43 13.00 10.69
C PHE D 607 0.22 13.92 10.67
N LEU D 608 0.13 14.85 11.63
CA LEU D 608 -1.02 15.74 11.69
C LEU D 608 -1.06 16.66 10.47
N ILE D 609 0.10 17.18 10.05
CA ILE D 609 0.13 18.02 8.86
C ILE D 609 -0.23 17.21 7.62
N SER D 610 0.20 15.95 7.56
CA SER D 610 -0.12 15.11 6.41
C SER D 610 -1.62 14.80 6.35
N ALA D 611 -2.24 14.57 7.51
CA ALA D 611 -3.63 14.11 7.53
C ALA D 611 -4.61 15.24 7.21
N PHE D 612 -4.26 16.48 7.56
CA PHE D 612 -5.15 17.62 7.36
C PHE D 612 -4.73 18.49 6.17
N SER D 613 -3.91 17.95 5.27
CA SER D 613 -3.39 18.76 4.18
C SER D 613 -4.48 19.18 3.20
N LYS D 614 -5.51 18.35 3.04
CA LYS D 614 -6.56 18.65 2.07
C LYS D 614 -7.53 19.71 2.57
N THR D 615 -7.58 19.98 3.87
CA THR D 615 -8.51 20.96 4.40
C THR D 615 -7.97 22.38 4.21
N SER D 616 -8.73 23.35 4.71
CA SER D 616 -8.39 24.76 4.60
C SER D 616 -8.00 25.37 5.94
N TYR D 617 -7.89 24.57 6.99
CA TYR D 617 -7.56 25.08 8.33
C TYR D 617 -6.34 24.40 8.91
N VAL D 618 -5.53 23.73 8.09
CA VAL D 618 -4.36 23.02 8.59
C VAL D 618 -3.33 24.01 9.13
N ARG D 619 -3.14 25.13 8.41
CA ARG D 619 -2.17 26.13 8.86
C ARG D 619 -2.57 26.75 10.19
N PHE D 620 -3.87 26.85 10.47
CA PHE D 620 -4.30 27.37 11.76
C PHE D 620 -3.96 26.40 12.89
N ILE D 621 -4.13 25.10 12.65
CA ILE D 621 -3.71 24.10 13.63
C ILE D 621 -2.20 24.17 13.85
N ILE D 622 -1.44 24.33 12.76
CA ILE D 622 0.00 24.47 12.86
C ILE D 622 0.36 25.69 13.71
N ALA D 623 -0.32 26.82 13.47
CA ALA D 623 -0.04 28.03 14.22
C ALA D 623 -0.37 27.88 15.69
N VAL D 624 -1.48 27.21 16.01
CA VAL D 624 -1.85 27.00 17.42
C VAL D 624 -0.81 26.14 18.11
N ILE D 625 -0.40 25.04 17.48
CA ILE D 625 0.63 24.18 18.06
C ILE D 625 1.94 24.94 18.22
N HIS D 626 2.30 25.74 17.22
CA HIS D 626 3.53 26.52 17.27
C HIS D 626 3.51 27.51 18.43
N VAL D 627 2.38 28.20 18.61
CA VAL D 627 2.27 29.15 19.72
C VAL D 627 2.37 28.42 21.05
N ILE D 628 1.73 27.26 21.18
CA ILE D 628 1.78 26.50 22.43
C ILE D 628 3.22 26.10 22.75
N VAL D 629 3.94 25.59 21.75
CA VAL D 629 5.31 25.13 21.96
C VAL D 629 6.22 26.29 22.35
N VAL D 630 6.07 27.43 21.66
CA VAL D 630 6.90 28.59 21.97
C VAL D 630 6.61 29.10 23.37
N GLY D 631 5.33 29.16 23.75
CA GLY D 631 4.99 29.59 25.10
C GLY D 631 5.54 28.66 26.15
N SER D 632 5.48 27.34 25.91
CA SER D 632 6.05 26.39 26.85
C SER D 632 7.56 26.58 26.99
N ILE D 633 8.25 26.80 25.87
CA ILE D 633 9.70 27.02 25.93
C ILE D 633 10.02 28.29 26.72
N CYS D 634 9.28 29.37 26.46
CA CYS D 634 9.52 30.62 27.16
C CYS D 634 9.25 30.48 28.66
N LEU D 635 8.18 29.78 29.01
CA LEU D 635 7.87 29.57 30.42
C LEU D 635 8.94 28.72 31.10
N ALA D 636 9.44 27.69 30.41
CA ALA D 636 10.51 26.87 30.98
C ALA D 636 11.78 27.70 31.18
N LYS D 637 12.10 28.57 30.23
CA LYS D 637 13.24 29.46 30.40
C LYS D 637 13.05 30.36 31.62
N GLU D 638 11.87 30.94 31.76
CA GLU D 638 11.59 31.83 32.89
C GLU D 638 11.73 31.10 34.22
N ARG D 639 11.23 29.86 34.28
CA ARG D 639 11.32 29.10 35.51
C ARG D 639 12.75 28.68 35.81
N SER D 640 13.50 28.24 34.79
CA SER D 640 14.84 27.72 35.02
C SER D 640 15.81 28.83 35.40
N LEU D 641 15.79 29.94 34.68
CA LEU D 641 16.79 30.97 34.89
C LEU D 641 16.37 32.03 35.91
N GLY D 642 15.07 32.27 36.05
CA GLY D 642 14.58 33.31 36.91
C GLY D 642 14.30 34.61 36.16
N SER D 643 13.56 35.49 36.82
CA SER D 643 13.11 36.72 36.17
C SER D 643 14.10 37.87 36.36
N GLU D 644 15.30 37.74 35.80
CA GLU D 644 16.23 38.87 35.74
C GLU D 644 15.93 39.68 34.49
N LYS D 645 16.15 41.00 34.57
CA LYS D 645 15.80 41.91 33.49
C LYS D 645 16.57 41.60 32.20
N LEU D 646 17.89 41.46 32.30
CA LEU D 646 18.72 41.39 31.10
C LEU D 646 18.59 40.03 30.40
N LYS D 647 18.58 38.95 31.18
CA LYS D 647 18.73 37.62 30.59
C LYS D 647 17.41 37.13 29.98
N THR D 648 16.39 36.95 30.82
CA THR D 648 15.21 36.19 30.39
C THR D 648 14.22 37.07 29.65
N ARG D 649 14.10 38.34 30.04
CA ARG D 649 13.10 39.21 29.43
C ARG D 649 13.37 39.40 27.94
N PHE D 650 14.61 39.73 27.58
CA PHE D 650 14.93 39.93 26.17
C PHE D 650 14.89 38.62 25.41
N PHE D 651 15.26 37.51 26.04
CA PHE D 651 15.12 36.21 25.39
C PHE D 651 13.67 35.93 25.02
N ILE D 652 12.76 36.11 25.97
CA ILE D 652 11.35 35.86 25.70
C ILE D 652 10.83 36.82 24.64
N MET D 653 11.22 38.09 24.73
CA MET D 653 10.76 39.08 23.75
C MET D 653 11.22 38.70 22.34
N ALA D 654 12.51 38.43 22.16
CA ALA D 654 13.03 38.11 20.84
C ALA D 654 12.44 36.81 20.30
N PHE D 655 12.34 35.78 21.15
CA PHE D 655 11.79 34.51 20.70
C PHE D 655 10.33 34.67 20.27
N SER D 656 9.53 35.37 21.08
CA SER D 656 8.13 35.56 20.74
C SER D 656 7.98 36.38 19.46
N MET D 657 8.76 37.45 19.31
CA MET D 657 8.67 38.27 18.10
C MET D 657 9.05 37.48 16.87
N GLY D 658 10.13 36.70 16.94
CA GLY D 658 10.56 35.93 15.78
C GLY D 658 9.54 34.87 15.40
N ASN D 659 9.00 34.16 16.39
CA ASN D 659 8.04 33.11 16.08
C ASN D 659 6.71 33.70 15.60
N PHE D 660 6.30 34.84 16.16
CA PHE D 660 5.09 35.50 15.66
C PHE D 660 5.28 35.98 14.23
N ALA D 661 6.46 36.52 13.91
CA ALA D 661 6.74 36.91 12.53
C ALA D 661 6.70 35.72 11.59
N ALA D 662 7.25 34.59 12.02
CA ALA D 662 7.20 33.39 11.20
C ALA D 662 5.76 32.92 10.98
N ILE D 663 4.95 32.93 12.04
CA ILE D 663 3.57 32.48 11.94
C ILE D 663 2.77 33.38 11.02
N VAL D 664 2.98 34.70 11.14
CA VAL D 664 2.34 35.64 10.21
C VAL D 664 2.81 35.37 8.79
N MET D 665 4.08 35.03 8.63
CA MET D 665 4.64 34.78 7.30
C MET D 665 3.98 33.59 6.63
N TYR D 666 3.85 32.47 7.35
CA TYR D 666 3.29 31.30 6.66
C TYR D 666 1.78 31.21 6.76
N LEU D 667 1.12 32.15 7.43
CA LEU D 667 -0.34 32.14 7.46
C LEU D 667 -0.95 32.91 6.30
N THR D 668 -0.29 33.97 5.83
CA THR D 668 -0.85 34.89 4.84
C THR D 668 0.14 35.15 3.71
N LEU D 669 0.78 34.10 3.21
CA LEU D 669 1.64 34.32 2.05
C LEU D 669 1.35 33.37 0.90
N SER D 670 1.01 32.12 1.18
CA SER D 670 0.71 31.10 0.17
C SER D 670 1.95 30.72 -0.63
N ALA D 671 3.07 31.41 -0.41
CA ALA D 671 4.34 31.04 -1.01
C ALA D 671 5.08 29.97 -0.22
N PHE D 672 4.71 29.77 1.04
CA PHE D 672 5.28 28.70 1.86
C PHE D 672 4.39 27.47 1.74
N HIS D 673 4.96 26.37 1.26
CA HIS D 673 4.20 25.14 1.10
C HIS D 673 4.06 24.43 2.43
N LEU D 674 3.12 23.48 2.47
CA LEU D 674 2.83 22.78 3.72
C LEU D 674 4.02 21.97 4.22
N ASN D 675 4.75 21.33 3.31
CA ASN D 675 5.83 20.44 3.70
C ASN D 675 7.10 21.17 4.12
N GLN D 676 7.13 22.50 4.05
CA GLN D 676 8.31 23.27 4.40
C GLN D 676 8.18 24.04 5.71
N ILE D 677 6.96 24.21 6.23
CA ILE D 677 6.73 25.10 7.37
C ILE D 677 7.46 24.60 8.60
N ALA D 678 7.30 23.31 8.93
CA ALA D 678 7.88 22.77 10.14
C ALA D 678 9.40 22.81 10.10
N THR D 679 9.99 22.44 8.97
CA THR D 679 11.44 22.48 8.83
C THR D 679 11.95 23.92 8.95
N TYR D 680 11.28 24.87 8.32
CA TYR D 680 11.71 26.26 8.41
C TYR D 680 11.64 26.77 9.84
N CYS D 681 10.55 26.43 10.55
CA CYS D 681 10.40 26.89 11.93
C CYS D 681 11.48 26.30 12.83
N PHE D 682 11.76 25.01 12.67
CA PHE D 682 12.80 24.38 13.49
C PHE D 682 14.17 24.98 13.21
N ILE D 683 14.49 25.20 11.93
CA ILE D 683 15.78 25.79 11.58
C ILE D 683 15.91 27.19 12.16
N ILE D 684 14.86 27.99 12.01
CA ILE D 684 14.90 29.37 12.50
C ILE D 684 15.06 29.41 14.00
N ASN D 685 14.34 28.53 14.72
CA ASN D 685 14.44 28.53 16.18
C ASN D 685 15.83 28.08 16.63
N CYS D 686 16.39 27.06 15.97
CA CYS D 686 17.75 26.63 16.32
C CYS D 686 18.76 27.75 16.10
N ILE D 687 18.65 28.45 14.96
CA ILE D 687 19.59 29.53 14.68
C ILE D 687 19.43 30.67 15.68
N MET D 688 18.18 31.02 16.01
CA MET D 688 17.95 32.09 16.97
C MET D 688 18.52 31.74 18.34
N TYR D 689 18.33 30.49 18.78
CA TYR D 689 18.84 30.14 20.10
C TYR D 689 20.37 30.09 20.11
N LEU D 690 20.98 29.63 19.01
CA LEU D 690 22.44 29.65 18.94
C LEU D 690 22.99 31.07 18.94
N MET D 691 22.35 31.98 18.21
CA MET D 691 22.76 33.38 18.24
C MET D 691 22.59 33.97 19.64
N TYR D 692 21.51 33.60 20.32
CA TYR D 692 21.30 34.08 21.68
C TYR D 692 22.40 33.58 22.62
N TYR D 693 22.78 32.30 22.47
CA TYR D 693 23.87 31.76 23.29
C TYR D 693 25.17 32.49 23.02
N GLY D 694 25.48 32.77 21.76
CA GLY D 694 26.69 33.52 21.45
C GLY D 694 26.66 34.93 22.02
N CYS D 695 25.52 35.61 21.89
CA CYS D 695 25.40 36.95 22.43
C CYS D 695 25.54 36.95 23.95
N MET D 696 25.00 35.92 24.61
CA MET D 696 25.15 35.82 26.06
C MET D 696 26.61 35.58 26.45
N LYS D 697 27.32 34.77 25.67
CA LYS D 697 28.75 34.58 25.92
C LYS D 697 29.50 35.90 25.78
N VAL D 698 29.21 36.66 24.73
CA VAL D 698 29.91 37.92 24.50
C VAL D 698 29.59 38.93 25.62
N LEU D 699 28.31 39.03 25.98
CA LEU D 699 27.85 40.00 26.97
C LEU D 699 28.36 39.69 28.38
N HIS D 700 28.66 38.43 28.68
CA HIS D 700 29.13 38.05 30.01
C HIS D 700 30.65 38.16 30.14
N SER D 701 31.27 39.03 29.33
CA SER D 701 32.71 39.28 29.39
C SER D 701 33.52 38.01 29.13
N GLU D 702 33.03 37.17 28.24
CA GLU D 702 33.77 36.00 27.77
C GLU D 702 34.28 36.26 26.36
N ARG D 703 35.17 35.39 25.91
CA ARG D 703 35.83 35.52 24.62
C ARG D 703 35.45 34.36 23.73
N ILE D 704 35.02 34.66 22.51
CA ILE D 704 34.77 33.64 21.50
C ILE D 704 35.95 33.59 20.55
N THR D 705 36.53 32.40 20.39
CA THR D 705 37.71 32.26 19.54
C THR D 705 37.36 32.57 18.09
N SER D 706 38.35 33.09 17.36
CA SER D 706 38.14 33.41 15.95
C SER D 706 37.77 32.16 15.16
N LYS D 707 38.25 31.00 15.57
CA LYS D 707 37.85 29.75 14.95
C LYS D 707 36.35 29.50 15.12
N ALA D 708 35.83 29.76 16.33
CA ALA D 708 34.41 29.61 16.57
C ALA D 708 33.60 30.64 15.80
N LYS D 709 34.12 31.87 15.67
CA LYS D 709 33.47 32.87 14.86
C LYS D 709 33.39 32.44 13.40
N LEU D 710 34.48 31.86 12.88
CA LEU D 710 34.49 31.38 11.51
C LEU D 710 33.49 30.25 11.32
N CYS D 711 33.44 29.32 12.28
CA CYS D 711 32.47 28.23 12.21
C CYS D 711 31.04 28.73 12.24
N GLY D 712 30.75 29.71 13.09
CA GLY D 712 29.41 30.27 13.14
C GLY D 712 29.02 31.01 11.87
N ALA D 713 29.95 31.79 11.31
CA ALA D 713 29.67 32.48 10.06
C ALA D 713 29.43 31.50 8.94
N LEU D 714 30.23 30.44 8.85
CA LEU D 714 30.01 29.42 7.84
C LEU D 714 28.67 28.72 8.03
N SER D 715 28.29 28.46 9.29
CA SER D 715 27.00 27.84 9.54
C SER D 715 25.86 28.73 9.08
N LEU D 716 25.94 30.03 9.39
CA LEU D 716 24.88 30.95 8.95
C LEU D 716 24.79 31.00 7.43
N LEU D 717 25.94 31.10 6.75
CA LEU D 717 25.93 31.18 5.30
C LEU D 717 25.37 29.90 4.69
N ALA D 718 25.79 28.74 5.21
CA ALA D 718 25.29 27.47 4.68
C ALA D 718 23.80 27.32 4.92
N TRP D 719 23.31 27.73 6.08
CA TRP D 719 21.88 27.65 6.34
C TRP D 719 21.10 28.55 5.40
N ALA D 720 21.60 29.75 5.14
CA ALA D 720 20.93 30.64 4.20
C ALA D 720 20.87 30.03 2.80
N VAL D 721 21.98 29.46 2.33
CA VAL D 721 21.99 28.85 1.00
C VAL D 721 21.06 27.65 0.93
N ALA D 722 21.09 26.82 1.98
CA ALA D 722 20.21 25.65 2.01
C ALA D 722 18.74 26.05 2.02
N GLY D 723 18.40 27.10 2.77
CA GLY D 723 17.03 27.57 2.76
C GLY D 723 16.60 28.13 1.42
N PHE D 724 17.50 28.86 0.76
CA PHE D 724 17.21 29.36 -0.58
C PHE D 724 16.92 28.22 -1.54
N PHE D 725 17.71 27.16 -1.49
CA PHE D 725 17.49 26.05 -2.41
C PHE D 725 16.29 25.19 -1.98
N PHE D 726 15.96 25.19 -0.69
CA PHE D 726 14.78 24.48 -0.21
C PHE D 726 13.50 25.16 -0.64
N PHE D 727 13.52 26.49 -0.73
CA PHE D 727 12.32 27.21 -1.15
C PHE D 727 11.89 26.88 -2.57
N GLN D 728 12.79 26.44 -3.43
CA GLN D 728 12.45 26.14 -4.82
C GLN D 728 11.83 24.77 -5.00
N ASP D 729 11.34 24.14 -3.93
CA ASP D 729 10.83 22.77 -4.03
C ASP D 729 9.55 22.72 -4.86
N ASP D 730 8.50 23.42 -4.40
CA ASP D 730 7.21 23.47 -5.07
C ASP D 730 6.60 22.07 -5.19
N THR D 731 6.37 21.46 -4.02
CA THR D 731 5.73 20.16 -3.91
C THR D 731 4.38 20.33 -3.22
N ASP D 732 3.34 19.79 -3.83
CA ASP D 732 1.98 19.96 -3.31
C ASP D 732 1.17 18.73 -3.71
N TRP D 733 0.81 17.91 -2.73
CA TRP D 733 0.06 16.69 -2.98
C TRP D 733 -1.45 16.91 -3.05
N THR D 734 -1.91 18.15 -2.85
CA THR D 734 -3.33 18.43 -2.96
C THR D 734 -3.79 18.65 -4.40
N ARG D 735 -2.86 18.85 -5.33
CA ARG D 735 -3.24 19.05 -6.71
C ARG D 735 -3.27 17.72 -7.47
N SER D 736 -3.78 17.77 -8.69
CA SER D 736 -3.98 16.57 -9.49
C SER D 736 -2.64 16.00 -9.97
N ALA D 737 -2.70 14.75 -10.43
CA ALA D 737 -1.50 14.09 -10.93
C ALA D 737 -0.91 14.81 -12.13
N ALA D 738 -1.77 15.30 -13.03
CA ALA D 738 -1.29 16.05 -14.19
C ALA D 738 -0.58 17.34 -13.76
N ALA D 739 -1.15 18.04 -12.78
CA ALA D 739 -0.53 19.27 -12.28
C ALA D 739 0.82 18.97 -11.65
N SER D 740 0.93 17.85 -10.94
CA SER D 740 2.22 17.42 -10.41
C SER D 740 3.21 17.10 -11.53
N ARG D 741 2.75 16.38 -12.56
CA ARG D 741 3.61 15.97 -13.66
C ARG D 741 4.05 17.14 -14.52
N ALA D 742 3.38 18.28 -14.44
CA ALA D 742 3.74 19.45 -15.24
C ALA D 742 4.91 20.24 -14.67
N LEU D 743 5.72 19.68 -13.77
CA LEU D 743 6.87 20.41 -13.25
C LEU D 743 8.06 20.24 -14.18
N ASN D 744 8.74 21.34 -14.50
CA ASN D 744 9.76 21.39 -15.54
C ASN D 744 10.97 22.20 -15.07
N LYS D 745 11.48 21.90 -13.90
CA LYS D 745 12.69 22.57 -13.41
C LYS D 745 13.92 21.80 -13.85
N PRO D 746 14.80 22.38 -14.67
CA PRO D 746 15.95 21.64 -15.18
C PRO D 746 17.11 21.66 -14.18
N CYS D 747 18.11 20.83 -14.49
CA CYS D 747 19.29 20.73 -13.64
C CYS D 747 20.10 22.02 -13.72
N LEU D 748 20.77 22.36 -12.63
CA LEU D 748 21.52 23.62 -12.57
C LEU D 748 22.99 23.42 -12.92
N LEU D 749 23.59 22.33 -12.46
CA LEU D 749 25.04 22.13 -12.57
C LEU D 749 25.33 20.79 -13.22
N LEU D 750 26.13 20.82 -14.29
CA LEU D 750 26.65 19.63 -14.95
C LEU D 750 25.54 18.71 -15.45
N GLY D 751 24.34 19.23 -15.63
CA GLY D 751 23.21 18.38 -16.02
C GLY D 751 22.91 17.28 -15.02
N PHE D 752 23.32 17.44 -13.78
CA PHE D 752 23.16 16.43 -12.74
C PHE D 752 22.58 16.98 -11.45
N PHE D 753 22.96 18.19 -11.06
CA PHE D 753 22.55 18.78 -9.79
C PHE D 753 21.46 19.80 -10.01
N GLY D 754 20.30 19.58 -9.40
CA GLY D 754 19.22 20.54 -9.39
C GLY D 754 19.14 21.31 -8.11
N SER D 755 18.02 22.01 -7.92
CA SER D 755 17.80 22.76 -6.69
C SER D 755 17.71 21.84 -5.48
N HIS D 756 17.06 20.69 -5.65
CA HIS D 756 16.87 19.77 -4.52
C HIS D 756 18.17 19.09 -4.12
N ASP D 757 19.00 18.73 -5.10
CA ASP D 757 20.30 18.14 -4.79
C ASP D 757 21.18 19.13 -4.03
N LEU D 758 21.19 20.39 -4.49
CA LEU D 758 21.93 21.42 -3.78
C LEU D 758 21.37 21.66 -2.39
N TRP D 759 20.05 21.54 -2.23
CA TRP D 759 19.46 21.63 -0.89
C TRP D 759 19.97 20.52 0.01
N HIS D 760 20.05 19.28 -0.50
CA HIS D 760 20.61 18.18 0.28
C HIS D 760 22.05 18.47 0.69
N ILE D 761 22.88 18.85 -0.28
CA ILE D 761 24.30 19.05 -0.03
C ILE D 761 24.53 20.18 0.97
N PHE D 762 23.83 21.31 0.78
CA PHE D 762 24.06 22.45 1.64
C PHE D 762 23.41 22.28 3.01
N GLY D 763 22.33 21.50 3.11
CA GLY D 763 21.82 21.13 4.42
C GLY D 763 22.80 20.29 5.21
N ALA D 764 23.45 19.33 4.54
CA ALA D 764 24.50 18.56 5.19
C ALA D 764 25.65 19.47 5.64
N LEU D 765 26.07 20.38 4.78
CA LEU D 765 27.15 21.30 5.13
C LEU D 765 26.76 22.18 6.33
N ALA D 766 25.53 22.67 6.34
CA ALA D 766 25.07 23.51 7.44
C ALA D 766 25.03 22.74 8.75
N GLY D 767 24.56 21.49 8.70
CA GLY D 767 24.60 20.65 9.90
C GLY D 767 26.01 20.46 10.42
N LEU D 768 26.95 20.20 9.50
CA LEU D 768 28.34 20.02 9.89
C LEU D 768 28.90 21.27 10.55
N PHE D 769 28.68 22.44 9.95
CA PHE D 769 29.21 23.68 10.50
C PHE D 769 28.59 24.00 11.85
N THR D 770 27.29 23.77 12.00
CA THR D 770 26.64 24.01 13.30
C THR D 770 27.20 23.08 14.37
N PHE D 771 27.43 21.82 14.03
CA PHE D 771 28.00 20.88 15.00
C PHE D 771 29.41 21.32 15.41
N ILE D 772 30.23 21.74 14.45
CA ILE D 772 31.57 22.20 14.80
C ILE D 772 31.49 23.44 15.70
N PHE D 773 30.58 24.36 15.39
CA PHE D 773 30.45 25.56 16.19
C PHE D 773 30.05 25.24 17.63
N VAL D 774 29.07 24.36 17.81
CA VAL D 774 28.64 24.07 19.18
C VAL D 774 29.72 23.29 19.91
N SER D 775 30.50 22.47 19.19
CA SER D 775 31.60 21.77 19.83
C SER D 775 32.72 22.72 20.25
N PHE D 776 32.91 23.81 19.52
CA PHE D 776 34.12 24.62 19.69
C PHE D 776 33.87 25.96 20.37
N VAL D 777 32.61 26.35 20.58
CA VAL D 777 32.32 27.70 21.08
C VAL D 777 32.82 27.90 22.51
N ASP D 778 32.65 26.91 23.38
CA ASP D 778 33.00 27.04 24.79
C ASP D 778 34.45 26.66 25.08
N ASP D 779 35.31 26.70 24.06
CA ASP D 779 36.71 26.34 24.23
C ASP D 779 37.47 27.31 25.13
N ASP D 780 36.98 28.54 25.29
CA ASP D 780 37.64 29.53 26.15
C ASP D 780 37.43 29.24 27.64
N LEU D 781 36.52 28.34 27.99
CA LEU D 781 36.24 28.01 29.37
C LEU D 781 36.86 26.67 29.79
N ILE D 782 37.82 26.17 29.01
CA ILE D 782 38.36 24.83 29.26
C ILE D 782 39.03 24.75 30.63
N ASN D 783 39.71 25.81 31.06
CA ASN D 783 40.40 25.82 32.34
C ASN D 783 39.59 26.48 33.45
N THR D 784 38.48 27.13 33.13
CA THR D 784 37.68 27.80 34.13
C THR D 784 37.01 26.78 35.06
N ARG D 785 37.03 27.07 36.35
CA ARG D 785 36.46 26.18 37.35
C ARG D 785 34.95 26.09 37.15
N LYS D 786 34.40 24.88 37.36
CA LYS D 786 32.97 24.69 37.13
C LYS D 786 32.12 25.52 38.06
N THR D 787 32.66 25.91 39.23
CA THR D 787 31.90 26.74 40.16
C THR D 787 31.80 28.19 39.68
N SER D 788 32.79 28.67 38.94
CA SER D 788 32.82 30.04 38.47
C SER D 788 32.23 30.21 37.08
N ILE D 789 31.73 29.14 36.47
CA ILE D 789 31.14 29.22 35.14
C ILE D 789 29.77 29.88 35.24
N ASN D 790 29.54 30.91 34.43
CA ASN D 790 28.25 31.56 34.41
C ASN D 790 27.18 30.64 33.81
N ILE D 791 25.96 30.78 34.31
CA ILE D 791 24.83 29.97 33.86
C ILE D 791 23.90 30.86 33.05
N PHE D 792 23.57 30.41 31.84
CA PHE D 792 22.57 31.07 31.01
C PHE D 792 22.06 30.12 29.94
#